data_1WH9
#
_entry.id   1WH9
#
_entity_poly.entity_id   1
_entity_poly.type   'polypeptide(L)'
_entity_poly.pdbx_seq_one_letter_code
;GSSGSSGFKAELNEFLTRELAEDGYSGVEVRVTPTRTEIIILATRTQNVLGEKGRRIRELTAVVQKRFGFPEGSVELYAE
KVATRGSGPSSG
;
_entity_poly.pdbx_strand_id   A
#
# COMPACT_ATOMS: atom_id res chain seq x y z
N GLY A 1 -9.71 4.60 7.93
CA GLY A 1 -10.25 3.24 7.78
C GLY A 1 -10.02 2.41 9.03
N SER A 2 -10.63 1.23 9.13
CA SER A 2 -10.63 0.42 10.35
C SER A 2 -10.82 -1.07 10.01
N SER A 3 -10.39 -1.96 10.91
CA SER A 3 -10.44 -3.42 10.71
C SER A 3 -11.87 -3.94 10.86
N GLY A 4 -12.19 -5.03 10.17
CA GLY A 4 -13.49 -5.67 10.15
C GLY A 4 -13.62 -6.48 8.86
N SER A 5 -14.85 -6.82 8.50
CA SER A 5 -15.19 -7.29 7.16
C SER A 5 -14.74 -6.26 6.11
N SER A 6 -14.27 -6.73 4.95
CA SER A 6 -13.96 -5.93 3.76
C SER A 6 -13.31 -6.72 2.61
N GLY A 7 -12.93 -7.98 2.81
CA GLY A 7 -12.54 -8.87 1.73
C GLY A 7 -11.17 -8.53 1.16
N PHE A 8 -11.16 -7.68 0.13
CA PHE A 8 -9.98 -7.27 -0.64
C PHE A 8 -8.80 -6.91 0.25
N LYS A 9 -9.01 -6.07 1.26
CA LYS A 9 -7.92 -5.56 2.10
C LYS A 9 -7.13 -6.70 2.77
N ALA A 10 -7.76 -7.81 3.10
CA ALA A 10 -7.10 -8.93 3.74
C ALA A 10 -6.22 -9.70 2.75
N GLU A 11 -6.72 -9.94 1.54
CA GLU A 11 -5.95 -10.58 0.48
C GLU A 11 -4.74 -9.74 0.10
N LEU A 12 -4.97 -8.44 -0.08
CA LEU A 12 -3.95 -7.49 -0.48
C LEU A 12 -2.88 -7.36 0.61
N ASN A 13 -3.29 -7.37 1.90
CA ASN A 13 -2.34 -7.30 3.01
C ASN A 13 -1.49 -8.57 3.09
N GLU A 14 -2.12 -9.74 2.91
CA GLU A 14 -1.40 -11.02 2.77
C GLU A 14 -0.38 -10.96 1.63
N PHE A 15 -0.78 -10.43 0.47
CA PHE A 15 0.08 -10.29 -0.71
C PHE A 15 1.29 -9.43 -0.36
N LEU A 16 1.04 -8.17 0.03
CA LEU A 16 2.06 -7.16 0.28
C LEU A 16 3.00 -7.55 1.42
N THR A 17 2.52 -8.28 2.43
CA THR A 17 3.36 -8.77 3.51
C THR A 17 4.55 -9.56 2.95
N ARG A 18 4.30 -10.46 1.99
CA ARG A 18 5.37 -11.18 1.32
C ARG A 18 6.22 -10.22 0.49
N GLU A 19 5.59 -9.39 -0.33
CA GLU A 19 6.28 -8.52 -1.29
C GLU A 19 7.30 -7.62 -0.61
N LEU A 20 7.00 -7.15 0.60
CA LEU A 20 7.71 -6.09 1.29
C LEU A 20 8.26 -6.58 2.63
N ALA A 21 8.48 -7.90 2.73
CA ALA A 21 8.87 -8.60 3.94
C ALA A 21 10.07 -7.93 4.59
N GLU A 22 11.22 -7.90 3.91
CA GLU A 22 12.41 -7.24 4.44
C GLU A 22 12.33 -5.72 4.30
N ASP A 23 11.55 -5.18 3.36
CA ASP A 23 11.51 -3.73 3.08
C ASP A 23 11.10 -2.95 4.32
N GLY A 24 10.21 -3.51 5.12
CA GLY A 24 9.74 -2.89 6.36
C GLY A 24 8.24 -2.66 6.38
N TYR A 25 7.45 -3.56 5.79
CA TYR A 25 5.99 -3.47 5.75
C TYR A 25 5.37 -3.43 7.15
N SER A 26 4.08 -3.09 7.25
CA SER A 26 3.29 -3.12 8.46
C SER A 26 1.83 -3.44 8.14
N GLY A 27 1.30 -2.80 7.11
CA GLY A 27 -0.10 -2.92 6.74
C GLY A 27 -0.37 -1.98 5.58
N VAL A 28 -1.63 -1.80 5.25
CA VAL A 28 -2.09 -1.00 4.13
C VAL A 28 -3.40 -0.36 4.56
N GLU A 29 -3.75 0.75 3.94
CA GLU A 29 -5.07 1.36 3.94
C GLU A 29 -5.59 1.34 2.51
N VAL A 30 -6.90 1.44 2.37
CA VAL A 30 -7.58 1.46 1.09
C VAL A 30 -8.66 2.51 1.16
N ARG A 31 -8.98 3.13 0.03
CA ARG A 31 -10.20 3.91 -0.16
C ARG A 31 -10.79 3.45 -1.49
N VAL A 32 -12.10 3.63 -1.66
CA VAL A 32 -12.77 3.42 -2.93
C VAL A 32 -13.69 4.61 -3.05
N THR A 33 -13.57 5.36 -4.13
CA THR A 33 -14.18 6.65 -4.30
C THR A 33 -15.11 6.59 -5.52
N PRO A 34 -15.86 7.66 -5.85
CA PRO A 34 -16.54 7.74 -7.13
C PRO A 34 -15.56 7.98 -8.31
N THR A 35 -14.24 7.92 -8.09
CA THR A 35 -13.25 8.26 -9.09
C THR A 35 -12.26 7.11 -9.30
N ARG A 36 -11.74 6.48 -8.24
CA ARG A 36 -10.82 5.34 -8.33
C ARG A 36 -10.76 4.58 -7.00
N THR A 37 -10.08 3.44 -6.99
CA THR A 37 -9.60 2.83 -5.77
C THR A 37 -8.22 3.41 -5.47
N GLU A 38 -7.88 3.51 -4.18
CA GLU A 38 -6.62 4.05 -3.66
C GLU A 38 -6.06 2.99 -2.71
N ILE A 39 -4.76 2.76 -2.76
CA ILE A 39 -4.07 1.75 -1.96
C ILE A 39 -2.85 2.43 -1.35
N ILE A 40 -2.74 2.45 -0.01
CA ILE A 40 -1.77 3.22 0.73
C ILE A 40 -1.04 2.25 1.68
N ILE A 41 0.10 1.71 1.29
CA ILE A 41 0.92 0.86 2.18
C ILE A 41 1.41 1.72 3.35
N LEU A 42 1.67 1.08 4.49
CA LEU A 42 2.24 1.63 5.71
C LEU A 42 3.54 0.87 5.94
N ALA A 43 4.70 1.52 5.75
CA ALA A 43 5.99 0.87 5.93
C ALA A 43 7.01 1.79 6.63
N THR A 44 8.03 1.19 7.25
CA THR A 44 9.07 1.90 7.98
C THR A 44 9.90 2.79 7.05
N ARG A 45 10.11 2.39 5.79
CA ARG A 45 11.04 3.02 4.83
C ARG A 45 10.36 3.15 3.47
N THR A 46 9.56 4.21 3.27
CA THR A 46 8.80 4.42 2.04
C THR A 46 9.71 4.37 0.80
N GLN A 47 10.97 4.85 0.85
CA GLN A 47 11.84 4.83 -0.33
C GLN A 47 12.11 3.41 -0.84
N ASN A 48 12.23 2.41 0.06
CA ASN A 48 12.46 1.02 -0.37
C ASN A 48 11.21 0.52 -1.08
N VAL A 49 10.04 0.79 -0.52
CA VAL A 49 8.75 0.37 -1.06
C VAL A 49 8.49 1.05 -2.43
N LEU A 50 9.01 2.27 -2.65
CA LEU A 50 8.95 2.93 -3.94
C LEU A 50 9.96 2.32 -4.91
N GLY A 51 11.17 2.00 -4.43
CA GLY A 51 12.29 1.58 -5.23
C GLY A 51 12.94 2.76 -5.95
N GLU A 52 14.00 2.48 -6.72
CA GLU A 52 14.73 3.48 -7.48
C GLU A 52 13.77 4.21 -8.43
N LYS A 53 13.59 5.51 -8.17
CA LYS A 53 12.66 6.40 -8.85
C LYS A 53 11.31 5.73 -9.14
N GLY A 54 10.75 5.03 -8.14
CA GLY A 54 9.39 4.50 -8.25
C GLY A 54 9.32 3.12 -8.92
N ARG A 55 10.46 2.46 -9.17
CA ARG A 55 10.54 1.12 -9.75
C ARG A 55 9.52 0.16 -9.16
N ARG A 56 9.65 -0.10 -7.86
CA ARG A 56 8.94 -1.17 -7.19
C ARG A 56 7.46 -0.83 -7.14
N ILE A 57 7.08 0.42 -6.87
CA ILE A 57 5.67 0.79 -6.85
C ILE A 57 5.02 0.62 -8.23
N ARG A 58 5.72 0.99 -9.32
CA ARG A 58 5.21 0.78 -10.67
C ARG A 58 4.98 -0.72 -10.91
N GLU A 59 5.97 -1.56 -10.67
CA GLU A 59 5.82 -3.00 -10.82
C GLU A 59 4.70 -3.54 -9.93
N LEU A 60 4.66 -3.16 -8.66
CA LEU A 60 3.63 -3.60 -7.71
C LEU A 60 2.24 -3.14 -8.17
N THR A 61 2.12 -2.01 -8.87
CA THR A 61 0.88 -1.60 -9.50
C THR A 61 0.47 -2.65 -10.54
N ALA A 62 1.35 -3.03 -11.47
CA ALA A 62 1.05 -3.96 -12.55
C ALA A 62 0.64 -5.34 -12.03
N VAL A 63 1.42 -5.91 -11.10
CA VAL A 63 1.10 -7.20 -10.50
C VAL A 63 -0.25 -7.11 -9.79
N VAL A 64 -0.54 -6.07 -8.99
CA VAL A 64 -1.83 -5.89 -8.34
C VAL A 64 -2.94 -5.79 -9.38
N GLN A 65 -2.74 -4.99 -10.42
CA GLN A 65 -3.65 -4.86 -11.55
C GLN A 65 -4.00 -6.24 -12.12
N LYS A 66 -3.02 -7.12 -12.29
CA LYS A 66 -3.23 -8.47 -12.81
C LYS A 66 -3.94 -9.33 -11.78
N ARG A 67 -3.47 -9.36 -10.54
CA ARG A 67 -3.94 -10.25 -9.47
C ARG A 67 -5.38 -9.95 -9.12
N PHE A 68 -5.73 -8.67 -8.98
CA PHE A 68 -7.01 -8.20 -8.47
C PHE A 68 -7.92 -7.70 -9.60
N GLY A 69 -7.39 -7.49 -10.81
CA GLY A 69 -8.18 -7.20 -12.00
C GLY A 69 -8.51 -5.72 -12.19
N PHE A 70 -7.75 -4.82 -11.55
CA PHE A 70 -8.04 -3.40 -11.50
C PHE A 70 -8.02 -2.75 -12.90
N PRO A 71 -8.98 -1.85 -13.21
CA PRO A 71 -8.88 -0.97 -14.36
C PRO A 71 -7.76 0.06 -14.14
N GLU A 72 -7.03 0.36 -15.20
CA GLU A 72 -5.91 1.28 -15.17
C GLU A 72 -6.42 2.72 -15.10
N GLY A 73 -5.66 3.60 -14.42
CA GLY A 73 -6.10 4.94 -14.06
C GLY A 73 -7.16 4.95 -12.95
N SER A 74 -7.66 3.79 -12.56
CA SER A 74 -8.71 3.61 -11.57
C SER A 74 -8.23 2.73 -10.41
N VAL A 75 -6.95 2.40 -10.38
CA VAL A 75 -6.23 2.01 -9.19
C VAL A 75 -5.08 3.01 -9.04
N GLU A 76 -4.84 3.49 -7.83
CA GLU A 76 -3.70 4.32 -7.50
C GLU A 76 -3.00 3.69 -6.31
N LEU A 77 -1.67 3.72 -6.33
CA LEU A 77 -0.80 3.12 -5.34
C LEU A 77 0.06 4.23 -4.74
N TYR A 78 0.04 4.32 -3.41
CA TYR A 78 0.70 5.30 -2.58
C TYR A 78 1.49 4.58 -1.47
N ALA A 79 2.35 5.30 -0.76
CA ALA A 79 3.10 4.76 0.38
C ALA A 79 3.12 5.80 1.49
N GLU A 80 2.63 5.44 2.66
CA GLU A 80 2.66 6.24 3.88
C GLU A 80 3.75 5.65 4.75
N LYS A 81 4.28 6.50 5.63
CA LYS A 81 5.34 6.14 6.54
C LYS A 81 4.72 5.90 7.91
N VAL A 82 5.32 5.02 8.69
CA VAL A 82 4.84 4.72 10.03
C VAL A 82 5.37 5.80 10.97
N ALA A 83 4.54 6.16 11.94
CA ALA A 83 4.77 7.22 12.91
C ALA A 83 3.79 7.06 14.07
N THR A 84 4.26 7.28 15.29
CA THR A 84 3.44 7.08 16.48
C THR A 84 2.36 8.16 16.55
N ARG A 85 1.18 7.84 17.11
CA ARG A 85 0.34 8.89 17.68
C ARG A 85 1.10 9.46 18.89
N GLY A 86 0.81 10.70 19.28
CA GLY A 86 1.47 11.37 20.38
C GLY A 86 2.49 12.37 19.87
N SER A 87 3.23 12.97 20.80
CA SER A 87 4.21 14.02 20.59
C SER A 87 3.63 15.29 19.96
N GLY A 88 4.46 16.34 19.88
CA GLY A 88 4.06 17.65 19.39
C GLY A 88 4.52 17.87 17.94
N PRO A 89 4.19 19.04 17.38
CA PRO A 89 4.85 19.54 16.18
C PRO A 89 6.28 19.94 16.57
N SER A 90 6.41 21.01 17.34
CA SER A 90 7.64 21.46 17.96
C SER A 90 7.32 22.02 19.37
N SER A 91 6.13 22.62 19.55
CA SER A 91 5.73 23.31 20.78
C SER A 91 6.48 24.65 20.99
N GLY A 92 7.29 25.06 20.01
CA GLY A 92 7.96 26.35 19.90
C GLY A 92 8.35 26.52 18.44
N GLY A 1 -19.65 -11.08 11.94
CA GLY A 1 -18.43 -11.88 11.77
C GLY A 1 -18.66 -12.86 10.63
N SER A 2 -18.50 -14.14 10.93
CA SER A 2 -18.82 -15.31 10.11
C SER A 2 -18.50 -15.11 8.63
N SER A 3 -17.24 -15.33 8.27
CA SER A 3 -16.78 -15.38 6.90
C SER A 3 -15.67 -16.42 6.80
N GLY A 4 -15.15 -16.66 5.60
CA GLY A 4 -14.02 -17.52 5.32
C GLY A 4 -13.42 -17.01 4.03
N SER A 5 -12.12 -16.70 4.03
CA SER A 5 -11.32 -16.19 2.92
C SER A 5 -12.14 -15.34 1.95
N SER A 6 -12.46 -14.11 2.37
CA SER A 6 -13.15 -13.11 1.57
C SER A 6 -12.93 -11.76 2.28
N GLY A 7 -12.75 -10.69 1.49
CA GLY A 7 -12.58 -9.33 1.98
C GLY A 7 -11.26 -8.76 1.49
N PHE A 8 -11.30 -8.04 0.36
CA PHE A 8 -10.19 -7.52 -0.45
C PHE A 8 -8.95 -7.14 0.35
N LYS A 9 -9.13 -6.31 1.40
CA LYS A 9 -8.04 -5.78 2.20
C LYS A 9 -7.13 -6.89 2.73
N ALA A 10 -7.68 -8.04 3.09
CA ALA A 10 -6.90 -9.14 3.64
C ALA A 10 -5.96 -9.72 2.60
N GLU A 11 -6.47 -10.06 1.42
CA GLU A 11 -5.70 -10.59 0.30
C GLU A 11 -4.56 -9.64 -0.04
N LEU A 12 -4.89 -8.35 -0.11
CA LEU A 12 -3.97 -7.29 -0.50
C LEU A 12 -2.87 -7.12 0.54
N ASN A 13 -3.24 -7.14 1.82
CA ASN A 13 -2.30 -7.02 2.93
C ASN A 13 -1.38 -8.22 2.95
N GLU A 14 -1.92 -9.43 2.82
CA GLU A 14 -1.18 -10.68 2.72
C GLU A 14 -0.21 -10.68 1.54
N PHE A 15 -0.67 -10.20 0.38
CA PHE A 15 0.14 -10.07 -0.82
C PHE A 15 1.37 -9.22 -0.50
N LEU A 16 1.13 -7.98 -0.08
CA LEU A 16 2.15 -7.00 0.25
C LEU A 16 3.09 -7.49 1.36
N THR A 17 2.57 -8.18 2.38
CA THR A 17 3.35 -8.69 3.51
C THR A 17 4.56 -9.50 3.04
N ARG A 18 4.40 -10.26 1.96
CA ARG A 18 5.45 -11.15 1.47
C ARG A 18 6.32 -10.41 0.47
N GLU A 19 5.75 -9.58 -0.40
CA GLU A 19 6.52 -8.82 -1.38
C GLU A 19 7.40 -7.75 -0.75
N LEU A 20 7.05 -7.26 0.45
CA LEU A 20 7.75 -6.20 1.19
C LEU A 20 8.29 -6.73 2.52
N ALA A 21 8.49 -8.05 2.60
CA ALA A 21 8.96 -8.76 3.79
C ALA A 21 10.28 -8.18 4.31
N GLU A 22 11.28 -8.07 3.45
CA GLU A 22 12.57 -7.50 3.83
C GLU A 22 12.48 -5.97 3.97
N ASP A 23 11.56 -5.32 3.26
CA ASP A 23 11.51 -3.86 3.15
C ASP A 23 11.20 -3.20 4.48
N GLY A 24 10.36 -3.83 5.31
CA GLY A 24 9.87 -3.24 6.55
C GLY A 24 8.38 -2.91 6.53
N TYR A 25 7.58 -3.71 5.83
CA TYR A 25 6.13 -3.56 5.77
C TYR A 25 5.49 -3.46 7.17
N SER A 26 4.29 -2.87 7.23
CA SER A 26 3.43 -2.86 8.40
C SER A 26 2.04 -3.31 8.00
N GLY A 27 1.40 -2.64 7.03
CA GLY A 27 0.04 -2.92 6.63
C GLY A 27 -0.33 -2.07 5.44
N VAL A 28 -1.62 -2.00 5.12
CA VAL A 28 -2.10 -1.24 3.97
C VAL A 28 -3.46 -0.66 4.35
N GLU A 29 -3.83 0.44 3.73
CA GLU A 29 -5.18 0.97 3.72
C GLU A 29 -5.62 1.10 2.27
N VAL A 30 -6.91 1.00 2.05
CA VAL A 30 -7.54 1.16 0.76
C VAL A 30 -8.73 2.09 0.95
N ARG A 31 -8.90 3.03 0.02
CA ARG A 31 -10.04 3.92 -0.02
C ARG A 31 -10.82 3.61 -1.28
N VAL A 32 -12.11 3.88 -1.21
CA VAL A 32 -13.09 3.53 -2.20
C VAL A 32 -13.83 4.83 -2.48
N THR A 33 -13.40 5.50 -3.53
CA THR A 33 -13.90 6.81 -3.90
C THR A 33 -14.49 6.73 -5.32
N PRO A 34 -15.30 7.72 -5.76
CA PRO A 34 -15.93 7.70 -7.08
C PRO A 34 -14.96 8.13 -8.19
N THR A 35 -13.65 8.17 -7.90
CA THR A 35 -12.65 8.86 -8.69
C THR A 35 -11.58 7.87 -9.16
N ARG A 36 -11.10 6.99 -8.27
CA ARG A 36 -10.36 5.76 -8.56
C ARG A 36 -10.42 4.89 -7.29
N THR A 37 -9.95 3.65 -7.31
CA THR A 37 -9.57 3.00 -6.06
C THR A 37 -8.22 3.60 -5.65
N GLU A 38 -7.97 3.71 -4.35
CA GLU A 38 -6.77 4.33 -3.79
C GLU A 38 -6.20 3.32 -2.79
N ILE A 39 -4.91 3.01 -2.87
CA ILE A 39 -4.24 2.02 -2.02
C ILE A 39 -3.03 2.74 -1.41
N ILE A 40 -2.83 2.63 -0.11
CA ILE A 40 -1.78 3.28 0.63
C ILE A 40 -1.08 2.20 1.44
N ILE A 41 0.07 1.73 0.94
CA ILE A 41 0.93 0.80 1.64
C ILE A 41 1.53 1.58 2.81
N LEU A 42 1.50 1.00 4.00
CA LEU A 42 2.06 1.51 5.24
C LEU A 42 3.29 0.67 5.54
N ALA A 43 4.47 1.28 5.51
CA ALA A 43 5.73 0.60 5.83
C ALA A 43 6.65 1.53 6.60
N THR A 44 7.75 1.01 7.16
CA THR A 44 8.67 1.87 7.88
C THR A 44 9.40 2.82 6.91
N ARG A 45 9.89 2.29 5.78
CA ARG A 45 10.86 2.89 4.87
C ARG A 45 10.17 3.10 3.53
N THR A 46 9.56 4.26 3.36
CA THR A 46 8.79 4.62 2.18
C THR A 46 9.62 4.43 0.89
N GLN A 47 10.88 4.86 0.87
CA GLN A 47 11.73 4.72 -0.31
C GLN A 47 12.06 3.27 -0.68
N ASN A 48 11.92 2.31 0.25
CA ASN A 48 12.13 0.89 -0.04
C ASN A 48 10.94 0.39 -0.84
N VAL A 49 9.72 0.70 -0.37
CA VAL A 49 8.46 0.37 -1.03
C VAL A 49 8.39 1.03 -2.42
N LEU A 50 8.88 2.27 -2.55
CA LEU A 50 8.94 2.91 -3.86
C LEU A 50 9.95 2.19 -4.77
N GLY A 51 11.09 1.77 -4.21
CA GLY A 51 12.19 1.28 -4.99
C GLY A 51 12.85 2.43 -5.75
N GLU A 52 13.82 2.06 -6.58
CA GLU A 52 14.63 2.97 -7.37
C GLU A 52 13.74 3.79 -8.30
N LYS A 53 13.66 5.11 -8.08
CA LYS A 53 12.81 6.03 -8.85
C LYS A 53 11.38 5.53 -9.07
N GLY A 54 10.83 4.73 -8.14
CA GLY A 54 9.48 4.19 -8.22
C GLY A 54 9.40 2.77 -8.79
N ARG A 55 10.54 2.13 -9.06
CA ARG A 55 10.64 0.78 -9.61
C ARG A 55 9.70 -0.21 -8.94
N ARG A 56 9.77 -0.36 -7.62
CA ARG A 56 8.96 -1.39 -6.97
C ARG A 56 7.51 -0.94 -6.97
N ILE A 57 7.18 0.30 -6.62
CA ILE A 57 5.77 0.70 -6.55
C ILE A 57 5.09 0.53 -7.93
N ARG A 58 5.79 0.78 -9.04
CA ARG A 58 5.23 0.59 -10.38
C ARG A 58 5.05 -0.88 -10.74
N GLU A 59 5.97 -1.75 -10.32
CA GLU A 59 5.81 -3.19 -10.44
C GLU A 59 4.64 -3.65 -9.58
N LEU A 60 4.59 -3.24 -8.32
CA LEU A 60 3.54 -3.56 -7.37
C LEU A 60 2.19 -3.03 -7.88
N THR A 61 2.17 -1.95 -8.66
CA THR A 61 0.99 -1.50 -9.38
C THR A 61 0.58 -2.57 -10.40
N ALA A 62 1.47 -2.97 -11.31
CA ALA A 62 1.19 -3.91 -12.40
C ALA A 62 0.70 -5.27 -11.88
N VAL A 63 1.40 -5.81 -10.89
CA VAL A 63 1.09 -7.08 -10.28
C VAL A 63 -0.29 -6.98 -9.63
N VAL A 64 -0.56 -5.98 -8.77
CA VAL A 64 -1.88 -5.76 -8.16
C VAL A 64 -2.95 -5.66 -9.24
N GLN A 65 -2.68 -4.88 -10.28
CA GLN A 65 -3.59 -4.63 -11.38
C GLN A 65 -4.08 -5.97 -11.94
N LYS A 66 -3.19 -6.95 -12.14
CA LYS A 66 -3.58 -8.26 -12.67
C LYS A 66 -4.09 -9.21 -11.59
N ARG A 67 -3.51 -9.18 -10.39
CA ARG A 67 -3.90 -10.03 -9.26
C ARG A 67 -5.39 -9.81 -8.98
N PHE A 68 -5.75 -8.56 -8.78
CA PHE A 68 -7.05 -8.16 -8.28
C PHE A 68 -8.00 -7.83 -9.46
N GLY A 69 -7.48 -7.73 -10.69
CA GLY A 69 -8.26 -7.53 -11.89
C GLY A 69 -8.64 -6.07 -12.10
N PHE A 70 -7.89 -5.14 -11.50
CA PHE A 70 -8.24 -3.73 -11.51
C PHE A 70 -8.22 -3.15 -12.94
N PRO A 71 -9.19 -2.28 -13.27
CA PRO A 71 -9.11 -1.44 -14.44
C PRO A 71 -7.87 -0.54 -14.35
N GLU A 72 -7.08 -0.48 -15.42
CA GLU A 72 -5.80 0.22 -15.43
C GLU A 72 -6.05 1.71 -15.17
N GLY A 73 -5.42 2.27 -14.13
CA GLY A 73 -5.51 3.69 -13.80
C GLY A 73 -6.72 4.07 -12.96
N SER A 74 -7.69 3.18 -12.83
CA SER A 74 -8.76 3.24 -11.84
C SER A 74 -8.36 2.54 -10.53
N VAL A 75 -7.07 2.27 -10.35
CA VAL A 75 -6.43 2.02 -9.07
C VAL A 75 -5.27 3.04 -9.00
N GLU A 76 -4.79 3.41 -7.82
CA GLU A 76 -3.58 4.21 -7.59
C GLU A 76 -2.90 3.58 -6.38
N LEU A 77 -1.57 3.59 -6.37
CA LEU A 77 -0.76 2.97 -5.34
C LEU A 77 0.10 4.08 -4.76
N TYR A 78 -0.14 4.43 -3.50
CA TYR A 78 0.57 5.42 -2.71
C TYR A 78 1.34 4.71 -1.60
N ALA A 79 2.29 5.41 -0.96
CA ALA A 79 3.17 4.83 0.06
C ALA A 79 3.30 5.83 1.21
N GLU A 80 2.80 5.50 2.39
CA GLU A 80 2.99 6.30 3.60
C GLU A 80 4.01 5.61 4.48
N LYS A 81 4.67 6.43 5.30
CA LYS A 81 5.50 5.93 6.37
C LYS A 81 4.59 5.65 7.55
N VAL A 82 4.93 4.64 8.34
CA VAL A 82 4.27 4.32 9.59
C VAL A 82 4.85 5.18 10.70
N ALA A 83 3.97 5.51 11.63
CA ALA A 83 4.15 6.30 12.85
C ALA A 83 4.04 7.79 12.52
N THR A 84 2.81 8.28 12.48
CA THR A 84 2.45 9.67 12.24
C THR A 84 2.71 10.51 13.50
N ARG A 85 3.87 11.17 13.63
CA ARG A 85 4.06 12.25 14.60
C ARG A 85 4.67 13.43 13.85
N GLY A 86 4.24 14.64 14.18
CA GLY A 86 4.53 15.82 13.39
C GLY A 86 3.42 16.85 13.60
N SER A 87 2.56 17.04 12.60
CA SER A 87 1.57 18.13 12.53
C SER A 87 2.25 19.47 12.78
N GLY A 88 2.98 19.94 11.77
CA GLY A 88 3.61 21.24 11.72
C GLY A 88 3.01 21.99 10.54
N PRO A 89 1.98 22.83 10.73
CA PRO A 89 1.36 23.58 9.64
C PRO A 89 2.26 24.72 9.14
N SER A 90 3.17 25.24 9.96
CA SER A 90 4.00 26.42 9.71
C SER A 90 3.22 27.54 9.02
N SER A 91 2.48 28.31 9.80
CA SER A 91 1.61 29.40 9.35
C SER A 91 0.55 28.90 8.36
N GLY A 92 -0.59 28.48 8.90
CA GLY A 92 -1.83 28.40 8.14
C GLY A 92 -2.38 29.79 7.87
N GLY A 1 -0.60 -12.89 8.16
CA GLY A 1 -1.73 -13.29 9.00
C GLY A 1 -2.91 -12.35 8.79
N SER A 2 -4.11 -12.88 9.01
CA SER A 2 -5.38 -12.20 8.83
C SER A 2 -6.17 -12.29 10.12
N SER A 3 -6.22 -11.18 10.85
CA SER A 3 -6.92 -10.99 12.10
C SER A 3 -7.40 -9.54 12.12
N GLY A 4 -8.66 -9.33 11.74
CA GLY A 4 -9.34 -8.06 11.82
C GLY A 4 -9.66 -7.51 10.43
N SER A 5 -8.77 -7.65 9.45
CA SER A 5 -9.13 -7.37 8.06
C SER A 5 -9.84 -8.59 7.48
N SER A 6 -10.85 -8.34 6.65
CA SER A 6 -11.50 -9.34 5.82
C SER A 6 -11.82 -8.70 4.47
N GLY A 7 -12.13 -9.50 3.46
CA GLY A 7 -12.37 -9.05 2.09
C GLY A 7 -11.07 -8.60 1.43
N PHE A 8 -11.17 -7.67 0.48
CA PHE A 8 -10.06 -7.15 -0.32
C PHE A 8 -8.86 -6.80 0.54
N LYS A 9 -9.08 -6.03 1.62
CA LYS A 9 -7.99 -5.56 2.46
C LYS A 9 -7.18 -6.74 3.01
N ALA A 10 -7.82 -7.84 3.38
CA ALA A 10 -7.14 -9.02 3.89
C ALA A 10 -6.34 -9.73 2.81
N GLU A 11 -6.91 -9.94 1.62
CA GLU A 11 -6.17 -10.58 0.52
C GLU A 11 -4.92 -9.77 0.21
N LEU A 12 -5.11 -8.46 0.06
CA LEU A 12 -4.09 -7.50 -0.29
C LEU A 12 -3.03 -7.39 0.79
N ASN A 13 -3.42 -7.37 2.07
CA ASN A 13 -2.50 -7.33 3.21
C ASN A 13 -1.56 -8.51 3.13
N GLU A 14 -2.09 -9.70 2.96
CA GLU A 14 -1.25 -10.90 2.89
C GLU A 14 -0.31 -10.88 1.69
N PHE A 15 -0.81 -10.46 0.52
CA PHE A 15 -0.02 -10.33 -0.69
C PHE A 15 1.16 -9.40 -0.43
N LEU A 16 0.89 -8.21 0.11
CA LEU A 16 1.89 -7.19 0.41
C LEU A 16 2.82 -7.63 1.52
N THR A 17 2.32 -8.32 2.56
CA THR A 17 3.12 -8.84 3.65
C THR A 17 4.25 -9.72 3.10
N ARG A 18 3.93 -10.56 2.10
CA ARG A 18 4.90 -11.34 1.38
C ARG A 18 5.80 -10.42 0.55
N GLU A 19 5.24 -9.67 -0.40
CA GLU A 19 6.01 -8.93 -1.38
C GLU A 19 6.93 -7.87 -0.77
N LEU A 20 6.66 -7.40 0.45
CA LEU A 20 7.40 -6.36 1.15
C LEU A 20 7.92 -6.86 2.50
N ALA A 21 8.07 -8.19 2.67
CA ALA A 21 8.52 -8.81 3.91
C ALA A 21 9.81 -8.17 4.44
N GLU A 22 10.86 -8.14 3.62
CA GLU A 22 12.13 -7.53 3.98
C GLU A 22 12.06 -6.00 4.06
N ASP A 23 11.03 -5.36 3.51
CA ASP A 23 11.02 -3.91 3.38
C ASP A 23 10.62 -3.18 4.67
N GLY A 24 10.03 -3.90 5.62
CA GLY A 24 9.47 -3.28 6.82
C GLY A 24 8.00 -2.91 6.59
N TYR A 25 7.24 -3.76 5.92
CA TYR A 25 5.80 -3.63 5.80
C TYR A 25 5.14 -3.59 7.19
N SER A 26 3.93 -3.04 7.26
CA SER A 26 3.18 -2.91 8.51
C SER A 26 1.68 -3.03 8.29
N GLY A 27 1.18 -2.64 7.13
CA GLY A 27 -0.20 -2.82 6.76
C GLY A 27 -0.54 -2.05 5.50
N VAL A 28 -1.84 -1.92 5.22
CA VAL A 28 -2.31 -1.19 4.07
C VAL A 28 -3.67 -0.60 4.43
N GLU A 29 -4.00 0.54 3.84
CA GLU A 29 -5.32 1.11 3.90
C GLU A 29 -5.75 1.35 2.46
N VAL A 30 -6.85 0.69 2.09
CA VAL A 30 -7.53 0.93 0.84
C VAL A 30 -8.43 2.13 1.04
N ARG A 31 -8.45 3.06 0.08
CA ARG A 31 -9.53 4.01 -0.02
C ARG A 31 -10.27 3.59 -1.27
N VAL A 32 -11.55 3.25 -1.13
CA VAL A 32 -12.49 3.30 -2.23
C VAL A 32 -12.93 4.76 -2.26
N THR A 33 -12.71 5.43 -3.39
CA THR A 33 -13.18 6.80 -3.60
C THR A 33 -14.13 6.77 -4.81
N PRO A 34 -14.94 7.83 -5.04
CA PRO A 34 -15.76 7.94 -6.23
C PRO A 34 -14.93 8.29 -7.47
N THR A 35 -13.61 8.39 -7.34
CA THR A 35 -12.69 8.83 -8.37
C THR A 35 -11.78 7.67 -8.82
N ARG A 36 -11.27 6.84 -7.90
CA ARG A 36 -10.56 5.59 -8.19
C ARG A 36 -10.53 4.71 -6.94
N THR A 37 -10.04 3.48 -7.03
CA THR A 37 -9.47 2.85 -5.85
C THR A 37 -8.10 3.48 -5.61
N GLU A 38 -7.73 3.60 -4.34
CA GLU A 38 -6.44 4.04 -3.84
C GLU A 38 -6.00 2.95 -2.87
N ILE A 39 -4.71 2.68 -2.84
CA ILE A 39 -4.12 1.65 -1.99
C ILE A 39 -2.92 2.33 -1.35
N ILE A 40 -2.92 2.46 -0.03
CA ILE A 40 -1.90 3.18 0.70
C ILE A 40 -1.19 2.15 1.56
N ILE A 41 -0.06 1.65 1.05
CA ILE A 41 0.82 0.73 1.76
C ILE A 41 1.43 1.50 2.92
N LEU A 42 1.29 0.98 4.13
CA LEU A 42 1.91 1.45 5.36
C LEU A 42 3.16 0.60 5.57
N ALA A 43 4.35 1.20 5.49
CA ALA A 43 5.63 0.55 5.79
C ALA A 43 6.55 1.53 6.52
N THR A 44 7.68 1.08 7.04
CA THR A 44 8.65 1.95 7.72
C THR A 44 9.58 2.67 6.74
N ARG A 45 9.67 2.20 5.50
CA ARG A 45 10.72 2.56 4.55
C ARG A 45 10.11 2.90 3.19
N THR A 46 9.26 3.93 3.15
CA THR A 46 8.60 4.39 1.93
C THR A 46 9.59 4.56 0.77
N GLN A 47 10.78 5.11 1.04
CA GLN A 47 11.79 5.34 0.02
C GLN A 47 12.17 4.04 -0.70
N ASN A 48 12.33 2.96 0.06
CA ASN A 48 12.68 1.66 -0.47
C ASN A 48 11.49 1.08 -1.21
N VAL A 49 10.28 1.19 -0.64
CA VAL A 49 9.05 0.62 -1.19
C VAL A 49 8.75 1.22 -2.58
N LEU A 50 9.13 2.47 -2.82
CA LEU A 50 9.00 3.09 -4.15
C LEU A 50 9.98 2.48 -5.15
N GLY A 51 11.16 2.06 -4.68
CA GLY A 51 12.31 1.73 -5.49
C GLY A 51 12.94 2.98 -6.12
N GLU A 52 14.12 2.79 -6.70
CA GLU A 52 14.87 3.81 -7.41
C GLU A 52 14.01 4.35 -8.56
N LYS A 53 13.83 5.68 -8.61
CA LYS A 53 12.97 6.40 -9.54
C LYS A 53 11.62 5.68 -9.74
N GLY A 54 11.00 5.22 -8.64
CA GLY A 54 9.65 4.66 -8.66
C GLY A 54 9.53 3.31 -9.37
N ARG A 55 10.63 2.62 -9.70
CA ARG A 55 10.57 1.33 -10.39
C ARG A 55 9.66 0.35 -9.67
N ARG A 56 9.86 0.16 -8.36
CA ARG A 56 9.18 -0.89 -7.64
C ARG A 56 7.71 -0.57 -7.40
N ILE A 57 7.34 0.70 -7.16
CA ILE A 57 5.91 1.04 -7.08
C ILE A 57 5.22 0.84 -8.43
N ARG A 58 5.89 1.13 -9.56
CA ARG A 58 5.34 0.87 -10.87
C ARG A 58 5.17 -0.64 -11.11
N GLU A 59 6.15 -1.45 -10.70
CA GLU A 59 6.06 -2.90 -10.71
C GLU A 59 4.84 -3.33 -9.89
N LEU A 60 4.77 -2.98 -8.60
CA LEU A 60 3.69 -3.38 -7.71
C LEU A 60 2.33 -2.92 -8.20
N THR A 61 2.22 -1.75 -8.83
CA THR A 61 0.98 -1.33 -9.48
C THR A 61 0.53 -2.38 -10.49
N ALA A 62 1.40 -2.80 -11.42
CA ALA A 62 1.05 -3.75 -12.46
C ALA A 62 0.71 -5.12 -11.86
N VAL A 63 1.50 -5.63 -10.92
CA VAL A 63 1.21 -6.93 -10.33
C VAL A 63 -0.12 -6.88 -9.57
N VAL A 64 -0.39 -5.86 -8.73
CA VAL A 64 -1.67 -5.68 -8.06
C VAL A 64 -2.79 -5.60 -9.10
N GLN A 65 -2.60 -4.80 -10.15
CA GLN A 65 -3.57 -4.66 -11.21
C GLN A 65 -3.95 -6.02 -11.78
N LYS A 66 -3.01 -6.94 -11.95
CA LYS A 66 -3.28 -8.24 -12.56
C LYS A 66 -3.79 -9.24 -11.52
N ARG A 67 -3.29 -9.19 -10.29
CA ARG A 67 -3.72 -10.07 -9.21
C ARG A 67 -5.19 -9.82 -8.92
N PHE A 68 -5.58 -8.55 -8.84
CA PHE A 68 -6.88 -8.10 -8.36
C PHE A 68 -7.79 -7.60 -9.49
N GLY A 69 -7.32 -7.57 -10.74
CA GLY A 69 -8.12 -7.27 -11.92
C GLY A 69 -8.54 -5.81 -12.02
N PHE A 70 -7.70 -4.87 -11.60
CA PHE A 70 -8.04 -3.45 -11.58
C PHE A 70 -7.96 -2.84 -12.99
N PRO A 71 -8.98 -2.05 -13.41
CA PRO A 71 -8.91 -1.24 -14.61
C PRO A 71 -7.75 -0.22 -14.53
N GLU A 72 -7.03 -0.04 -15.65
CA GLU A 72 -5.82 0.77 -15.72
C GLU A 72 -6.18 2.25 -15.69
N GLY A 73 -5.84 2.94 -14.60
CA GLY A 73 -6.25 4.33 -14.38
C GLY A 73 -7.43 4.45 -13.42
N SER A 74 -7.98 3.33 -12.95
CA SER A 74 -9.03 3.27 -11.93
C SER A 74 -8.51 2.71 -10.59
N VAL A 75 -7.20 2.48 -10.48
CA VAL A 75 -6.51 2.20 -9.23
C VAL A 75 -5.35 3.19 -9.09
N GLU A 76 -4.79 3.34 -7.91
CA GLU A 76 -3.46 3.87 -7.66
C GLU A 76 -2.90 3.16 -6.44
N LEU A 77 -1.58 3.14 -6.33
CA LEU A 77 -0.86 2.61 -5.17
C LEU A 77 0.04 3.73 -4.68
N TYR A 78 0.08 3.94 -3.38
CA TYR A 78 0.84 4.98 -2.70
C TYR A 78 1.71 4.30 -1.63
N ALA A 79 2.68 5.04 -1.10
CA ALA A 79 3.61 4.57 -0.10
C ALA A 79 3.56 5.59 1.04
N GLU A 80 3.01 5.19 2.18
CA GLU A 80 2.90 6.01 3.37
C GLU A 80 3.71 5.39 4.49
N LYS A 81 4.16 6.20 5.44
CA LYS A 81 5.12 5.78 6.42
C LYS A 81 4.48 5.68 7.79
N VAL A 82 4.78 4.59 8.48
CA VAL A 82 4.38 4.40 9.86
C VAL A 82 5.29 5.27 10.74
N ALA A 83 4.71 6.06 11.64
CA ALA A 83 5.47 6.90 12.55
C ALA A 83 4.54 7.41 13.65
N THR A 84 4.48 6.69 14.76
CA THR A 84 3.59 6.98 15.88
C THR A 84 3.94 8.34 16.51
N ARG A 85 2.92 9.11 16.95
CA ARG A 85 3.01 10.23 17.89
C ARG A 85 1.59 10.70 18.19
N GLY A 86 1.29 11.11 19.43
CA GLY A 86 -0.05 11.55 19.83
C GLY A 86 0.04 12.65 20.89
N SER A 87 -0.02 13.92 20.48
CA SER A 87 -0.09 15.04 21.45
C SER A 87 -0.85 16.25 20.88
N GLY A 88 -1.44 17.02 21.78
CA GLY A 88 -1.98 18.34 21.55
C GLY A 88 -1.96 19.09 22.88
N PRO A 89 -0.95 19.94 23.16
CA PRO A 89 -1.05 20.89 24.26
C PRO A 89 -2.01 22.01 23.87
N SER A 90 -2.38 22.82 24.85
CA SER A 90 -2.96 24.13 24.65
C SER A 90 -2.35 25.04 25.72
N SER A 91 -2.27 26.33 25.43
CA SER A 91 -1.58 27.37 26.20
C SER A 91 -0.05 27.34 25.97
N GLY A 92 0.48 26.39 25.21
CA GLY A 92 1.87 26.27 24.82
C GLY A 92 1.92 25.32 23.62
N GLY A 1 -1.15 -0.90 10.35
CA GLY A 1 -2.19 -1.67 11.02
C GLY A 1 -2.63 -2.80 10.12
N SER A 2 -2.74 -4.01 10.68
CA SER A 2 -3.27 -5.21 10.07
C SER A 2 -4.17 -5.88 11.12
N SER A 3 -5.42 -6.15 10.80
CA SER A 3 -6.37 -6.85 11.67
C SER A 3 -7.62 -7.16 10.85
N GLY A 4 -8.20 -8.34 11.05
CA GLY A 4 -9.30 -8.86 10.24
C GLY A 4 -8.78 -9.36 8.90
N SER A 5 -9.44 -10.38 8.35
CA SER A 5 -8.99 -11.08 7.15
C SER A 5 -10.10 -11.20 6.08
N SER A 6 -11.08 -10.29 6.11
CA SER A 6 -12.17 -10.24 5.15
C SER A 6 -11.85 -9.38 3.92
N GLY A 7 -11.93 -10.00 2.74
CA GLY A 7 -12.11 -9.32 1.46
C GLY A 7 -10.82 -8.78 0.88
N PHE A 8 -10.95 -7.84 -0.06
CA PHE A 8 -9.85 -7.29 -0.84
C PHE A 8 -8.71 -6.84 0.07
N LYS A 9 -9.05 -6.07 1.12
CA LYS A 9 -8.05 -5.51 2.00
C LYS A 9 -7.17 -6.63 2.55
N ALA A 10 -7.78 -7.71 3.03
CA ALA A 10 -7.08 -8.84 3.62
C ALA A 10 -6.20 -9.55 2.62
N GLU A 11 -6.76 -9.94 1.47
CA GLU A 11 -5.99 -10.59 0.40
C GLU A 11 -4.75 -9.77 0.05
N LEU A 12 -4.94 -8.46 -0.08
CA LEU A 12 -3.90 -7.50 -0.43
C LEU A 12 -2.89 -7.36 0.70
N ASN A 13 -3.33 -7.32 1.96
CA ASN A 13 -2.49 -7.25 3.16
C ASN A 13 -1.58 -8.46 3.17
N GLU A 14 -2.16 -9.65 3.02
CA GLU A 14 -1.51 -10.95 3.01
C GLU A 14 -0.57 -11.13 1.81
N PHE A 15 -0.89 -10.53 0.67
CA PHE A 15 -0.02 -10.45 -0.50
C PHE A 15 1.20 -9.57 -0.15
N LEU A 16 0.95 -8.29 0.16
CA LEU A 16 1.97 -7.28 0.45
C LEU A 16 2.89 -7.70 1.59
N THR A 17 2.40 -8.51 2.53
CA THR A 17 3.17 -9.09 3.60
C THR A 17 4.42 -9.80 3.07
N ARG A 18 4.30 -10.59 2.01
CA ARG A 18 5.44 -11.25 1.39
C ARG A 18 6.22 -10.20 0.62
N GLU A 19 5.55 -9.54 -0.34
CA GLU A 19 6.14 -8.66 -1.35
C GLU A 19 7.05 -7.59 -0.75
N LEU A 20 6.77 -7.16 0.48
CA LEU A 20 7.45 -6.07 1.14
C LEU A 20 7.94 -6.47 2.53
N ALA A 21 8.11 -7.77 2.79
CA ALA A 21 8.57 -8.30 4.06
C ALA A 21 9.88 -7.61 4.46
N GLU A 22 10.91 -7.79 3.64
CA GLU A 22 12.24 -7.21 3.84
C GLU A 22 12.17 -5.68 3.71
N ASP A 23 11.19 -5.16 2.97
CA ASP A 23 11.08 -3.72 2.81
C ASP A 23 10.71 -3.04 4.10
N GLY A 24 10.03 -3.73 5.02
CA GLY A 24 9.64 -3.16 6.31
C GLY A 24 8.13 -2.99 6.47
N TYR A 25 7.32 -3.79 5.77
CA TYR A 25 5.86 -3.68 5.71
C TYR A 25 5.19 -3.69 7.08
N SER A 26 4.05 -2.99 7.19
CA SER A 26 3.21 -2.90 8.39
C SER A 26 1.73 -3.22 8.10
N GLY A 27 1.18 -2.75 6.99
CA GLY A 27 -0.20 -2.97 6.62
C GLY A 27 -0.54 -2.10 5.43
N VAL A 28 -1.83 -1.95 5.12
CA VAL A 28 -2.26 -1.17 3.98
C VAL A 28 -3.56 -0.46 4.39
N GLU A 29 -3.88 0.65 3.72
CA GLU A 29 -5.22 1.20 3.66
C GLU A 29 -5.67 1.12 2.22
N VAL A 30 -6.93 0.76 2.05
CA VAL A 30 -7.68 0.89 0.82
C VAL A 30 -8.70 1.98 1.07
N ARG A 31 -8.69 3.01 0.22
CA ARG A 31 -9.69 4.07 0.26
C ARG A 31 -10.53 3.87 -0.98
N VAL A 32 -11.83 3.68 -0.78
CA VAL A 32 -12.78 3.71 -1.87
C VAL A 32 -13.20 5.17 -1.96
N THR A 33 -12.56 5.91 -2.85
CA THR A 33 -13.15 7.16 -3.30
C THR A 33 -14.23 6.78 -4.32
N PRO A 34 -15.13 7.70 -4.70
CA PRO A 34 -16.06 7.44 -5.79
C PRO A 34 -15.40 7.53 -7.17
N THR A 35 -14.10 7.85 -7.27
CA THR A 35 -13.46 8.23 -8.52
C THR A 35 -12.59 7.06 -9.03
N ARG A 36 -11.73 6.52 -8.16
CA ARG A 36 -10.86 5.38 -8.40
C ARG A 36 -10.50 4.77 -7.03
N THR A 37 -10.00 3.54 -7.02
CA THR A 37 -9.49 2.97 -5.78
C THR A 37 -8.16 3.65 -5.47
N GLU A 38 -7.93 3.95 -4.20
CA GLU A 38 -6.62 4.34 -3.68
C GLU A 38 -6.15 3.19 -2.80
N ILE A 39 -4.85 2.95 -2.83
CA ILE A 39 -4.20 1.93 -2.01
C ILE A 39 -2.95 2.58 -1.45
N ILE A 40 -2.80 2.60 -0.13
CA ILE A 40 -1.73 3.25 0.57
C ILE A 40 -1.04 2.20 1.43
N ILE A 41 0.11 1.70 0.95
CA ILE A 41 0.96 0.77 1.68
C ILE A 41 1.54 1.52 2.87
N LEU A 42 1.31 1.00 4.08
CA LEU A 42 1.86 1.51 5.32
C LEU A 42 3.10 0.66 5.62
N ALA A 43 4.28 1.28 5.69
CA ALA A 43 5.50 0.59 6.08
C ALA A 43 6.48 1.55 6.75
N THR A 44 7.66 1.03 7.12
CA THR A 44 8.68 1.81 7.78
C THR A 44 9.61 2.55 6.80
N ARG A 45 9.76 2.06 5.56
CA ARG A 45 10.80 2.47 4.63
C ARG A 45 10.15 2.82 3.30
N THR A 46 9.55 4.00 3.21
CA THR A 46 8.82 4.47 2.03
C THR A 46 9.68 4.41 0.78
N GLN A 47 10.97 4.79 0.86
CA GLN A 47 11.83 4.82 -0.31
C GLN A 47 12.14 3.41 -0.83
N ASN A 48 12.02 2.38 0.02
CA ASN A 48 12.23 1.00 -0.40
C ASN A 48 11.03 0.57 -1.26
N VAL A 49 9.82 0.87 -0.79
CA VAL A 49 8.55 0.59 -1.47
C VAL A 49 8.42 1.42 -2.75
N LEU A 50 8.89 2.67 -2.77
CA LEU A 50 8.98 3.43 -4.01
C LEU A 50 9.99 2.77 -4.93
N GLY A 51 11.12 2.35 -4.37
CA GLY A 51 12.28 1.91 -5.11
C GLY A 51 12.95 3.08 -5.81
N GLU A 52 14.02 2.76 -6.53
CA GLU A 52 14.86 3.65 -7.29
C GLU A 52 14.01 4.46 -8.26
N LYS A 53 13.98 5.79 -8.08
CA LYS A 53 13.16 6.76 -8.81
C LYS A 53 11.66 6.45 -8.87
N GLY A 54 11.14 5.46 -8.13
CA GLY A 54 9.74 5.04 -8.19
C GLY A 54 9.52 3.72 -8.93
N ARG A 55 10.55 2.88 -9.13
CA ARG A 55 10.35 1.61 -9.84
C ARG A 55 9.36 0.70 -9.12
N ARG A 56 9.62 0.37 -7.86
CA ARG A 56 8.94 -0.74 -7.21
C ARG A 56 7.46 -0.43 -7.01
N ILE A 57 7.09 0.83 -6.76
CA ILE A 57 5.68 1.23 -6.70
C ILE A 57 4.97 0.90 -8.02
N ARG A 58 5.59 1.20 -9.17
CA ARG A 58 5.01 0.91 -10.48
C ARG A 58 4.97 -0.59 -10.76
N GLU A 59 6.00 -1.35 -10.35
CA GLU A 59 5.97 -2.80 -10.49
C GLU A 59 4.84 -3.38 -9.66
N LEU A 60 4.72 -2.97 -8.39
CA LEU A 60 3.63 -3.39 -7.51
C LEU A 60 2.27 -2.95 -8.08
N THR A 61 2.19 -1.85 -8.85
CA THR A 61 0.96 -1.45 -9.53
C THR A 61 0.54 -2.55 -10.49
N ALA A 62 1.41 -2.93 -11.43
CA ALA A 62 1.14 -3.92 -12.47
C ALA A 62 0.77 -5.28 -11.89
N VAL A 63 1.57 -5.80 -10.97
CA VAL A 63 1.32 -7.08 -10.33
C VAL A 63 -0.04 -7.05 -9.63
N VAL A 64 -0.34 -6.07 -8.77
CA VAL A 64 -1.65 -5.95 -8.09
C VAL A 64 -2.75 -5.85 -9.14
N GLN A 65 -2.55 -5.05 -10.18
CA GLN A 65 -3.50 -4.90 -11.26
C GLN A 65 -3.90 -6.25 -11.85
N LYS A 66 -2.94 -7.15 -12.07
CA LYS A 66 -3.26 -8.50 -12.52
C LYS A 66 -3.88 -9.33 -11.39
N ARG A 67 -3.21 -9.39 -10.23
CA ARG A 67 -3.57 -10.21 -9.06
C ARG A 67 -5.00 -9.95 -8.58
N PHE A 68 -5.57 -8.77 -8.87
CA PHE A 68 -6.88 -8.35 -8.40
C PHE A 68 -7.80 -7.85 -9.53
N GLY A 69 -7.31 -7.79 -10.77
CA GLY A 69 -8.11 -7.48 -11.96
C GLY A 69 -8.34 -6.00 -12.23
N PHE A 70 -7.68 -5.08 -11.49
CA PHE A 70 -7.90 -3.65 -11.62
C PHE A 70 -7.55 -3.14 -13.03
N PRO A 71 -8.31 -2.16 -13.56
CA PRO A 71 -7.88 -1.36 -14.69
C PRO A 71 -6.63 -0.55 -14.33
N GLU A 72 -5.92 -0.03 -15.33
CA GLU A 72 -4.94 1.03 -15.11
C GLU A 72 -5.72 2.28 -14.72
N GLY A 73 -5.19 3.06 -13.78
CA GLY A 73 -5.71 4.36 -13.40
C GLY A 73 -6.90 4.29 -12.45
N SER A 74 -7.83 3.35 -12.64
CA SER A 74 -8.89 3.06 -11.68
C SER A 74 -8.36 2.42 -10.38
N VAL A 75 -7.07 2.13 -10.31
CA VAL A 75 -6.35 1.85 -9.08
C VAL A 75 -5.19 2.85 -9.04
N GLU A 76 -4.88 3.37 -7.87
CA GLU A 76 -3.71 4.20 -7.63
C GLU A 76 -2.97 3.60 -6.44
N LEU A 77 -1.66 3.40 -6.59
CA LEU A 77 -0.83 2.94 -5.49
C LEU A 77 -0.05 4.12 -4.94
N TYR A 78 0.04 4.18 -3.61
CA TYR A 78 0.82 5.11 -2.81
C TYR A 78 1.63 4.32 -1.77
N ALA A 79 2.59 4.97 -1.12
CA ALA A 79 3.45 4.43 -0.08
C ALA A 79 3.64 5.48 1.02
N GLU A 80 3.23 5.16 2.24
CA GLU A 80 3.23 6.06 3.38
C GLU A 80 4.13 5.52 4.48
N LYS A 81 4.73 6.44 5.24
CA LYS A 81 5.43 6.11 6.46
C LYS A 81 4.44 5.80 7.57
N VAL A 82 4.86 4.89 8.44
CA VAL A 82 4.19 4.53 9.68
C VAL A 82 4.71 5.44 10.79
N ALA A 83 3.93 5.53 11.86
CA ALA A 83 4.20 6.40 13.01
C ALA A 83 5.06 5.68 14.05
N THR A 84 5.56 6.47 15.01
CA THR A 84 6.29 6.00 16.16
C THR A 84 7.56 5.22 15.72
N ARG A 85 8.34 4.66 16.66
CA ARG A 85 9.56 3.89 16.45
C ARG A 85 10.46 4.53 15.38
N GLY A 86 11.01 5.71 15.70
CA GLY A 86 11.89 6.46 14.83
C GLY A 86 11.10 7.53 14.08
N SER A 87 11.15 8.76 14.58
CA SER A 87 10.62 9.93 13.90
C SER A 87 11.78 10.75 13.34
N GLY A 88 12.58 11.40 14.19
CA GLY A 88 13.75 12.15 13.76
C GLY A 88 14.24 13.08 14.87
N PRO A 89 15.43 13.69 14.71
CA PRO A 89 15.96 14.64 15.68
C PRO A 89 15.01 15.82 15.77
N SER A 90 14.50 16.10 16.97
CA SER A 90 13.42 17.05 17.21
C SER A 90 13.81 17.91 18.40
N SER A 91 14.48 19.04 18.15
CA SER A 91 15.03 19.91 19.18
C SER A 91 15.22 21.32 18.60
N GLY A 92 15.27 22.32 19.48
CA GLY A 92 15.49 23.71 19.13
C GLY A 92 14.18 24.40 18.81
N GLY A 1 -15.99 4.04 12.34
CA GLY A 1 -16.02 5.10 11.33
C GLY A 1 -16.53 4.57 10.01
N SER A 2 -15.79 4.83 8.92
CA SER A 2 -16.10 4.37 7.57
C SER A 2 -16.19 2.83 7.57
N SER A 3 -17.19 2.26 6.89
CA SER A 3 -17.32 0.82 6.78
C SER A 3 -16.07 0.25 6.08
N GLY A 4 -15.63 -0.94 6.49
CA GLY A 4 -14.34 -1.50 6.13
C GLY A 4 -14.45 -2.45 4.95
N SER A 5 -13.37 -2.55 4.18
CA SER A 5 -13.25 -3.52 3.09
C SER A 5 -13.16 -4.94 3.65
N SER A 6 -14.23 -5.72 3.50
CA SER A 6 -14.16 -7.18 3.64
C SER A 6 -13.37 -7.79 2.48
N GLY A 7 -12.93 -9.04 2.66
CA GLY A 7 -12.17 -9.83 1.70
C GLY A 7 -10.86 -9.13 1.35
N PHE A 8 -10.92 -8.25 0.34
CA PHE A 8 -9.84 -7.49 -0.26
C PHE A 8 -8.73 -7.09 0.72
N LYS A 9 -9.07 -6.48 1.86
CA LYS A 9 -8.09 -5.91 2.79
C LYS A 9 -7.09 -6.94 3.30
N ALA A 10 -7.51 -8.17 3.53
CA ALA A 10 -6.66 -9.25 4.02
C ALA A 10 -5.81 -9.78 2.87
N GLU A 11 -6.41 -10.10 1.72
CA GLU A 11 -5.69 -10.56 0.53
C GLU A 11 -4.57 -9.56 0.21
N LEU A 12 -4.91 -8.27 0.19
CA LEU A 12 -3.97 -7.21 -0.15
C LEU A 12 -2.83 -7.14 0.87
N ASN A 13 -3.15 -7.28 2.16
CA ASN A 13 -2.17 -7.34 3.26
C ASN A 13 -1.24 -8.52 3.04
N GLU A 14 -1.76 -9.75 2.93
CA GLU A 14 -0.93 -10.94 2.85
C GLU A 14 -0.13 -11.00 1.55
N PHE A 15 -0.70 -10.50 0.47
CA PHE A 15 -0.02 -10.25 -0.80
C PHE A 15 1.21 -9.35 -0.56
N LEU A 16 0.99 -8.12 -0.11
CA LEU A 16 2.00 -7.09 0.09
C LEU A 16 3.05 -7.53 1.11
N THR A 17 2.64 -8.23 2.17
CA THR A 17 3.53 -8.81 3.16
C THR A 17 4.65 -9.61 2.50
N ARG A 18 4.37 -10.31 1.40
CA ARG A 18 5.34 -11.13 0.69
C ARG A 18 6.08 -10.37 -0.42
N GLU A 19 5.58 -9.23 -0.86
CA GLU A 19 6.21 -8.40 -1.88
C GLU A 19 7.16 -7.36 -1.28
N LEU A 20 7.05 -7.08 0.03
CA LEU A 20 7.75 -5.99 0.72
C LEU A 20 8.31 -6.44 2.07
N ALA A 21 8.82 -7.67 2.16
CA ALA A 21 9.28 -8.27 3.42
C ALA A 21 10.34 -7.40 4.11
N GLU A 22 11.47 -7.19 3.44
CA GLU A 22 12.63 -6.53 3.99
C GLU A 22 12.45 -5.03 4.08
N ASP A 23 11.46 -4.47 3.39
CA ASP A 23 11.16 -3.05 3.31
C ASP A 23 10.71 -2.49 4.64
N GLY A 24 10.32 -3.34 5.59
CA GLY A 24 9.69 -2.83 6.80
C GLY A 24 8.20 -2.58 6.56
N TYR A 25 7.56 -3.38 5.71
CA TYR A 25 6.12 -3.41 5.59
C TYR A 25 5.45 -3.62 6.95
N SER A 26 4.30 -2.97 7.14
CA SER A 26 3.53 -2.98 8.35
C SER A 26 2.08 -3.40 8.07
N GLY A 27 1.46 -2.80 7.05
CA GLY A 27 0.05 -2.99 6.73
C GLY A 27 -0.30 -2.16 5.50
N VAL A 28 -1.58 -1.90 5.25
CA VAL A 28 -2.03 -1.18 4.06
C VAL A 28 -3.36 -0.50 4.42
N GLU A 29 -3.74 0.55 3.68
CA GLU A 29 -5.02 1.23 3.74
C GLU A 29 -5.61 1.33 2.33
N VAL A 30 -6.93 1.50 2.24
CA VAL A 30 -7.69 1.50 1.00
C VAL A 30 -8.84 2.50 1.05
N ARG A 31 -9.02 3.29 -0.01
CA ARG A 31 -10.13 4.23 -0.17
C ARG A 31 -10.91 3.90 -1.44
N VAL A 32 -12.13 4.43 -1.50
CA VAL A 32 -12.95 4.55 -2.70
C VAL A 32 -13.22 6.04 -2.90
N THR A 33 -13.06 6.54 -4.13
CA THR A 33 -13.50 7.84 -4.57
C THR A 33 -14.45 7.66 -5.77
N PRO A 34 -15.14 8.72 -6.25
CA PRO A 34 -15.82 8.69 -7.54
C PRO A 34 -14.85 8.80 -8.73
N THR A 35 -13.53 8.80 -8.48
CA THR A 35 -12.52 8.96 -9.52
C THR A 35 -11.79 7.64 -9.75
N ARG A 36 -11.22 7.00 -8.72
CA ARG A 36 -10.56 5.70 -8.84
C ARG A 36 -10.45 5.00 -7.49
N THR A 37 -10.06 3.72 -7.48
CA THR A 37 -9.64 3.08 -6.25
C THR A 37 -8.30 3.72 -5.84
N GLU A 38 -7.99 3.74 -4.54
CA GLU A 38 -6.73 4.24 -4.00
C GLU A 38 -6.28 3.23 -2.96
N ILE A 39 -4.99 2.88 -2.99
CA ILE A 39 -4.38 1.78 -2.26
C ILE A 39 -3.06 2.33 -1.71
N ILE A 40 -2.84 2.26 -0.38
CA ILE A 40 -1.78 2.96 0.31
C ILE A 40 -1.03 1.96 1.21
N ILE A 41 0.21 1.58 0.85
CA ILE A 41 1.06 0.78 1.75
C ILE A 41 1.30 1.58 3.03
N LEU A 42 1.33 0.91 4.18
CA LEU A 42 1.87 1.42 5.43
C LEU A 42 3.19 0.67 5.64
N ALA A 43 4.33 1.36 5.65
CA ALA A 43 5.64 0.77 5.94
C ALA A 43 6.56 1.78 6.64
N THR A 44 7.67 1.34 7.22
CA THR A 44 8.64 2.25 7.82
C THR A 44 9.52 2.90 6.76
N ARG A 45 10.08 2.10 5.84
CA ARG A 45 11.13 2.53 4.94
C ARG A 45 10.48 2.83 3.60
N THR A 46 9.77 3.96 3.51
CA THR A 46 9.07 4.34 2.29
C THR A 46 9.99 4.31 1.05
N GLN A 47 11.28 4.67 1.15
CA GLN A 47 12.19 4.63 0.00
C GLN A 47 12.66 3.22 -0.34
N ASN A 48 12.56 2.24 0.57
CA ASN A 48 12.62 0.84 0.17
C ASN A 48 11.40 0.58 -0.70
N VAL A 49 10.20 0.77 -0.15
CA VAL A 49 8.94 0.43 -0.78
C VAL A 49 8.80 1.04 -2.17
N LEU A 50 9.18 2.31 -2.35
CA LEU A 50 9.05 3.00 -3.61
C LEU A 50 10.02 2.43 -4.64
N GLY A 51 11.26 2.15 -4.24
CA GLY A 51 12.32 1.75 -5.15
C GLY A 51 12.82 2.93 -5.99
N GLU A 52 13.81 2.67 -6.84
CA GLU A 52 14.45 3.68 -7.68
C GLU A 52 13.42 4.32 -8.59
N LYS A 53 13.24 5.64 -8.45
CA LYS A 53 12.27 6.45 -9.19
C LYS A 53 10.85 5.85 -9.15
N GLY A 54 10.50 5.16 -8.05
CA GLY A 54 9.20 4.53 -7.90
C GLY A 54 9.11 3.16 -8.57
N ARG A 55 10.25 2.48 -8.81
CA ARG A 55 10.26 1.16 -9.44
C ARG A 55 9.32 0.17 -8.77
N ARG A 56 9.56 -0.17 -7.50
CA ARG A 56 8.76 -1.22 -6.86
C ARG A 56 7.31 -0.80 -6.80
N ILE A 57 6.99 0.47 -6.51
CA ILE A 57 5.58 0.86 -6.43
C ILE A 57 4.87 0.70 -7.78
N ARG A 58 5.50 1.12 -8.90
CA ARG A 58 4.89 0.97 -10.21
C ARG A 58 4.80 -0.50 -10.61
N GLU A 59 5.81 -1.30 -10.30
CA GLU A 59 5.75 -2.74 -10.47
C GLU A 59 4.54 -3.30 -9.71
N LEU A 60 4.39 -2.96 -8.43
CA LEU A 60 3.28 -3.43 -7.61
C LEU A 60 1.95 -2.94 -8.14
N THR A 61 1.89 -1.81 -8.84
CA THR A 61 0.65 -1.39 -9.50
C THR A 61 0.26 -2.46 -10.52
N ALA A 62 1.20 -2.87 -11.38
CA ALA A 62 0.97 -3.85 -12.41
C ALA A 62 0.63 -5.22 -11.84
N VAL A 63 1.38 -5.71 -10.83
CA VAL A 63 1.04 -7.01 -10.26
C VAL A 63 -0.29 -6.92 -9.50
N VAL A 64 -0.62 -5.85 -8.76
CA VAL A 64 -1.95 -5.69 -8.15
C VAL A 64 -3.02 -5.70 -9.25
N GLN A 65 -2.80 -5.01 -10.35
CA GLN A 65 -3.69 -4.98 -11.50
C GLN A 65 -3.98 -6.41 -12.00
N LYS A 66 -2.98 -7.31 -12.04
CA LYS A 66 -3.17 -8.72 -12.34
C LYS A 66 -3.95 -9.37 -11.19
N ARG A 67 -3.35 -9.42 -10.00
CA ARG A 67 -3.77 -10.20 -8.83
C ARG A 67 -5.22 -9.88 -8.42
N PHE A 68 -5.62 -8.62 -8.51
CA PHE A 68 -6.91 -8.13 -8.07
C PHE A 68 -7.80 -7.77 -9.26
N GLY A 69 -7.31 -7.83 -10.51
CA GLY A 69 -8.11 -7.60 -11.70
C GLY A 69 -8.74 -6.22 -11.67
N PHE A 70 -7.92 -5.20 -11.42
CA PHE A 70 -8.39 -3.82 -11.37
C PHE A 70 -8.54 -3.27 -12.79
N PRO A 71 -9.42 -2.27 -13.00
CA PRO A 71 -9.40 -1.44 -14.19
C PRO A 71 -8.20 -0.50 -14.10
N GLU A 72 -7.28 -0.66 -15.05
CA GLU A 72 -6.14 0.21 -15.24
C GLU A 72 -6.60 1.66 -15.46
N GLY A 73 -5.86 2.63 -14.94
CA GLY A 73 -6.26 4.03 -14.83
C GLY A 73 -7.10 4.26 -13.56
N SER A 74 -8.08 3.40 -13.32
CA SER A 74 -8.94 3.41 -12.14
C SER A 74 -8.33 2.72 -10.90
N VAL A 75 -7.02 2.49 -10.88
CA VAL A 75 -6.29 2.05 -9.70
C VAL A 75 -5.00 2.88 -9.61
N GLU A 76 -4.66 3.35 -8.40
CA GLU A 76 -3.45 4.08 -8.02
C GLU A 76 -2.89 3.42 -6.77
N LEU A 77 -1.57 3.20 -6.74
CA LEU A 77 -0.87 2.72 -5.56
C LEU A 77 0.01 3.85 -5.06
N TYR A 78 -0.04 4.03 -3.75
CA TYR A 78 0.72 5.00 -2.97
C TYR A 78 1.43 4.26 -1.83
N ALA A 79 2.22 4.99 -1.04
CA ALA A 79 2.75 4.51 0.23
C ALA A 79 2.62 5.64 1.24
N GLU A 80 2.63 5.28 2.51
CA GLU A 80 2.60 6.13 3.67
C GLU A 80 3.57 5.51 4.67
N LYS A 81 4.11 6.36 5.53
CA LYS A 81 5.07 5.94 6.50
C LYS A 81 4.34 5.65 7.81
N VAL A 82 4.69 4.54 8.44
CA VAL A 82 4.21 4.24 9.76
C VAL A 82 4.99 5.06 10.79
N ALA A 83 4.31 5.51 11.83
CA ALA A 83 4.88 6.17 12.99
C ALA A 83 3.80 6.25 14.06
N THR A 84 4.03 7.02 15.13
CA THR A 84 3.06 7.19 16.23
C THR A 84 2.70 8.66 16.50
N ARG A 85 3.49 9.61 16.00
CA ARG A 85 3.18 11.04 16.04
C ARG A 85 1.89 11.30 15.29
N GLY A 86 0.83 11.70 15.99
CA GLY A 86 -0.06 12.68 15.41
C GLY A 86 0.73 13.96 15.15
N SER A 87 0.29 14.68 14.12
CA SER A 87 0.89 15.91 13.58
C SER A 87 -0.22 16.98 13.48
N GLY A 88 0.13 18.25 13.24
CA GLY A 88 -0.77 19.35 13.54
C GLY A 88 -0.44 20.65 12.81
N PRO A 89 -0.82 21.82 13.38
CA PRO A 89 -0.60 23.13 12.76
C PRO A 89 0.90 23.44 12.72
N SER A 90 1.51 23.16 11.57
CA SER A 90 2.88 23.46 11.22
C SER A 90 2.88 24.79 10.46
N SER A 91 2.27 24.80 9.27
CA SER A 91 2.64 25.70 8.18
C SER A 91 4.13 25.57 7.84
N GLY A 92 4.61 26.40 6.93
CA GLY A 92 5.98 26.48 6.46
C GLY A 92 5.92 26.45 4.96
N GLY A 1 -1.21 -4.17 10.03
CA GLY A 1 -2.14 -4.68 11.04
C GLY A 1 -2.99 -5.76 10.43
N SER A 2 -3.64 -6.58 11.27
CA SER A 2 -4.26 -7.84 10.82
C SER A 2 -5.39 -7.57 9.83
N SER A 3 -6.05 -6.41 9.91
CA SER A 3 -7.08 -5.92 9.00
C SER A 3 -8.02 -7.05 8.55
N GLY A 4 -8.61 -7.72 9.54
CA GLY A 4 -9.28 -9.00 9.38
C GLY A 4 -10.66 -8.87 8.74
N SER A 5 -11.34 -10.03 8.72
CA SER A 5 -12.56 -10.28 7.98
C SER A 5 -12.24 -10.31 6.48
N SER A 6 -12.13 -11.54 5.97
CA SER A 6 -11.80 -11.91 4.61
C SER A 6 -12.54 -11.01 3.63
N GLY A 7 -11.83 -10.56 2.61
CA GLY A 7 -12.22 -9.48 1.73
C GLY A 7 -10.98 -9.00 0.98
N PHE A 8 -11.11 -7.89 0.25
CA PHE A 8 -10.01 -7.30 -0.50
C PHE A 8 -8.81 -7.02 0.41
N LYS A 9 -9.06 -6.30 1.51
CA LYS A 9 -8.02 -5.76 2.36
C LYS A 9 -7.14 -6.88 2.92
N ALA A 10 -7.74 -8.02 3.28
CA ALA A 10 -7.01 -9.18 3.74
C ALA A 10 -6.08 -9.71 2.65
N GLU A 11 -6.62 -10.01 1.46
CA GLU A 11 -5.82 -10.53 0.35
C GLU A 11 -4.66 -9.61 0.00
N LEU A 12 -4.91 -8.30 -0.03
CA LEU A 12 -3.90 -7.31 -0.38
C LEU A 12 -2.85 -7.19 0.72
N ASN A 13 -3.27 -7.25 1.99
CA ASN A 13 -2.38 -7.24 3.15
C ASN A 13 -1.45 -8.43 3.06
N GLU A 14 -2.02 -9.62 2.86
CA GLU A 14 -1.31 -10.88 2.74
C GLU A 14 -0.34 -10.88 1.55
N PHE A 15 -0.69 -10.28 0.43
CA PHE A 15 0.17 -10.12 -0.75
C PHE A 15 1.39 -9.28 -0.35
N LEU A 16 1.14 -8.08 0.15
CA LEU A 16 2.14 -7.08 0.49
C LEU A 16 3.06 -7.55 1.61
N THR A 17 2.54 -8.37 2.54
CA THR A 17 3.27 -8.97 3.65
C THR A 17 4.58 -9.61 3.16
N ARG A 18 4.54 -10.28 2.00
CA ARG A 18 5.69 -10.99 1.45
C ARG A 18 6.49 -10.08 0.52
N GLU A 19 5.80 -9.35 -0.36
CA GLU A 19 6.44 -8.46 -1.34
C GLU A 19 7.36 -7.43 -0.69
N LEU A 20 7.03 -7.02 0.54
CA LEU A 20 7.70 -5.94 1.25
C LEU A 20 8.19 -6.42 2.63
N ALA A 21 8.38 -7.74 2.80
CA ALA A 21 8.80 -8.34 4.05
C ALA A 21 10.09 -7.68 4.55
N GLU A 22 11.18 -7.81 3.79
CA GLU A 22 12.47 -7.21 4.16
C GLU A 22 12.47 -5.69 3.97
N ASP A 23 11.50 -5.15 3.22
CA ASP A 23 11.44 -3.72 2.97
C ASP A 23 11.06 -2.97 4.24
N GLY A 24 10.20 -3.58 5.07
CA GLY A 24 9.75 -3.02 6.33
C GLY A 24 8.24 -2.88 6.43
N TYR A 25 7.46 -3.72 5.74
CA TYR A 25 6.01 -3.66 5.72
C TYR A 25 5.40 -3.66 7.13
N SER A 26 4.21 -3.07 7.23
CA SER A 26 3.45 -2.95 8.46
C SER A 26 1.96 -3.11 8.24
N GLY A 27 1.42 -2.68 7.11
CA GLY A 27 0.03 -2.91 6.79
C GLY A 27 -0.39 -2.10 5.58
N VAL A 28 -1.69 -2.06 5.32
CA VAL A 28 -2.23 -1.37 4.17
C VAL A 28 -3.60 -0.81 4.56
N GLU A 29 -3.95 0.31 3.94
CA GLU A 29 -5.25 0.94 4.04
C GLU A 29 -5.77 1.20 2.63
N VAL A 30 -7.09 1.37 2.54
CA VAL A 30 -7.85 1.29 1.32
C VAL A 30 -8.96 2.35 1.29
N ARG A 31 -9.01 3.13 0.21
CA ARG A 31 -10.06 4.11 -0.05
C ARG A 31 -10.63 3.83 -1.43
N VAL A 32 -11.82 4.37 -1.69
CA VAL A 32 -12.41 4.45 -3.01
C VAL A 32 -13.09 5.81 -3.11
N THR A 33 -12.61 6.66 -4.01
CA THR A 33 -13.21 7.97 -4.27
C THR A 33 -14.22 7.82 -5.42
N PRO A 34 -15.01 8.86 -5.76
CA PRO A 34 -15.80 8.89 -6.98
C PRO A 34 -14.91 9.08 -8.23
N THR A 35 -13.61 8.77 -8.15
CA THR A 35 -12.68 8.87 -9.25
C THR A 35 -11.90 7.56 -9.46
N ARG A 36 -11.41 6.92 -8.39
CA ARG A 36 -10.66 5.66 -8.47
C ARG A 36 -10.61 4.95 -7.12
N THR A 37 -10.09 3.73 -7.08
CA THR A 37 -9.60 3.14 -5.84
C THR A 37 -8.29 3.86 -5.46
N GLU A 38 -7.93 3.81 -4.17
CA GLU A 38 -6.67 4.28 -3.62
C GLU A 38 -6.16 3.18 -2.68
N ILE A 39 -4.91 2.75 -2.85
CA ILE A 39 -4.24 1.75 -2.02
C ILE A 39 -3.07 2.46 -1.36
N ILE A 40 -2.98 2.44 -0.03
CA ILE A 40 -1.93 3.12 0.71
C ILE A 40 -1.23 2.06 1.55
N ILE A 41 -0.03 1.65 1.13
CA ILE A 41 0.84 0.77 1.89
C ILE A 41 1.41 1.58 3.05
N LEU A 42 1.38 1.00 4.25
CA LEU A 42 1.99 1.49 5.48
C LEU A 42 3.26 0.67 5.69
N ALA A 43 4.43 1.29 5.65
CA ALA A 43 5.70 0.64 5.94
C ALA A 43 6.64 1.62 6.63
N THR A 44 7.76 1.14 7.19
CA THR A 44 8.70 1.99 7.89
C THR A 44 9.49 2.88 6.93
N ARG A 45 9.76 2.42 5.71
CA ARG A 45 10.72 3.03 4.79
C ARG A 45 10.03 3.14 3.43
N THR A 46 9.21 4.16 3.22
CA THR A 46 8.50 4.38 1.95
C THR A 46 9.48 4.37 0.78
N GLN A 47 10.61 5.04 0.94
CA GLN A 47 11.69 5.13 -0.04
C GLN A 47 12.22 3.74 -0.45
N ASN A 48 12.17 2.74 0.44
CA ASN A 48 12.49 1.36 0.10
C ASN A 48 11.40 0.79 -0.80
N VAL A 49 10.13 0.91 -0.37
CA VAL A 49 8.97 0.35 -1.04
C VAL A 49 8.82 0.90 -2.47
N LEU A 50 9.19 2.17 -2.68
CA LEU A 50 9.10 2.81 -3.98
C LEU A 50 10.11 2.20 -4.97
N GLY A 51 11.30 1.81 -4.51
CA GLY A 51 12.39 1.36 -5.37
C GLY A 51 12.98 2.52 -6.19
N GLU A 52 13.98 2.21 -7.02
CA GLU A 52 14.72 3.15 -7.86
C GLU A 52 13.74 3.94 -8.73
N LYS A 53 13.60 5.24 -8.41
CA LYS A 53 12.70 6.18 -9.10
C LYS A 53 11.30 5.58 -9.31
N GLY A 54 10.76 4.91 -8.28
CA GLY A 54 9.42 4.37 -8.31
C GLY A 54 9.33 2.97 -8.93
N ARG A 55 10.48 2.29 -9.14
CA ARG A 55 10.59 0.95 -9.71
C ARG A 55 9.50 0.01 -9.18
N ARG A 56 9.56 -0.27 -7.88
CA ARG A 56 8.70 -1.27 -7.26
C ARG A 56 7.27 -0.82 -7.27
N ILE A 57 6.96 0.42 -6.88
CA ILE A 57 5.55 0.81 -6.77
C ILE A 57 4.85 0.66 -8.13
N ARG A 58 5.51 1.05 -9.23
CA ARG A 58 5.00 0.89 -10.58
C ARG A 58 4.89 -0.58 -10.96
N GLU A 59 5.92 -1.39 -10.68
CA GLU A 59 5.91 -2.82 -10.95
C GLU A 59 4.73 -3.47 -10.22
N LEU A 60 4.63 -3.28 -8.91
CA LEU A 60 3.59 -3.80 -8.05
C LEU A 60 2.21 -3.34 -8.51
N THR A 61 2.07 -2.12 -9.05
CA THR A 61 0.82 -1.67 -9.65
C THR A 61 0.38 -2.67 -10.71
N ALA A 62 1.27 -3.04 -11.65
CA ALA A 62 0.96 -4.02 -12.69
C ALA A 62 0.69 -5.40 -12.11
N VAL A 63 1.46 -5.82 -11.10
CA VAL A 63 1.22 -7.12 -10.48
C VAL A 63 -0.22 -7.13 -9.92
N VAL A 64 -0.57 -6.14 -9.09
CA VAL A 64 -1.88 -5.97 -8.45
C VAL A 64 -2.98 -5.83 -9.51
N GLN A 65 -2.74 -5.09 -10.60
CA GLN A 65 -3.71 -4.92 -11.68
C GLN A 65 -4.06 -6.25 -12.37
N LYS A 66 -3.20 -7.27 -12.26
CA LYS A 66 -3.53 -8.64 -12.68
C LYS A 66 -4.06 -9.45 -11.51
N ARG A 67 -3.36 -9.47 -10.37
CA ARG A 67 -3.71 -10.25 -9.17
C ARG A 67 -5.17 -9.99 -8.77
N PHE A 68 -5.55 -8.72 -8.73
CA PHE A 68 -6.86 -8.23 -8.31
C PHE A 68 -7.66 -7.71 -9.51
N GLY A 69 -7.18 -7.91 -10.74
CA GLY A 69 -7.89 -7.61 -11.99
C GLY A 69 -8.35 -6.16 -12.12
N PHE A 70 -7.72 -5.22 -11.39
CA PHE A 70 -8.21 -3.85 -11.29
C PHE A 70 -8.35 -3.20 -12.66
N PRO A 71 -9.34 -2.30 -12.83
CA PRO A 71 -9.41 -1.42 -13.99
C PRO A 71 -8.13 -0.57 -14.10
N GLU A 72 -7.52 -0.57 -15.28
CA GLU A 72 -6.45 0.35 -15.62
C GLU A 72 -6.99 1.79 -15.56
N GLY A 73 -6.12 2.77 -15.29
CA GLY A 73 -6.44 4.14 -14.88
C GLY A 73 -7.00 4.24 -13.44
N SER A 74 -7.92 3.37 -13.05
CA SER A 74 -8.75 3.47 -11.86
C SER A 74 -8.17 2.80 -10.60
N VAL A 75 -6.88 2.50 -10.53
CA VAL A 75 -6.18 2.08 -9.32
C VAL A 75 -4.98 3.02 -9.14
N GLU A 76 -4.68 3.43 -7.91
CA GLU A 76 -3.40 4.03 -7.57
C GLU A 76 -2.80 3.35 -6.35
N LEU A 77 -1.47 3.33 -6.29
CA LEU A 77 -0.71 2.77 -5.18
C LEU A 77 0.14 3.91 -4.61
N TYR A 78 0.01 4.12 -3.31
CA TYR A 78 0.70 5.15 -2.56
C TYR A 78 1.53 4.52 -1.44
N ALA A 79 2.32 5.33 -0.75
CA ALA A 79 3.29 4.87 0.24
C ALA A 79 3.29 5.86 1.40
N GLU A 80 2.77 5.43 2.56
CA GLU A 80 2.79 6.19 3.79
C GLU A 80 3.86 5.60 4.69
N LYS A 81 4.55 6.48 5.41
CA LYS A 81 5.46 6.05 6.47
C LYS A 81 4.60 5.67 7.67
N VAL A 82 5.11 4.73 8.45
CA VAL A 82 4.58 4.40 9.77
C VAL A 82 4.84 5.49 10.81
N ALA A 83 5.67 6.46 10.45
CA ALA A 83 6.10 7.55 11.29
C ALA A 83 6.71 7.04 12.60
N THR A 84 6.32 7.54 13.77
CA THR A 84 6.98 7.27 15.06
C THR A 84 5.92 6.85 16.10
N ARG A 85 5.02 5.94 15.72
CA ARG A 85 3.92 5.52 16.58
C ARG A 85 4.44 4.99 17.92
N GLY A 86 3.61 5.06 18.95
CA GLY A 86 3.89 4.54 20.29
C GLY A 86 4.19 5.68 21.25
N SER A 87 3.15 6.36 21.74
CA SER A 87 3.22 7.56 22.58
C SER A 87 4.03 8.70 21.93
N GLY A 88 4.04 9.85 22.58
CA GLY A 88 4.56 11.10 22.06
C GLY A 88 3.57 12.23 22.33
N PRO A 89 3.89 13.47 21.92
CA PRO A 89 3.02 14.62 22.10
C PRO A 89 1.80 14.55 21.18
N SER A 90 0.66 15.00 21.71
CA SER A 90 -0.65 15.05 21.09
C SER A 90 -1.19 13.69 20.64
N SER A 91 -2.48 13.66 20.28
CA SER A 91 -3.26 12.47 19.98
C SER A 91 -4.19 12.73 18.80
N GLY A 92 -4.85 11.68 18.33
CA GLY A 92 -5.98 11.69 17.42
C GLY A 92 -6.61 10.31 17.48
N GLY A 1 -23.24 -12.64 13.36
CA GLY A 1 -22.33 -11.79 14.13
C GLY A 1 -21.39 -11.11 13.17
N SER A 2 -20.07 -11.27 13.38
CA SER A 2 -19.07 -10.97 12.37
C SER A 2 -18.32 -12.24 12.00
N SER A 3 -17.66 -12.90 12.96
CA SER A 3 -16.74 -14.02 12.76
C SER A 3 -15.51 -13.54 11.98
N GLY A 4 -15.67 -13.25 10.69
CA GLY A 4 -14.69 -12.69 9.77
C GLY A 4 -15.24 -12.87 8.35
N SER A 5 -14.69 -12.17 7.37
CA SER A 5 -15.03 -12.28 5.96
C SER A 5 -13.83 -11.85 5.15
N SER A 6 -13.59 -12.56 4.05
CA SER A 6 -12.66 -12.11 3.04
C SER A 6 -13.15 -10.79 2.46
N GLY A 7 -12.20 -10.01 1.98
CA GLY A 7 -12.35 -8.67 1.49
C GLY A 7 -11.00 -8.27 0.93
N PHE A 8 -11.00 -7.24 0.09
CA PHE A 8 -9.81 -6.80 -0.62
C PHE A 8 -8.61 -6.60 0.31
N LYS A 9 -8.85 -5.92 1.43
CA LYS A 9 -7.78 -5.49 2.32
C LYS A 9 -6.97 -6.65 2.92
N ALA A 10 -7.63 -7.76 3.23
CA ALA A 10 -7.00 -8.99 3.71
C ALA A 10 -6.09 -9.54 2.63
N GLU A 11 -6.66 -9.85 1.47
CA GLU A 11 -5.92 -10.47 0.37
C GLU A 11 -4.70 -9.63 -0.02
N LEU A 12 -4.86 -8.32 -0.03
CA LEU A 12 -3.80 -7.39 -0.38
C LEU A 12 -2.73 -7.36 0.71
N ASN A 13 -3.12 -7.38 1.99
CA ASN A 13 -2.17 -7.45 3.11
C ASN A 13 -1.32 -8.69 2.99
N GLU A 14 -1.96 -9.86 2.88
CA GLU A 14 -1.26 -11.14 2.79
C GLU A 14 -0.29 -11.19 1.61
N PHE A 15 -0.63 -10.55 0.48
CA PHE A 15 0.23 -10.42 -0.68
C PHE A 15 1.44 -9.53 -0.37
N LEU A 16 1.19 -8.29 0.04
CA LEU A 16 2.20 -7.25 0.28
C LEU A 16 3.17 -7.65 1.38
N THR A 17 2.70 -8.40 2.37
CA THR A 17 3.49 -8.94 3.46
C THR A 17 4.78 -9.60 2.96
N ARG A 18 4.72 -10.32 1.83
CA ARG A 18 5.91 -10.96 1.26
C ARG A 18 6.64 -10.03 0.32
N GLU A 19 5.92 -9.26 -0.51
CA GLU A 19 6.52 -8.36 -1.49
C GLU A 19 7.39 -7.28 -0.85
N LEU A 20 7.20 -6.99 0.45
CA LEU A 20 7.88 -5.96 1.22
C LEU A 20 8.36 -6.51 2.57
N ALA A 21 8.56 -7.83 2.65
CA ALA A 21 8.89 -8.56 3.87
C ALA A 21 10.13 -7.98 4.55
N GLU A 22 11.23 -7.92 3.79
CA GLU A 22 12.51 -7.39 4.24
C GLU A 22 12.38 -5.92 4.62
N ASP A 23 11.70 -5.14 3.77
CA ASP A 23 11.77 -3.68 3.79
C ASP A 23 11.21 -3.08 5.05
N GLY A 24 10.22 -3.73 5.66
CA GLY A 24 9.53 -3.19 6.82
C GLY A 24 8.11 -2.75 6.54
N TYR A 25 7.38 -3.54 5.76
CA TYR A 25 5.93 -3.50 5.70
C TYR A 25 5.32 -3.57 7.12
N SER A 26 4.11 -3.04 7.27
CA SER A 26 3.30 -3.12 8.47
C SER A 26 1.86 -3.50 8.10
N GLY A 27 1.29 -2.86 7.08
CA GLY A 27 -0.09 -3.07 6.68
C GLY A 27 -0.43 -2.14 5.53
N VAL A 28 -1.71 -1.97 5.24
CA VAL A 28 -2.15 -1.16 4.11
C VAL A 28 -3.56 -0.67 4.38
N GLU A 29 -3.91 0.48 3.82
CA GLU A 29 -5.25 1.04 3.91
C GLU A 29 -5.80 1.25 2.50
N VAL A 30 -7.12 1.18 2.41
CA VAL A 30 -7.88 1.24 1.15
C VAL A 30 -8.91 2.35 1.29
N ARG A 31 -9.23 2.99 0.15
CA ARG A 31 -10.39 3.84 -0.02
C ARG A 31 -11.07 3.43 -1.33
N VAL A 32 -12.38 3.66 -1.42
CA VAL A 32 -13.07 3.83 -2.69
C VAL A 32 -13.17 5.34 -2.83
N THR A 33 -12.90 5.89 -4.00
CA THR A 33 -13.26 7.27 -4.31
C THR A 33 -14.19 7.30 -5.51
N PRO A 34 -14.87 8.42 -5.78
CA PRO A 34 -15.68 8.58 -6.99
C PRO A 34 -14.82 8.72 -8.24
N THR A 35 -13.49 8.67 -8.14
CA THR A 35 -12.60 8.77 -9.29
C THR A 35 -11.85 7.47 -9.57
N ARG A 36 -11.25 6.85 -8.53
CA ARG A 36 -10.54 5.57 -8.67
C ARG A 36 -10.37 4.92 -7.29
N THR A 37 -9.87 3.68 -7.26
CA THR A 37 -9.33 3.13 -6.02
C THR A 37 -8.05 3.88 -5.66
N GLU A 38 -7.77 3.98 -4.36
CA GLU A 38 -6.45 4.33 -3.85
C GLU A 38 -6.02 3.23 -2.89
N ILE A 39 -4.72 2.92 -2.90
CA ILE A 39 -4.08 1.90 -2.09
C ILE A 39 -2.88 2.55 -1.42
N ILE A 40 -2.79 2.53 -0.08
CA ILE A 40 -1.76 3.24 0.65
C ILE A 40 -1.09 2.25 1.61
N ILE A 41 0.08 1.71 1.24
CA ILE A 41 0.88 0.84 2.11
C ILE A 41 1.37 1.65 3.30
N LEU A 42 1.22 1.07 4.48
CA LEU A 42 1.85 1.47 5.72
C LEU A 42 3.13 0.64 5.83
N ALA A 43 4.29 1.27 5.65
CA ALA A 43 5.59 0.63 5.89
C ALA A 43 6.53 1.63 6.57
N THR A 44 7.70 1.17 6.99
CA THR A 44 8.68 2.04 7.64
C THR A 44 9.52 2.80 6.61
N ARG A 45 9.88 2.16 5.50
CA ARG A 45 10.95 2.60 4.60
C ARG A 45 10.33 2.91 3.25
N THR A 46 9.46 3.91 3.23
CA THR A 46 8.68 4.40 2.10
C THR A 46 9.50 4.50 0.81
N GLN A 47 10.69 5.12 0.84
CA GLN A 47 11.52 5.24 -0.36
C GLN A 47 11.89 3.87 -0.93
N ASN A 48 12.07 2.85 -0.10
CA ASN A 48 12.47 1.52 -0.55
C ASN A 48 11.28 0.73 -1.08
N VAL A 49 10.09 0.96 -0.51
CA VAL A 49 8.82 0.47 -1.05
C VAL A 49 8.57 1.07 -2.44
N LEU A 50 8.85 2.37 -2.62
CA LEU A 50 8.82 2.99 -3.93
C LEU A 50 9.85 2.33 -4.85
N GLY A 51 11.05 2.09 -4.33
CA GLY A 51 12.18 1.58 -5.07
C GLY A 51 12.84 2.68 -5.90
N GLU A 52 13.95 2.33 -6.53
CA GLU A 52 14.75 3.22 -7.34
C GLU A 52 13.91 3.84 -8.46
N LYS A 53 13.71 5.16 -8.42
CA LYS A 53 12.87 5.90 -9.39
C LYS A 53 11.46 5.30 -9.44
N GLY A 54 10.96 4.80 -8.30
CA GLY A 54 9.63 4.22 -8.22
C GLY A 54 9.54 2.84 -8.88
N ARG A 55 10.64 2.10 -9.04
CA ARG A 55 10.61 0.82 -9.74
C ARG A 55 9.65 -0.15 -9.09
N ARG A 56 9.78 -0.37 -7.77
CA ARG A 56 8.97 -1.36 -7.08
C ARG A 56 7.51 -0.93 -7.13
N ILE A 57 7.18 0.34 -6.88
CA ILE A 57 5.77 0.76 -6.93
C ILE A 57 5.16 0.47 -8.30
N ARG A 58 5.87 0.70 -9.41
CA ARG A 58 5.33 0.37 -10.73
C ARG A 58 5.15 -1.13 -10.93
N GLU A 59 6.12 -1.96 -10.56
CA GLU A 59 5.98 -3.41 -10.64
C GLU A 59 4.76 -3.83 -9.82
N LEU A 60 4.74 -3.43 -8.55
CA LEU A 60 3.69 -3.75 -7.58
C LEU A 60 2.32 -3.23 -8.02
N THR A 61 2.24 -2.15 -8.80
CA THR A 61 1.01 -1.71 -9.43
C THR A 61 0.51 -2.79 -10.39
N ALA A 62 1.31 -3.15 -11.39
CA ALA A 62 0.91 -4.03 -12.49
C ALA A 62 0.53 -5.42 -11.99
N VAL A 63 1.35 -5.99 -11.10
CA VAL A 63 1.09 -7.29 -10.49
C VAL A 63 -0.26 -7.23 -9.77
N VAL A 64 -0.50 -6.22 -8.92
CA VAL A 64 -1.75 -6.04 -8.17
C VAL A 64 -2.90 -5.91 -9.15
N GLN A 65 -2.77 -5.03 -10.15
CA GLN A 65 -3.80 -4.73 -11.12
C GLN A 65 -4.36 -6.01 -11.72
N LYS A 66 -3.47 -6.93 -12.10
CA LYS A 66 -3.85 -8.20 -12.72
C LYS A 66 -4.44 -9.10 -11.63
N ARG A 67 -3.72 -9.30 -10.52
CA ARG A 67 -4.11 -10.18 -9.43
C ARG A 67 -5.54 -9.90 -8.97
N PHE A 68 -5.80 -8.65 -8.62
CA PHE A 68 -7.02 -8.15 -8.02
C PHE A 68 -8.05 -7.70 -9.06
N GLY A 69 -7.74 -7.85 -10.36
CA GLY A 69 -8.64 -7.49 -11.46
C GLY A 69 -9.12 -6.06 -11.31
N PHE A 70 -8.20 -5.11 -11.11
CA PHE A 70 -8.54 -3.70 -11.05
C PHE A 70 -8.84 -3.20 -12.46
N PRO A 71 -9.71 -2.20 -12.62
CA PRO A 71 -9.76 -1.41 -13.83
C PRO A 71 -8.46 -0.62 -13.97
N GLU A 72 -7.78 -0.79 -15.09
CA GLU A 72 -6.65 0.05 -15.47
C GLU A 72 -7.12 1.51 -15.60
N GLY A 73 -6.23 2.48 -15.40
CA GLY A 73 -6.59 3.89 -15.27
C GLY A 73 -7.26 4.24 -13.93
N SER A 74 -7.72 3.24 -13.16
CA SER A 74 -8.68 3.43 -12.10
C SER A 74 -8.26 2.73 -10.80
N VAL A 75 -6.96 2.58 -10.61
CA VAL A 75 -6.33 2.33 -9.31
C VAL A 75 -5.06 3.20 -9.24
N GLU A 76 -4.71 3.70 -8.05
CA GLU A 76 -3.42 4.34 -7.76
C GLU A 76 -2.82 3.70 -6.52
N LEU A 77 -1.49 3.66 -6.49
CA LEU A 77 -0.69 3.15 -5.39
C LEU A 77 0.09 4.31 -4.77
N TYR A 78 0.13 4.32 -3.44
CA TYR A 78 0.81 5.26 -2.57
C TYR A 78 1.56 4.50 -1.47
N ALA A 79 2.45 5.17 -0.74
CA ALA A 79 3.27 4.63 0.34
C ALA A 79 3.35 5.67 1.47
N GLU A 80 2.71 5.39 2.61
CA GLU A 80 2.73 6.25 3.80
C GLU A 80 3.66 5.64 4.84
N LYS A 81 4.19 6.45 5.75
CA LYS A 81 4.98 5.91 6.84
C LYS A 81 4.09 5.49 7.99
N VAL A 82 4.48 4.42 8.67
CA VAL A 82 3.89 4.02 9.95
C VAL A 82 4.30 5.04 11.01
N ALA A 83 3.52 5.14 12.09
CA ALA A 83 3.84 5.90 13.29
C ALA A 83 2.78 5.60 14.34
N THR A 84 2.82 6.37 15.45
CA THR A 84 1.71 6.41 16.39
C THR A 84 1.47 7.84 16.89
N ARG A 85 2.46 8.75 16.87
CA ARG A 85 2.27 10.20 16.96
C ARG A 85 3.56 10.90 16.51
N GLY A 86 3.49 12.18 16.17
CA GLY A 86 4.61 13.03 15.78
C GLY A 86 4.44 14.40 16.41
N SER A 87 5.51 15.20 16.44
CA SER A 87 5.54 16.51 17.08
C SER A 87 6.71 17.30 16.49
N GLY A 88 6.58 18.62 16.36
CA GLY A 88 7.58 19.50 15.74
C GLY A 88 7.91 20.63 16.71
N PRO A 89 8.79 20.40 17.70
CA PRO A 89 9.13 21.43 18.66
C PRO A 89 10.10 22.46 18.03
N SER A 90 9.90 23.73 18.38
CA SER A 90 10.67 24.92 17.98
C SER A 90 10.14 25.50 16.67
N SER A 91 10.47 26.75 16.38
CA SER A 91 10.07 27.47 15.19
C SER A 91 11.23 28.37 14.78
N GLY A 92 12.08 27.88 13.87
CA GLY A 92 13.24 28.55 13.35
C GLY A 92 13.70 27.69 12.19
N GLY A 1 -1.54 -12.56 14.83
CA GLY A 1 -2.49 -13.48 14.19
C GLY A 1 -3.64 -12.71 13.58
N SER A 2 -3.41 -12.11 12.41
CA SER A 2 -4.46 -11.59 11.56
C SER A 2 -4.97 -12.75 10.68
N SER A 3 -6.19 -12.69 10.17
CA SER A 3 -6.77 -13.70 9.28
C SER A 3 -7.84 -13.04 8.40
N GLY A 4 -8.34 -13.77 7.39
CA GLY A 4 -9.27 -13.27 6.40
C GLY A 4 -9.70 -14.41 5.49
N SER A 5 -10.95 -14.85 5.60
CA SER A 5 -11.50 -15.87 4.72
C SER A 5 -11.68 -15.26 3.32
N SER A 6 -12.50 -14.22 3.19
CA SER A 6 -12.79 -13.61 1.89
C SER A 6 -12.95 -12.09 2.02
N GLY A 7 -11.85 -11.37 1.98
CA GLY A 7 -11.82 -9.92 1.99
C GLY A 7 -10.76 -9.38 1.06
N PHE A 8 -11.09 -8.36 0.27
CA PHE A 8 -10.13 -7.68 -0.59
C PHE A 8 -8.90 -7.24 0.22
N LYS A 9 -9.15 -6.49 1.29
CA LYS A 9 -8.09 -5.93 2.11
C LYS A 9 -7.22 -7.04 2.71
N ALA A 10 -7.81 -8.19 3.04
CA ALA A 10 -7.08 -9.34 3.58
C ALA A 10 -6.12 -9.86 2.53
N GLU A 11 -6.61 -10.28 1.35
CA GLU A 11 -5.75 -10.80 0.30
C GLU A 11 -4.64 -9.81 -0.06
N LEU A 12 -4.97 -8.52 -0.08
CA LEU A 12 -4.04 -7.47 -0.41
C LEU A 12 -2.96 -7.34 0.68
N ASN A 13 -3.34 -7.37 1.95
CA ASN A 13 -2.39 -7.40 3.08
C ASN A 13 -1.54 -8.66 3.02
N GLU A 14 -2.11 -9.83 2.73
CA GLU A 14 -1.41 -11.11 2.65
C GLU A 14 -0.50 -11.20 1.43
N PHE A 15 -0.78 -10.45 0.37
CA PHE A 15 0.07 -10.27 -0.81
C PHE A 15 1.25 -9.39 -0.42
N LEU A 16 0.97 -8.14 -0.06
CA LEU A 16 1.91 -7.10 0.37
C LEU A 16 2.84 -7.60 1.48
N THR A 17 2.32 -8.31 2.49
CA THR A 17 3.12 -8.86 3.58
C THR A 17 4.28 -9.70 3.05
N ARG A 18 4.08 -10.38 1.92
CA ARG A 18 5.07 -11.26 1.33
C ARG A 18 5.92 -10.48 0.33
N GLU A 19 5.31 -9.60 -0.48
CA GLU A 19 6.00 -8.78 -1.48
C GLU A 19 7.10 -7.92 -0.89
N LEU A 20 6.85 -7.29 0.27
CA LEU A 20 7.74 -6.34 0.93
C LEU A 20 8.20 -6.92 2.27
N ALA A 21 8.24 -8.25 2.38
CA ALA A 21 8.69 -8.98 3.56
C ALA A 21 10.07 -8.53 4.01
N GLU A 22 10.97 -8.27 3.07
CA GLU A 22 12.34 -7.88 3.36
C GLU A 22 12.46 -6.39 3.75
N ASP A 23 11.43 -5.57 3.49
CA ASP A 23 11.59 -4.12 3.39
C ASP A 23 11.27 -3.37 4.68
N GLY A 24 10.47 -3.94 5.58
CA GLY A 24 9.91 -3.22 6.73
C GLY A 24 8.45 -2.85 6.52
N TYR A 25 7.67 -3.69 5.86
CA TYR A 25 6.23 -3.52 5.70
C TYR A 25 5.57 -3.50 7.07
N SER A 26 4.34 -3.00 7.14
CA SER A 26 3.52 -3.00 8.33
C SER A 26 2.11 -3.40 7.90
N GLY A 27 1.48 -2.61 7.03
CA GLY A 27 0.12 -2.85 6.63
C GLY A 27 -0.24 -2.00 5.44
N VAL A 28 -1.51 -1.93 5.13
CA VAL A 28 -2.03 -1.18 4.01
C VAL A 28 -3.35 -0.57 4.46
N GLU A 29 -3.78 0.52 3.86
CA GLU A 29 -5.16 0.96 3.90
C GLU A 29 -5.67 1.16 2.48
N VAL A 30 -6.98 1.24 2.38
CA VAL A 30 -7.74 1.23 1.16
C VAL A 30 -8.73 2.38 1.22
N ARG A 31 -8.88 3.06 0.08
CA ARG A 31 -9.84 4.12 -0.15
C ARG A 31 -10.53 3.82 -1.47
N VAL A 32 -11.84 4.03 -1.53
CA VAL A 32 -12.65 3.79 -2.73
C VAL A 32 -13.57 4.99 -2.83
N THR A 33 -13.42 5.77 -3.90
CA THR A 33 -13.97 7.11 -4.01
C THR A 33 -14.91 7.20 -5.22
N PRO A 34 -15.59 8.33 -5.47
CA PRO A 34 -16.30 8.54 -6.73
C PRO A 34 -15.33 8.80 -7.91
N THR A 35 -14.01 8.74 -7.72
CA THR A 35 -13.04 9.08 -8.77
C THR A 35 -12.25 7.84 -9.20
N ARG A 36 -11.64 7.08 -8.27
CA ARG A 36 -10.80 5.92 -8.53
C ARG A 36 -10.67 5.03 -7.29
N THR A 37 -10.02 3.88 -7.42
CA THR A 37 -9.52 3.12 -6.29
C THR A 37 -8.18 3.70 -5.83
N GLU A 38 -7.85 3.57 -4.55
CA GLU A 38 -6.63 4.04 -3.91
C GLU A 38 -6.19 2.98 -2.90
N ILE A 39 -4.88 2.78 -2.77
CA ILE A 39 -4.25 1.78 -1.91
C ILE A 39 -3.00 2.45 -1.33
N ILE A 40 -2.84 2.48 -0.01
CA ILE A 40 -1.78 3.20 0.68
C ILE A 40 -1.01 2.18 1.51
N ILE A 41 0.19 1.79 1.07
CA ILE A 41 1.07 0.93 1.86
C ILE A 41 1.60 1.75 3.03
N LEU A 42 1.50 1.19 4.23
CA LEU A 42 2.12 1.67 5.46
C LEU A 42 3.41 0.84 5.63
N ALA A 43 4.59 1.46 5.58
CA ALA A 43 5.85 0.77 5.87
C ALA A 43 6.82 1.68 6.64
N THR A 44 7.91 1.13 7.15
CA THR A 44 8.92 1.90 7.86
C THR A 44 9.70 2.83 6.91
N ARG A 45 9.91 2.43 5.65
CA ARG A 45 10.88 3.03 4.74
C ARG A 45 10.20 3.25 3.40
N THR A 46 9.49 4.37 3.25
CA THR A 46 8.78 4.74 2.03
C THR A 46 9.70 4.68 0.81
N GLN A 47 10.95 5.10 0.94
CA GLN A 47 11.97 5.03 -0.09
C GLN A 47 12.20 3.61 -0.58
N ASN A 48 12.28 2.63 0.33
CA ASN A 48 12.51 1.22 -0.02
C ASN A 48 11.26 0.68 -0.73
N VAL A 49 10.07 1.03 -0.26
CA VAL A 49 8.81 0.66 -0.90
C VAL A 49 8.78 1.21 -2.33
N LEU A 50 9.13 2.48 -2.54
CA LEU A 50 9.01 3.10 -3.86
C LEU A 50 10.06 2.54 -4.82
N GLY A 51 11.27 2.26 -4.33
CA GLY A 51 12.36 1.73 -5.14
C GLY A 51 13.03 2.83 -5.96
N GLU A 52 14.04 2.44 -6.73
CA GLU A 52 14.84 3.34 -7.58
C GLU A 52 13.91 4.12 -8.51
N LYS A 53 13.77 5.42 -8.25
CA LYS A 53 12.84 6.33 -8.93
C LYS A 53 11.46 5.69 -9.18
N GLY A 54 10.89 5.03 -8.17
CA GLY A 54 9.53 4.48 -8.25
C GLY A 54 9.43 3.10 -8.92
N ARG A 55 10.52 2.40 -9.22
CA ARG A 55 10.46 1.09 -9.88
C ARG A 55 9.58 0.08 -9.13
N ARG A 56 9.73 -0.05 -7.80
CA ARG A 56 8.95 -1.04 -7.05
C ARG A 56 7.46 -0.71 -7.11
N ILE A 57 7.06 0.55 -6.92
CA ILE A 57 5.63 0.88 -6.92
C ILE A 57 5.02 0.70 -8.32
N ARG A 58 5.77 0.98 -9.39
CA ARG A 58 5.36 0.69 -10.76
C ARG A 58 5.06 -0.80 -10.91
N GLU A 59 5.99 -1.65 -10.49
CA GLU A 59 5.82 -3.11 -10.43
C GLU A 59 4.55 -3.44 -9.65
N LEU A 60 4.47 -3.05 -8.36
CA LEU A 60 3.35 -3.42 -7.51
C LEU A 60 2.01 -2.97 -8.07
N THR A 61 1.94 -1.81 -8.73
CA THR A 61 0.73 -1.39 -9.40
C THR A 61 0.31 -2.45 -10.43
N ALA A 62 1.25 -2.92 -11.26
CA ALA A 62 0.98 -3.88 -12.33
C ALA A 62 0.66 -5.27 -11.77
N VAL A 63 1.38 -5.77 -10.75
CA VAL A 63 1.05 -7.06 -10.16
C VAL A 63 -0.32 -6.98 -9.45
N VAL A 64 -0.60 -5.94 -8.66
CA VAL A 64 -1.91 -5.73 -8.02
C VAL A 64 -2.99 -5.70 -9.10
N GLN A 65 -2.74 -4.98 -10.20
CA GLN A 65 -3.65 -4.93 -11.33
C GLN A 65 -4.00 -6.34 -11.81
N LYS A 66 -3.03 -7.23 -11.97
CA LYS A 66 -3.30 -8.60 -12.44
C LYS A 66 -3.99 -9.43 -11.37
N ARG A 67 -3.45 -9.46 -10.16
CA ARG A 67 -3.91 -10.30 -9.06
C ARG A 67 -5.36 -10.01 -8.72
N PHE A 68 -5.76 -8.74 -8.72
CA PHE A 68 -7.06 -8.28 -8.27
C PHE A 68 -7.96 -7.85 -9.44
N GLY A 69 -7.51 -8.01 -10.69
CA GLY A 69 -8.29 -7.71 -11.89
C GLY A 69 -8.62 -6.23 -12.03
N PHE A 70 -7.79 -5.33 -11.45
CA PHE A 70 -8.10 -3.91 -11.49
C PHE A 70 -7.99 -3.40 -12.93
N PRO A 71 -8.85 -2.43 -13.30
CA PRO A 71 -8.62 -1.58 -14.45
C PRO A 71 -7.35 -0.73 -14.26
N GLU A 72 -6.86 -0.14 -15.34
CA GLU A 72 -5.71 0.75 -15.29
C GLU A 72 -6.19 2.17 -15.01
N GLY A 73 -5.38 2.98 -14.31
CA GLY A 73 -5.66 4.37 -13.97
C GLY A 73 -6.64 4.50 -12.80
N SER A 74 -7.73 3.74 -12.84
CA SER A 74 -8.72 3.61 -11.78
C SER A 74 -8.20 2.81 -10.58
N VAL A 75 -6.90 2.49 -10.53
CA VAL A 75 -6.23 2.08 -9.30
C VAL A 75 -4.99 2.98 -9.19
N GLU A 76 -4.84 3.64 -8.04
CA GLU A 76 -3.65 4.35 -7.63
C GLU A 76 -3.06 3.61 -6.46
N LEU A 77 -1.73 3.65 -6.38
CA LEU A 77 -0.96 3.11 -5.27
C LEU A 77 -0.17 4.28 -4.71
N TYR A 78 -0.07 4.32 -3.39
CA TYR A 78 0.66 5.31 -2.61
C TYR A 78 1.51 4.58 -1.56
N ALA A 79 2.47 5.27 -0.94
CA ALA A 79 3.39 4.69 0.02
C ALA A 79 3.63 5.70 1.14
N GLU A 80 3.09 5.42 2.32
CA GLU A 80 3.13 6.28 3.50
C GLU A 80 4.00 5.66 4.58
N LYS A 81 4.55 6.50 5.46
CA LYS A 81 5.42 6.02 6.52
C LYS A 81 4.68 5.81 7.82
N VAL A 82 5.05 4.74 8.51
CA VAL A 82 4.68 4.48 9.89
C VAL A 82 5.39 5.51 10.77
N ALA A 83 4.81 5.79 11.94
CA ALA A 83 5.35 6.63 12.99
C ALA A 83 5.79 8.00 12.47
N THR A 84 5.00 8.55 11.54
CA THR A 84 5.10 9.92 11.09
C THR A 84 4.77 10.87 12.25
N ARG A 85 5.57 11.93 12.39
CA ARG A 85 5.54 12.91 13.47
C ARG A 85 6.21 14.21 13.06
N GLY A 86 6.16 14.55 11.76
CA GLY A 86 6.70 15.79 11.18
C GLY A 86 8.07 15.51 10.59
N SER A 87 9.09 16.26 11.01
CA SER A 87 10.50 15.97 10.71
C SER A 87 10.80 15.87 9.21
N GLY A 88 10.21 16.73 8.38
CA GLY A 88 10.43 16.76 6.93
C GLY A 88 11.24 17.99 6.52
N PRO A 89 12.58 17.96 6.58
CA PRO A 89 13.42 19.05 6.12
C PRO A 89 13.25 19.20 4.61
N SER A 90 12.39 20.14 4.20
CA SER A 90 11.97 20.31 2.82
C SER A 90 12.10 21.79 2.48
N SER A 91 12.91 22.11 1.48
CA SER A 91 13.34 23.46 1.15
C SER A 91 13.41 23.54 -0.37
N GLY A 92 12.37 24.09 -1.00
CA GLY A 92 12.03 23.75 -2.37
C GLY A 92 11.58 22.32 -2.34
N GLY A 1 -17.89 -17.16 11.85
CA GLY A 1 -18.06 -16.55 10.53
C GLY A 1 -16.73 -16.06 10.00
N SER A 2 -16.62 -15.96 8.67
CA SER A 2 -15.40 -15.66 7.93
C SER A 2 -14.27 -16.61 8.34
N SER A 3 -14.33 -17.85 7.82
CA SER A 3 -13.20 -18.75 7.89
C SER A 3 -12.12 -18.34 6.88
N GLY A 4 -10.97 -19.00 6.90
CA GLY A 4 -9.90 -18.91 5.93
C GLY A 4 -9.53 -17.48 5.60
N SER A 5 -9.85 -17.03 4.39
CA SER A 5 -9.57 -15.71 3.87
C SER A 5 -10.89 -15.09 3.41
N SER A 6 -11.08 -13.79 3.65
CA SER A 6 -12.14 -13.06 2.97
C SER A 6 -11.78 -11.57 2.87
N GLY A 7 -12.22 -10.96 1.78
CA GLY A 7 -12.21 -9.53 1.56
C GLY A 7 -10.93 -9.08 0.89
N PHE A 8 -11.05 -8.03 0.07
CA PHE A 8 -9.96 -7.43 -0.68
C PHE A 8 -8.81 -7.08 0.24
N LYS A 9 -9.14 -6.40 1.35
CA LYS A 9 -8.12 -5.91 2.26
C LYS A 9 -7.33 -7.09 2.85
N ALA A 10 -7.91 -8.28 3.03
CA ALA A 10 -7.15 -9.42 3.51
C ALA A 10 -6.17 -9.89 2.46
N GLU A 11 -6.66 -10.24 1.28
CA GLU A 11 -5.82 -10.75 0.20
C GLU A 11 -4.69 -9.78 -0.11
N LEU A 12 -5.01 -8.49 -0.20
CA LEU A 12 -4.03 -7.46 -0.51
C LEU A 12 -3.01 -7.33 0.63
N ASN A 13 -3.46 -7.34 1.90
CA ASN A 13 -2.58 -7.28 3.07
C ASN A 13 -1.61 -8.43 3.02
N GLU A 14 -2.10 -9.65 2.84
CA GLU A 14 -1.27 -10.85 2.68
C GLU A 14 -0.29 -10.68 1.51
N PHE A 15 -0.78 -10.33 0.32
CA PHE A 15 0.05 -10.16 -0.88
C PHE A 15 1.21 -9.20 -0.63
N LEU A 16 0.94 -8.04 -0.03
CA LEU A 16 1.90 -7.00 0.31
C LEU A 16 2.84 -7.46 1.42
N THR A 17 2.33 -8.18 2.43
CA THR A 17 3.16 -8.73 3.52
C THR A 17 4.33 -9.49 2.89
N ARG A 18 4.01 -10.33 1.90
CA ARG A 18 4.96 -11.15 1.16
C ARG A 18 5.91 -10.29 0.32
N GLU A 19 5.38 -9.33 -0.43
CA GLU A 19 6.20 -8.51 -1.34
C GLU A 19 7.05 -7.47 -0.59
N LEU A 20 6.83 -7.21 0.71
CA LEU A 20 7.52 -6.20 1.51
C LEU A 20 8.16 -6.76 2.77
N ALA A 21 8.30 -8.07 2.85
CA ALA A 21 8.77 -8.78 4.04
C ALA A 21 10.01 -8.13 4.65
N GLU A 22 11.04 -7.86 3.85
CA GLU A 22 12.27 -7.21 4.31
C GLU A 22 12.21 -5.69 4.28
N ASP A 23 11.40 -5.10 3.38
CA ASP A 23 11.30 -3.65 3.28
C ASP A 23 10.80 -3.05 4.58
N GLY A 24 9.92 -3.75 5.28
CA GLY A 24 9.43 -3.32 6.57
C GLY A 24 7.99 -2.90 6.46
N TYR A 25 7.14 -3.87 6.16
CA TYR A 25 5.71 -3.67 6.12
C TYR A 25 5.17 -3.39 7.52
N SER A 26 3.89 -3.07 7.59
CA SER A 26 3.16 -2.77 8.82
C SER A 26 1.66 -2.81 8.60
N GLY A 27 1.20 -2.60 7.38
CA GLY A 27 -0.19 -2.73 7.01
C GLY A 27 -0.48 -1.83 5.83
N VAL A 28 -1.75 -1.54 5.61
CA VAL A 28 -2.21 -0.87 4.40
C VAL A 28 -3.61 -0.30 4.70
N GLU A 29 -4.02 0.73 3.97
CA GLU A 29 -5.37 1.29 3.97
C GLU A 29 -5.89 1.33 2.53
N VAL A 30 -7.20 1.42 2.37
CA VAL A 30 -7.92 1.36 1.11
C VAL A 30 -9.07 2.35 1.17
N ARG A 31 -9.27 3.12 0.10
CA ARG A 31 -10.38 4.06 -0.01
C ARG A 31 -11.02 3.85 -1.38
N VAL A 32 -12.31 3.55 -1.40
CA VAL A 32 -13.08 3.35 -2.61
C VAL A 32 -14.00 4.57 -2.72
N THR A 33 -13.52 5.57 -3.43
CA THR A 33 -14.21 6.82 -3.73
C THR A 33 -15.13 6.62 -4.96
N PRO A 34 -15.91 7.63 -5.36
CA PRO A 34 -16.57 7.61 -6.67
C PRO A 34 -15.61 7.94 -7.83
N THR A 35 -14.28 8.09 -7.61
CA THR A 35 -13.35 8.60 -8.62
C THR A 35 -12.30 7.56 -9.03
N ARG A 36 -11.51 7.02 -8.09
CA ARG A 36 -10.58 5.91 -8.32
C ARG A 36 -10.23 5.32 -6.96
N THR A 37 -9.93 4.02 -6.91
CA THR A 37 -9.54 3.37 -5.68
C THR A 37 -8.13 3.86 -5.33
N GLU A 38 -7.89 4.14 -4.04
CA GLU A 38 -6.60 4.48 -3.49
C GLU A 38 -6.17 3.30 -2.61
N ILE A 39 -4.90 2.94 -2.71
CA ILE A 39 -4.25 1.90 -1.94
C ILE A 39 -3.04 2.56 -1.31
N ILE A 40 -2.92 2.55 0.02
CA ILE A 40 -1.82 3.20 0.71
C ILE A 40 -1.16 2.15 1.60
N ILE A 41 0.00 1.64 1.20
CA ILE A 41 0.84 0.79 2.04
C ILE A 41 1.33 1.67 3.21
N LEU A 42 1.48 1.06 4.37
CA LEU A 42 2.05 1.63 5.57
C LEU A 42 3.32 0.81 5.82
N ALA A 43 4.50 1.41 5.68
CA ALA A 43 5.79 0.73 5.84
C ALA A 43 6.83 1.62 6.54
N THR A 44 7.94 1.07 7.01
CA THR A 44 8.97 1.81 7.74
C THR A 44 9.99 2.50 6.83
N ARG A 45 10.14 2.03 5.59
CA ARG A 45 11.27 2.39 4.73
C ARG A 45 10.75 2.80 3.35
N THR A 46 9.90 3.83 3.27
CA THR A 46 9.09 4.11 2.09
C THR A 46 9.93 4.31 0.81
N GLN A 47 11.10 4.94 0.87
CA GLN A 47 11.91 5.13 -0.33
C GLN A 47 12.34 3.78 -0.89
N ASN A 48 12.65 2.83 0.01
CA ASN A 48 13.06 1.47 -0.32
C ASN A 48 11.97 0.81 -1.14
N VAL A 49 10.73 0.90 -0.65
CA VAL A 49 9.51 0.40 -1.25
C VAL A 49 9.25 1.05 -2.61
N LEU A 50 9.42 2.38 -2.72
CA LEU A 50 9.16 3.10 -3.98
C LEU A 50 10.13 2.61 -5.06
N GLY A 51 11.39 2.36 -4.71
CA GLY A 51 12.42 2.01 -5.66
C GLY A 51 12.92 3.22 -6.44
N GLU A 52 13.86 2.96 -7.35
CA GLU A 52 14.52 3.90 -8.25
C GLU A 52 13.49 4.66 -9.09
N LYS A 53 13.30 5.95 -8.81
CA LYS A 53 12.30 6.81 -9.43
C LYS A 53 10.96 6.09 -9.53
N GLY A 54 10.52 5.52 -8.41
CA GLY A 54 9.24 4.82 -8.35
C GLY A 54 9.26 3.50 -9.12
N ARG A 55 10.37 2.74 -9.08
CA ARG A 55 10.48 1.44 -9.75
C ARG A 55 9.50 0.41 -9.18
N ARG A 56 9.67 0.01 -7.91
CA ARG A 56 8.90 -1.08 -7.34
C ARG A 56 7.42 -0.70 -7.27
N ILE A 57 7.10 0.56 -6.98
CA ILE A 57 5.71 1.03 -7.03
C ILE A 57 5.08 0.82 -8.43
N ARG A 58 5.78 1.13 -9.53
CA ARG A 58 5.27 0.89 -10.88
C ARG A 58 5.08 -0.61 -11.12
N GLU A 59 6.11 -1.42 -10.81
CA GLU A 59 6.07 -2.85 -11.00
C GLU A 59 4.87 -3.46 -10.27
N LEU A 60 4.72 -3.12 -9.00
CA LEU A 60 3.68 -3.65 -8.16
C LEU A 60 2.31 -3.16 -8.57
N THR A 61 2.18 -1.96 -9.13
CA THR A 61 0.92 -1.52 -9.71
C THR A 61 0.45 -2.51 -10.78
N ALA A 62 1.36 -3.09 -11.59
CA ALA A 62 1.00 -4.09 -12.60
C ALA A 62 0.65 -5.43 -11.95
N VAL A 63 1.50 -5.98 -11.07
CA VAL A 63 1.18 -7.26 -10.46
C VAL A 63 -0.11 -7.16 -9.65
N VAL A 64 -0.35 -6.10 -8.86
CA VAL A 64 -1.62 -5.87 -8.17
C VAL A 64 -2.77 -5.83 -9.19
N GLN A 65 -2.60 -5.08 -10.28
CA GLN A 65 -3.61 -5.01 -11.34
C GLN A 65 -3.99 -6.40 -11.86
N LYS A 66 -3.03 -7.34 -11.96
CA LYS A 66 -3.28 -8.69 -12.49
C LYS A 66 -3.79 -9.62 -11.39
N ARG A 67 -3.26 -9.51 -10.17
CA ARG A 67 -3.67 -10.30 -9.00
C ARG A 67 -5.14 -10.02 -8.65
N PHE A 68 -5.59 -8.77 -8.80
CA PHE A 68 -6.87 -8.30 -8.30
C PHE A 68 -7.85 -7.91 -9.42
N GLY A 69 -7.35 -7.61 -10.61
CA GLY A 69 -8.15 -7.35 -11.81
C GLY A 69 -8.30 -5.87 -12.17
N PHE A 70 -7.71 -4.95 -11.40
CA PHE A 70 -7.92 -3.50 -11.53
C PHE A 70 -7.68 -2.98 -12.97
N PRO A 71 -8.45 -1.96 -13.40
CA PRO A 71 -8.13 -1.14 -14.56
C PRO A 71 -6.90 -0.25 -14.30
N GLU A 72 -6.21 0.18 -15.36
CA GLU A 72 -5.12 1.15 -15.23
C GLU A 72 -5.77 2.49 -14.92
N GLY A 73 -5.14 3.24 -14.03
CA GLY A 73 -5.59 4.56 -13.64
C GLY A 73 -6.82 4.58 -12.74
N SER A 74 -7.65 3.53 -12.71
CA SER A 74 -8.70 3.34 -11.70
C SER A 74 -8.17 2.79 -10.38
N VAL A 75 -6.90 2.37 -10.34
CA VAL A 75 -6.20 1.98 -9.13
C VAL A 75 -5.02 2.93 -9.02
N GLU A 76 -4.89 3.58 -7.86
CA GLU A 76 -3.65 4.23 -7.49
C GLU A 76 -3.07 3.50 -6.30
N LEU A 77 -1.75 3.33 -6.33
CA LEU A 77 -0.97 2.73 -5.25
C LEU A 77 -0.06 3.82 -4.73
N TYR A 78 0.02 3.94 -3.42
CA TYR A 78 0.84 4.86 -2.68
C TYR A 78 1.57 4.12 -1.56
N ALA A 79 2.51 4.80 -0.90
CA ALA A 79 3.11 4.35 0.34
C ALA A 79 3.10 5.52 1.31
N GLU A 80 3.00 5.24 2.61
CA GLU A 80 3.13 6.19 3.69
C GLU A 80 4.07 5.57 4.73
N LYS A 81 4.78 6.42 5.47
CA LYS A 81 5.64 5.97 6.53
C LYS A 81 4.82 5.77 7.79
N VAL A 82 5.26 4.84 8.63
CA VAL A 82 4.61 4.54 9.89
C VAL A 82 5.13 5.45 11.00
N ALA A 83 4.34 5.51 12.07
CA ALA A 83 4.57 6.09 13.39
C ALA A 83 3.22 6.16 14.10
N THR A 84 2.18 6.48 13.34
CA THR A 84 0.80 6.68 13.77
C THR A 84 0.25 5.49 14.58
N ARG A 85 0.43 4.25 14.11
CA ARG A 85 0.41 3.07 14.97
C ARG A 85 1.43 2.06 14.45
N GLY A 86 1.06 1.26 13.44
CA GLY A 86 1.82 0.12 12.97
C GLY A 86 1.01 -1.17 13.13
N SER A 87 1.66 -2.28 12.78
CA SER A 87 1.30 -3.68 13.03
C SER A 87 0.06 -4.18 12.26
N GLY A 88 0.22 -5.32 11.56
CA GLY A 88 -0.86 -6.00 10.86
C GLY A 88 -1.94 -6.38 11.86
N PRO A 89 -3.24 -6.11 11.61
CA PRO A 89 -4.25 -6.18 12.63
C PRO A 89 -4.57 -7.60 13.06
N SER A 90 -4.71 -8.56 12.13
CA SER A 90 -4.88 -9.97 12.47
C SER A 90 -3.65 -10.42 13.26
N SER A 91 -3.79 -10.61 14.56
CA SER A 91 -2.68 -10.91 15.46
C SER A 91 -3.10 -11.79 16.66
N GLY A 92 -4.39 -12.01 16.87
CA GLY A 92 -4.95 -12.89 17.88
C GLY A 92 -6.28 -13.43 17.38
N GLY A 1 -9.31 0.09 13.65
CA GLY A 1 -10.75 -0.17 13.52
C GLY A 1 -11.24 0.21 12.13
N SER A 2 -12.47 0.70 12.03
CA SER A 2 -13.11 1.19 10.82
C SER A 2 -13.11 0.14 9.70
N SER A 3 -13.46 -1.10 10.03
CA SER A 3 -13.74 -2.12 9.03
C SER A 3 -15.25 -2.30 8.85
N GLY A 4 -15.66 -2.59 7.62
CA GLY A 4 -16.95 -3.17 7.29
C GLY A 4 -16.66 -4.59 6.81
N SER A 5 -17.28 -4.99 5.71
CA SER A 5 -17.11 -6.29 5.08
C SER A 5 -15.61 -6.59 4.90
N SER A 6 -15.10 -7.61 5.58
CA SER A 6 -13.76 -8.13 5.31
C SER A 6 -13.73 -8.79 3.92
N GLY A 7 -12.57 -9.33 3.51
CA GLY A 7 -12.35 -10.00 2.25
C GLY A 7 -11.07 -9.44 1.63
N PHE A 8 -11.21 -8.64 0.56
CA PHE A 8 -10.16 -7.98 -0.22
C PHE A 8 -9.02 -7.43 0.65
N LYS A 9 -9.35 -6.79 1.77
CA LYS A 9 -8.35 -6.20 2.65
C LYS A 9 -7.32 -7.24 3.11
N ALA A 10 -7.75 -8.45 3.49
CA ALA A 10 -6.84 -9.53 3.85
C ALA A 10 -6.03 -9.90 2.63
N GLU A 11 -6.68 -10.24 1.51
CA GLU A 11 -6.03 -10.68 0.28
C GLU A 11 -4.88 -9.76 -0.10
N LEU A 12 -5.09 -8.46 0.06
CA LEU A 12 -4.16 -7.41 -0.29
C LEU A 12 -3.06 -7.26 0.76
N ASN A 13 -3.43 -7.25 2.04
CA ASN A 13 -2.51 -7.19 3.16
C ASN A 13 -1.55 -8.37 3.10
N GLU A 14 -2.08 -9.58 3.02
CA GLU A 14 -1.30 -10.81 3.10
C GLU A 14 -0.33 -10.90 1.91
N PHE A 15 -0.81 -10.58 0.71
CA PHE A 15 0.00 -10.36 -0.50
C PHE A 15 1.19 -9.43 -0.19
N LEU A 16 0.90 -8.20 0.23
CA LEU A 16 1.92 -7.19 0.52
C LEU A 16 2.85 -7.62 1.65
N THR A 17 2.35 -8.33 2.66
CA THR A 17 3.13 -8.82 3.80
C THR A 17 4.24 -9.77 3.31
N ARG A 18 4.02 -10.48 2.20
CA ARG A 18 5.01 -11.32 1.57
C ARG A 18 5.83 -10.58 0.53
N GLU A 19 5.28 -9.57 -0.14
CA GLU A 19 6.00 -8.83 -1.16
C GLU A 19 7.01 -7.83 -0.61
N LEU A 20 6.85 -7.37 0.63
CA LEU A 20 7.58 -6.24 1.20
C LEU A 20 8.10 -6.55 2.62
N ALA A 21 8.26 -7.84 2.92
CA ALA A 21 8.64 -8.35 4.24
C ALA A 21 9.96 -7.74 4.74
N GLU A 22 11.03 -7.87 3.94
CA GLU A 22 12.36 -7.38 4.30
C GLU A 22 12.40 -5.85 4.25
N ASP A 23 11.63 -5.25 3.36
CA ASP A 23 11.56 -3.81 3.18
C ASP A 23 11.12 -3.11 4.46
N GLY A 24 10.09 -3.66 5.13
CA GLY A 24 9.59 -3.09 6.39
C GLY A 24 8.08 -2.95 6.46
N TYR A 25 7.30 -3.80 5.77
CA TYR A 25 5.86 -3.65 5.68
C TYR A 25 5.18 -3.75 7.05
N SER A 26 4.07 -3.03 7.22
CA SER A 26 3.19 -3.11 8.38
C SER A 26 1.72 -3.23 8.01
N GLY A 27 1.26 -2.66 6.90
CA GLY A 27 -0.15 -2.74 6.55
C GLY A 27 -0.45 -1.87 5.35
N VAL A 28 -1.74 -1.69 5.06
CA VAL A 28 -2.19 -0.94 3.91
C VAL A 28 -3.49 -0.24 4.33
N GLU A 29 -3.80 0.89 3.71
CA GLU A 29 -5.08 1.58 3.82
C GLU A 29 -5.62 1.81 2.42
N VAL A 30 -6.65 1.06 2.09
CA VAL A 30 -7.39 1.16 0.83
C VAL A 30 -8.55 2.15 1.01
N ARG A 31 -8.89 2.89 -0.04
CA ARG A 31 -10.11 3.70 -0.13
C ARG A 31 -10.77 3.40 -1.46
N VAL A 32 -12.09 3.51 -1.49
CA VAL A 32 -12.89 3.26 -2.67
C VAL A 32 -13.76 4.50 -2.85
N THR A 33 -13.62 5.14 -4.00
CA THR A 33 -14.10 6.47 -4.29
C THR A 33 -15.09 6.41 -5.48
N PRO A 34 -15.71 7.53 -5.87
CA PRO A 34 -16.41 7.62 -7.16
C PRO A 34 -15.47 7.85 -8.36
N THR A 35 -14.14 7.87 -8.18
CA THR A 35 -13.19 8.24 -9.23
C THR A 35 -12.18 7.11 -9.51
N ARG A 36 -11.42 6.67 -8.52
CA ARG A 36 -10.41 5.62 -8.61
C ARG A 36 -10.08 5.08 -7.22
N THR A 37 -9.95 3.77 -7.11
CA THR A 37 -9.51 3.13 -5.87
C THR A 37 -8.13 3.69 -5.49
N GLU A 38 -7.88 3.84 -4.21
CA GLU A 38 -6.60 4.22 -3.63
C GLU A 38 -6.11 3.02 -2.82
N ILE A 39 -4.81 2.81 -2.78
CA ILE A 39 -4.17 1.80 -1.94
C ILE A 39 -2.92 2.48 -1.41
N ILE A 40 -2.78 2.67 -0.10
CA ILE A 40 -1.64 3.35 0.51
C ILE A 40 -0.91 2.32 1.37
N ILE A 41 0.32 1.96 0.99
CA ILE A 41 1.13 0.96 1.67
C ILE A 41 1.84 1.63 2.86
N LEU A 42 1.54 1.16 4.07
CA LEU A 42 2.15 1.58 5.33
C LEU A 42 3.38 0.69 5.59
N ALA A 43 4.59 1.26 5.50
CA ALA A 43 5.82 0.57 5.89
C ALA A 43 6.77 1.52 6.62
N THR A 44 7.83 1.01 7.24
CA THR A 44 8.86 1.87 7.84
C THR A 44 9.64 2.64 6.76
N ARG A 45 9.87 2.02 5.60
CA ARG A 45 10.85 2.50 4.62
C ARG A 45 10.15 2.78 3.30
N THR A 46 9.49 3.94 3.24
CA THR A 46 8.86 4.49 2.05
C THR A 46 9.77 4.39 0.84
N GLN A 47 11.04 4.80 0.95
CA GLN A 47 11.94 4.77 -0.20
C GLN A 47 12.21 3.35 -0.70
N ASN A 48 12.15 2.33 0.16
CA ASN A 48 12.36 0.94 -0.29
C ASN A 48 11.15 0.52 -1.12
N VAL A 49 9.94 0.84 -0.65
CA VAL A 49 8.67 0.57 -1.34
C VAL A 49 8.61 1.36 -2.66
N LEU A 50 9.14 2.59 -2.72
CA LEU A 50 9.23 3.31 -3.99
C LEU A 50 10.27 2.62 -4.87
N GLY A 51 11.42 2.26 -4.30
CA GLY A 51 12.59 1.80 -5.02
C GLY A 51 13.31 2.94 -5.73
N GLU A 52 14.37 2.60 -6.46
CA GLU A 52 15.09 3.52 -7.35
C GLU A 52 14.09 4.13 -8.32
N LYS A 53 13.98 5.47 -8.38
CA LYS A 53 13.17 6.18 -9.38
C LYS A 53 11.76 5.57 -9.51
N GLY A 54 11.18 5.17 -8.39
CA GLY A 54 9.84 4.61 -8.31
C GLY A 54 9.73 3.22 -8.94
N ARG A 55 10.77 2.38 -8.94
CA ARG A 55 10.72 1.01 -9.46
C ARG A 55 9.64 0.16 -8.78
N ARG A 56 9.77 -0.15 -7.48
CA ARG A 56 8.91 -1.13 -6.82
C ARG A 56 7.46 -0.64 -6.80
N ILE A 57 7.23 0.67 -6.60
CA ILE A 57 5.87 1.22 -6.62
C ILE A 57 5.22 0.92 -7.96
N ARG A 58 5.83 1.33 -9.07
CA ARG A 58 5.33 1.14 -10.43
C ARG A 58 5.08 -0.33 -10.75
N GLU A 59 6.00 -1.21 -10.35
CA GLU A 59 5.87 -2.64 -10.52
C GLU A 59 4.62 -3.10 -9.78
N LEU A 60 4.52 -2.87 -8.47
CA LEU A 60 3.41 -3.38 -7.69
C LEU A 60 2.06 -2.82 -8.14
N THR A 61 1.99 -1.65 -8.79
CA THR A 61 0.77 -1.22 -9.46
C THR A 61 0.38 -2.26 -10.51
N ALA A 62 1.27 -2.59 -11.43
CA ALA A 62 1.03 -3.61 -12.46
C ALA A 62 0.72 -4.97 -11.81
N VAL A 63 1.50 -5.36 -10.80
CA VAL A 63 1.29 -6.62 -10.08
C VAL A 63 -0.15 -6.66 -9.58
N VAL A 64 -0.58 -5.69 -8.77
CA VAL A 64 -1.93 -5.63 -8.21
C VAL A 64 -2.97 -5.54 -9.31
N GLN A 65 -2.73 -4.76 -10.37
CA GLN A 65 -3.64 -4.64 -11.48
C GLN A 65 -3.92 -6.01 -12.10
N LYS A 66 -2.94 -6.90 -12.18
CA LYS A 66 -3.12 -8.26 -12.68
C LYS A 66 -3.72 -9.14 -11.57
N ARG A 67 -3.07 -9.22 -10.41
CA ARG A 67 -3.42 -10.07 -9.27
C ARG A 67 -4.88 -9.90 -8.86
N PHE A 68 -5.39 -8.67 -8.89
CA PHE A 68 -6.74 -8.31 -8.45
C PHE A 68 -7.60 -7.83 -9.64
N GLY A 69 -7.07 -7.76 -10.86
CA GLY A 69 -7.83 -7.46 -12.06
C GLY A 69 -8.28 -5.99 -12.19
N PHE A 70 -7.66 -5.06 -11.45
CA PHE A 70 -8.08 -3.66 -11.42
C PHE A 70 -8.03 -3.00 -12.80
N PRO A 71 -8.94 -2.04 -13.05
CA PRO A 71 -8.86 -1.16 -14.22
C PRO A 71 -7.62 -0.26 -14.19
N GLU A 72 -7.04 -0.07 -15.36
CA GLU A 72 -6.03 0.93 -15.60
C GLU A 72 -6.68 2.31 -15.45
N GLY A 73 -5.97 3.29 -14.87
CA GLY A 73 -6.49 4.64 -14.67
C GLY A 73 -7.46 4.78 -13.50
N SER A 74 -8.01 3.67 -12.99
CA SER A 74 -9.03 3.66 -11.95
C SER A 74 -8.61 2.88 -10.70
N VAL A 75 -7.34 2.47 -10.61
CA VAL A 75 -6.68 2.12 -9.37
C VAL A 75 -5.46 3.04 -9.24
N GLU A 76 -5.00 3.27 -8.02
CA GLU A 76 -3.70 3.85 -7.72
C GLU A 76 -3.12 3.10 -6.53
N LEU A 77 -1.79 3.17 -6.45
CA LEU A 77 -1.01 2.65 -5.33
C LEU A 77 -0.02 3.74 -4.94
N TYR A 78 0.10 3.97 -3.64
CA TYR A 78 0.90 5.03 -3.02
C TYR A 78 1.72 4.40 -1.90
N ALA A 79 2.78 5.08 -1.46
CA ALA A 79 3.61 4.67 -0.33
C ALA A 79 3.47 5.70 0.79
N GLU A 80 3.45 5.22 2.03
CA GLU A 80 3.33 6.02 3.24
C GLU A 80 4.22 5.40 4.32
N LYS A 81 4.66 6.23 5.25
CA LYS A 81 5.62 5.86 6.26
C LYS A 81 4.87 5.58 7.55
N VAL A 82 5.35 4.65 8.35
CA VAL A 82 4.81 4.35 9.66
C VAL A 82 5.57 5.17 10.69
N ALA A 83 4.87 5.50 11.76
CA ALA A 83 5.39 5.95 13.04
C ALA A 83 4.33 5.61 14.11
N THR A 84 4.72 5.71 15.37
CA THR A 84 3.82 5.53 16.51
C THR A 84 2.89 6.74 16.57
N ARG A 85 1.57 6.55 16.46
CA ARG A 85 0.59 7.64 16.64
C ARG A 85 -0.41 7.23 17.71
N GLY A 86 -1.64 6.84 17.34
CA GLY A 86 -2.74 6.60 18.26
C GLY A 86 -3.73 7.76 18.23
N SER A 87 -4.76 7.71 19.09
CA SER A 87 -5.97 8.50 18.95
C SER A 87 -5.68 9.99 18.91
N GLY A 88 -4.99 10.51 19.94
CA GLY A 88 -4.67 11.91 20.13
C GLY A 88 -5.89 12.80 19.90
N PRO A 89 -6.90 12.78 20.79
CA PRO A 89 -8.19 13.44 20.62
C PRO A 89 -8.09 14.98 20.58
N SER A 90 -7.61 15.50 19.45
CA SER A 90 -7.55 16.92 19.13
C SER A 90 -8.99 17.45 19.05
N SER A 91 -9.26 18.60 19.67
CA SER A 91 -10.52 19.31 19.56
C SER A 91 -10.31 20.80 19.88
N GLY A 92 -11.33 21.60 19.57
CA GLY A 92 -11.30 23.06 19.44
C GLY A 92 -12.15 23.39 18.23
N GLY A 1 -5.50 -0.05 10.66
CA GLY A 1 -6.92 -0.33 10.42
C GLY A 1 -7.15 -1.65 9.71
N SER A 2 -6.80 -2.80 10.28
CA SER A 2 -7.32 -4.09 9.85
C SER A 2 -8.78 -4.18 10.32
N SER A 3 -9.65 -3.45 9.64
CA SER A 3 -11.10 -3.39 9.72
C SER A 3 -11.54 -2.67 8.44
N GLY A 4 -12.81 -2.79 8.09
CA GLY A 4 -13.34 -2.31 6.83
C GLY A 4 -13.27 -3.44 5.81
N SER A 5 -14.21 -4.37 5.93
CA SER A 5 -14.41 -5.48 5.01
C SER A 5 -13.19 -6.41 4.94
N SER A 6 -13.20 -7.51 5.70
CA SER A 6 -12.42 -8.70 5.31
C SER A 6 -12.85 -9.13 3.90
N GLY A 7 -12.04 -9.92 3.20
CA GLY A 7 -12.08 -10.01 1.74
C GLY A 7 -10.90 -9.21 1.20
N PHE A 8 -11.11 -8.46 0.11
CA PHE A 8 -10.08 -7.72 -0.62
C PHE A 8 -8.99 -7.10 0.27
N LYS A 9 -9.38 -6.31 1.27
CA LYS A 9 -8.47 -5.63 2.19
C LYS A 9 -7.48 -6.61 2.84
N ALA A 10 -7.96 -7.80 3.25
CA ALA A 10 -7.15 -8.85 3.85
C ALA A 10 -6.28 -9.49 2.79
N GLU A 11 -6.85 -9.90 1.65
CA GLU A 11 -6.09 -10.50 0.56
C GLU A 11 -4.92 -9.61 0.15
N LEU A 12 -5.14 -8.31 0.11
CA LEU A 12 -4.18 -7.31 -0.31
C LEU A 12 -3.06 -7.18 0.72
N ASN A 13 -3.40 -7.18 2.01
CA ASN A 13 -2.42 -7.17 3.09
C ASN A 13 -1.57 -8.44 3.05
N GLU A 14 -2.22 -9.59 2.84
CA GLU A 14 -1.57 -10.88 2.68
C GLU A 14 -0.66 -10.96 1.45
N PHE A 15 -0.97 -10.22 0.38
CA PHE A 15 -0.08 -10.06 -0.77
C PHE A 15 1.14 -9.25 -0.33
N LEU A 16 0.93 -8.00 0.07
CA LEU A 16 1.97 -7.00 0.30
C LEU A 16 2.99 -7.48 1.33
N THR A 17 2.55 -8.27 2.31
CA THR A 17 3.39 -8.89 3.31
C THR A 17 4.63 -9.54 2.67
N ARG A 18 4.48 -10.32 1.59
CA ARG A 18 5.60 -10.98 0.94
C ARG A 18 6.41 -9.96 0.16
N GLU A 19 5.76 -9.25 -0.76
CA GLU A 19 6.40 -8.33 -1.69
C GLU A 19 7.24 -7.25 -1.00
N LEU A 20 6.92 -6.91 0.24
CA LEU A 20 7.53 -5.82 0.98
C LEU A 20 8.11 -6.31 2.32
N ALA A 21 8.34 -7.63 2.43
CA ALA A 21 8.75 -8.27 3.67
C ALA A 21 10.00 -7.60 4.25
N GLU A 22 11.14 -7.66 3.55
CA GLU A 22 12.37 -7.03 3.98
C GLU A 22 12.29 -5.50 3.87
N ASP A 23 11.39 -4.98 3.03
CA ASP A 23 11.29 -3.56 2.74
C ASP A 23 10.88 -2.78 3.99
N GLY A 24 10.20 -3.40 4.97
CA GLY A 24 9.77 -2.72 6.19
C GLY A 24 8.26 -2.67 6.41
N TYR A 25 7.52 -3.62 5.83
CA TYR A 25 6.06 -3.54 5.77
C TYR A 25 5.41 -3.57 7.15
N SER A 26 4.13 -3.19 7.19
CA SER A 26 3.27 -3.30 8.34
C SER A 26 1.84 -3.59 7.92
N GLY A 27 1.26 -2.78 7.03
CA GLY A 27 -0.15 -2.89 6.72
C GLY A 27 -0.54 -1.98 5.56
N VAL A 28 -1.84 -1.88 5.30
CA VAL A 28 -2.35 -1.18 4.13
C VAL A 28 -3.71 -0.62 4.47
N GLU A 29 -3.93 0.63 4.12
CA GLU A 29 -5.24 1.24 4.05
C GLU A 29 -5.67 1.25 2.60
N VAL A 30 -6.97 1.43 2.38
CA VAL A 30 -7.57 1.44 1.07
C VAL A 30 -8.68 2.49 1.11
N ARG A 31 -8.90 3.20 0.00
CA ARG A 31 -9.95 4.19 -0.14
C ARG A 31 -10.86 3.77 -1.29
N VAL A 32 -12.07 4.31 -1.31
CA VAL A 32 -13.09 3.97 -2.29
C VAL A 32 -13.79 5.28 -2.66
N THR A 33 -13.69 5.72 -3.90
CA THR A 33 -14.10 7.06 -4.31
C THR A 33 -15.18 6.96 -5.40
N PRO A 34 -15.76 8.08 -5.87
CA PRO A 34 -16.57 8.09 -7.08
C PRO A 34 -15.69 8.09 -8.35
N THR A 35 -14.38 7.83 -8.24
CA THR A 35 -13.42 8.00 -9.33
C THR A 35 -12.57 6.75 -9.56
N ARG A 36 -11.98 6.18 -8.49
CA ARG A 36 -10.97 5.12 -8.54
C ARG A 36 -10.86 4.45 -7.17
N THR A 37 -10.07 3.38 -7.06
CA THR A 37 -9.62 2.84 -5.79
C THR A 37 -8.19 3.36 -5.53
N GLU A 38 -7.86 3.53 -4.26
CA GLU A 38 -6.57 3.99 -3.76
C GLU A 38 -6.11 2.93 -2.77
N ILE A 39 -4.81 2.66 -2.73
CA ILE A 39 -4.17 1.69 -1.85
C ILE A 39 -3.03 2.45 -1.20
N ILE A 40 -2.94 2.48 0.13
CA ILE A 40 -1.96 3.26 0.86
C ILE A 40 -1.22 2.27 1.76
N ILE A 41 -0.04 1.82 1.29
CA ILE A 41 0.80 0.87 2.00
C ILE A 41 1.50 1.63 3.12
N LEU A 42 1.35 1.13 4.34
CA LEU A 42 1.97 1.61 5.56
C LEU A 42 3.22 0.77 5.80
N ALA A 43 4.40 1.36 5.61
CA ALA A 43 5.67 0.72 5.90
C ALA A 43 6.66 1.74 6.49
N THR A 44 7.76 1.24 7.02
CA THR A 44 8.74 2.06 7.72
C THR A 44 9.65 2.83 6.74
N ARG A 45 9.84 2.29 5.53
CA ARG A 45 10.85 2.72 4.56
C ARG A 45 10.15 2.95 3.23
N THR A 46 9.50 4.10 3.09
CA THR A 46 8.82 4.51 1.87
C THR A 46 9.73 4.34 0.63
N GLN A 47 11.02 4.64 0.77
CA GLN A 47 11.98 4.53 -0.32
C GLN A 47 12.16 3.08 -0.78
N ASN A 48 12.20 2.10 0.12
CA ASN A 48 12.31 0.69 -0.26
C ASN A 48 11.13 0.31 -1.15
N VAL A 49 9.93 0.66 -0.69
CA VAL A 49 8.66 0.30 -1.31
C VAL A 49 8.52 0.99 -2.67
N LEU A 50 8.87 2.27 -2.77
CA LEU A 50 8.89 2.99 -4.05
C LEU A 50 9.97 2.41 -4.96
N GLY A 51 11.10 1.99 -4.39
CA GLY A 51 12.32 1.65 -5.09
C GLY A 51 13.04 2.91 -5.55
N GLU A 52 14.22 2.69 -6.14
CA GLU A 52 14.94 3.72 -6.87
C GLU A 52 13.99 4.25 -7.94
N LYS A 53 13.79 5.56 -8.01
CA LYS A 53 13.05 6.22 -9.10
C LYS A 53 11.67 5.58 -9.34
N GLY A 54 10.98 5.18 -8.27
CA GLY A 54 9.62 4.66 -8.32
C GLY A 54 9.51 3.26 -8.95
N ARG A 55 10.63 2.58 -9.20
CA ARG A 55 10.65 1.29 -9.89
C ARG A 55 9.70 0.27 -9.26
N ARG A 56 9.81 0.04 -7.96
CA ARG A 56 9.00 -0.99 -7.33
C ARG A 56 7.54 -0.58 -7.34
N ILE A 57 7.17 0.67 -7.00
CA ILE A 57 5.74 1.01 -6.93
C ILE A 57 5.07 0.82 -8.30
N ARG A 58 5.74 1.14 -9.41
CA ARG A 58 5.23 0.91 -10.75
C ARG A 58 4.92 -0.57 -10.97
N GLU A 59 5.89 -1.44 -10.70
CA GLU A 59 5.79 -2.89 -10.90
C GLU A 59 4.86 -3.54 -9.87
N LEU A 60 4.73 -2.96 -8.67
CA LEU A 60 3.85 -3.44 -7.60
C LEU A 60 2.41 -3.00 -7.85
N THR A 61 2.21 -1.91 -8.61
CA THR A 61 0.92 -1.56 -9.19
C THR A 61 0.59 -2.65 -10.23
N ALA A 62 1.49 -2.88 -11.20
CA ALA A 62 1.27 -3.78 -12.33
C ALA A 62 0.89 -5.18 -11.87
N VAL A 63 1.66 -5.76 -10.96
CA VAL A 63 1.40 -7.08 -10.41
C VAL A 63 0.01 -7.13 -9.74
N VAL A 64 -0.35 -6.16 -8.89
CA VAL A 64 -1.67 -6.08 -8.26
C VAL A 64 -2.74 -5.96 -9.34
N GLN A 65 -2.49 -5.19 -10.39
CA GLN A 65 -3.39 -5.01 -11.50
C GLN A 65 -3.80 -6.35 -12.09
N LYS A 66 -2.85 -7.28 -12.30
CA LYS A 66 -3.19 -8.63 -12.72
C LYS A 66 -3.87 -9.38 -11.58
N ARG A 67 -3.20 -9.49 -10.43
CA ARG A 67 -3.57 -10.35 -9.31
C ARG A 67 -5.02 -10.15 -8.90
N PHE A 68 -5.44 -8.90 -8.79
CA PHE A 68 -6.77 -8.50 -8.36
C PHE A 68 -7.62 -8.03 -9.55
N GLY A 69 -7.07 -8.00 -10.77
CA GLY A 69 -7.79 -7.70 -12.01
C GLY A 69 -8.39 -6.30 -12.01
N PHE A 70 -7.58 -5.31 -11.62
CA PHE A 70 -7.99 -3.91 -11.53
C PHE A 70 -7.99 -3.23 -12.91
N PRO A 71 -8.92 -2.29 -13.16
CA PRO A 71 -8.83 -1.40 -14.30
C PRO A 71 -7.63 -0.47 -14.13
N GLU A 72 -6.90 -0.26 -15.22
CA GLU A 72 -5.72 0.58 -15.28
C GLU A 72 -6.12 2.02 -14.99
N GLY A 73 -5.27 2.76 -14.28
CA GLY A 73 -5.49 4.17 -13.98
C GLY A 73 -6.61 4.42 -13.00
N SER A 74 -7.36 3.38 -12.60
CA SER A 74 -8.40 3.41 -11.58
C SER A 74 -8.06 2.51 -10.38
N VAL A 75 -6.84 1.98 -10.33
CA VAL A 75 -6.17 1.60 -9.09
C VAL A 75 -4.98 2.55 -8.98
N GLU A 76 -4.67 3.01 -7.78
CA GLU A 76 -3.43 3.72 -7.49
C GLU A 76 -2.86 3.15 -6.20
N LEU A 77 -1.54 3.27 -6.07
CA LEU A 77 -0.77 2.86 -4.92
C LEU A 77 -0.07 4.12 -4.44
N TYR A 78 -0.07 4.32 -3.13
CA TYR A 78 0.62 5.40 -2.44
C TYR A 78 1.52 4.76 -1.38
N ALA A 79 2.49 5.51 -0.86
CA ALA A 79 3.50 4.98 0.05
C ALA A 79 3.63 5.88 1.27
N GLU A 80 3.17 5.39 2.41
CA GLU A 80 3.00 6.22 3.59
C GLU A 80 3.86 5.68 4.74
N LYS A 81 4.37 6.59 5.55
CA LYS A 81 5.40 6.30 6.52
C LYS A 81 4.79 6.15 7.91
N VAL A 82 5.29 5.18 8.66
CA VAL A 82 4.75 4.83 9.98
C VAL A 82 5.29 5.88 10.97
N ALA A 83 4.67 6.04 12.14
CA ALA A 83 5.05 7.03 13.14
C ALA A 83 4.93 6.44 14.54
N THR A 84 6.04 5.98 15.11
CA THR A 84 6.05 5.36 16.44
C THR A 84 5.68 6.39 17.53
N ARG A 85 6.48 7.44 17.78
CA ARG A 85 6.24 8.39 18.86
C ARG A 85 5.94 9.77 18.29
N GLY A 86 5.21 10.60 19.04
CA GLY A 86 4.86 11.97 18.75
C GLY A 86 4.24 12.60 20.01
N SER A 87 3.12 13.30 19.85
CA SER A 87 2.48 14.18 20.84
C SER A 87 3.42 15.31 21.27
N GLY A 88 3.37 16.44 20.56
CA GLY A 88 4.01 17.68 20.98
C GLY A 88 3.64 18.88 20.08
N PRO A 89 4.05 20.09 20.47
CA PRO A 89 3.72 21.35 19.79
C PRO A 89 4.60 21.59 18.54
N SER A 90 4.43 20.77 17.50
CA SER A 90 4.89 21.09 16.15
C SER A 90 4.16 22.36 15.70
N SER A 91 4.89 23.46 15.49
CA SER A 91 4.39 24.71 14.93
C SER A 91 5.48 25.37 14.10
N GLY A 92 5.24 25.55 12.80
CA GLY A 92 6.11 26.32 11.92
C GLY A 92 7.37 25.56 11.59
N GLY A 1 -4.76 -16.80 11.10
CA GLY A 1 -5.23 -17.52 12.28
C GLY A 1 -6.69 -17.20 12.53
N SER A 2 -7.57 -18.22 12.49
CA SER A 2 -9.01 -18.10 12.62
C SER A 2 -9.55 -16.87 11.86
N SER A 3 -9.38 -16.83 10.53
CA SER A 3 -9.94 -15.75 9.72
C SER A 3 -11.47 -15.70 9.90
N GLY A 4 -12.03 -14.50 9.80
CA GLY A 4 -13.47 -14.27 9.83
C GLY A 4 -13.88 -13.73 8.48
N SER A 5 -14.49 -12.54 8.47
CA SER A 5 -14.89 -11.81 7.28
C SER A 5 -13.65 -11.53 6.41
N SER A 6 -13.63 -12.06 5.19
CA SER A 6 -12.61 -11.85 4.17
C SER A 6 -13.03 -10.64 3.33
N GLY A 7 -12.27 -9.55 3.40
CA GLY A 7 -12.47 -8.36 2.58
C GLY A 7 -11.16 -7.98 1.94
N PHE A 8 -11.16 -7.49 0.70
CA PHE A 8 -10.05 -7.24 -0.24
C PHE A 8 -8.73 -6.83 0.43
N LYS A 9 -8.81 -5.88 1.36
CA LYS A 9 -7.68 -5.37 2.12
C LYS A 9 -6.86 -6.46 2.83
N ALA A 10 -7.50 -7.57 3.20
CA ALA A 10 -6.93 -8.78 3.74
C ALA A 10 -6.06 -9.49 2.71
N GLU A 11 -6.58 -9.87 1.54
CA GLU A 11 -5.79 -10.49 0.48
C GLU A 11 -4.60 -9.61 0.09
N LEU A 12 -4.84 -8.31 0.01
CA LEU A 12 -3.83 -7.34 -0.38
C LEU A 12 -2.77 -7.18 0.71
N ASN A 13 -3.15 -7.25 1.99
CA ASN A 13 -2.23 -7.32 3.11
C ASN A 13 -1.39 -8.57 3.00
N GLU A 14 -2.03 -9.74 2.84
CA GLU A 14 -1.35 -11.04 2.71
C GLU A 14 -0.40 -11.07 1.49
N PHE A 15 -0.69 -10.28 0.45
CA PHE A 15 0.19 -10.08 -0.69
C PHE A 15 1.41 -9.27 -0.25
N LEU A 16 1.17 -8.02 0.18
CA LEU A 16 2.20 -7.06 0.53
C LEU A 16 3.08 -7.54 1.69
N THR A 17 2.55 -8.34 2.63
CA THR A 17 3.28 -8.95 3.73
C THR A 17 4.45 -9.79 3.22
N ARG A 18 4.28 -10.46 2.08
CA ARG A 18 5.34 -11.25 1.47
C ARG A 18 6.16 -10.40 0.51
N GLU A 19 5.49 -9.59 -0.32
CA GLU A 19 6.18 -8.79 -1.32
C GLU A 19 7.17 -7.82 -0.70
N LEU A 20 6.79 -7.18 0.41
CA LEU A 20 7.52 -6.11 1.07
C LEU A 20 8.02 -6.58 2.45
N ALA A 21 8.11 -7.90 2.65
CA ALA A 21 8.59 -8.54 3.86
C ALA A 21 9.92 -7.92 4.29
N GLU A 22 10.91 -7.99 3.42
CA GLU A 22 12.28 -7.56 3.73
C GLU A 22 12.43 -6.04 3.69
N ASP A 23 11.49 -5.36 3.02
CA ASP A 23 11.48 -3.91 2.93
C ASP A 23 11.10 -3.30 4.27
N GLY A 24 10.26 -3.98 5.05
CA GLY A 24 9.77 -3.47 6.31
C GLY A 24 8.33 -3.01 6.26
N TYR A 25 7.43 -3.80 5.68
CA TYR A 25 5.99 -3.58 5.67
C TYR A 25 5.38 -3.48 7.08
N SER A 26 4.10 -3.11 7.18
CA SER A 26 3.29 -3.12 8.39
C SER A 26 1.81 -3.41 8.08
N GLY A 27 1.25 -2.81 7.02
CA GLY A 27 -0.17 -2.90 6.76
C GLY A 27 -0.53 -2.03 5.57
N VAL A 28 -1.82 -1.83 5.32
CA VAL A 28 -2.29 -1.11 4.15
C VAL A 28 -3.64 -0.48 4.48
N GLU A 29 -3.99 0.60 3.81
CA GLU A 29 -5.31 1.24 3.87
C GLU A 29 -5.93 1.24 2.48
N VAL A 30 -7.26 1.36 2.43
CA VAL A 30 -8.05 1.28 1.21
C VAL A 30 -9.19 2.31 1.25
N ARG A 31 -9.33 3.10 0.18
CA ARG A 31 -10.41 4.06 0.01
C ARG A 31 -11.10 3.78 -1.33
N VAL A 32 -12.40 3.53 -1.29
CA VAL A 32 -13.28 3.60 -2.45
C VAL A 32 -13.75 5.05 -2.52
N THR A 33 -13.65 5.69 -3.69
CA THR A 33 -14.19 7.02 -3.91
C THR A 33 -15.20 7.01 -5.07
N PRO A 34 -15.95 8.11 -5.29
CA PRO A 34 -16.68 8.32 -6.53
C PRO A 34 -15.78 8.68 -7.72
N THR A 35 -14.47 8.39 -7.64
CA THR A 35 -13.52 8.68 -8.71
C THR A 35 -12.72 7.43 -9.09
N ARG A 36 -12.01 6.81 -8.14
CA ARG A 36 -11.20 5.60 -8.33
C ARG A 36 -11.07 4.86 -6.99
N THR A 37 -10.48 3.67 -6.99
CA THR A 37 -9.99 3.05 -5.76
C THR A 37 -8.56 3.57 -5.52
N GLU A 38 -8.17 3.68 -4.26
CA GLU A 38 -6.93 4.28 -3.80
C GLU A 38 -6.37 3.36 -2.70
N ILE A 39 -5.08 3.02 -2.78
CA ILE A 39 -4.43 1.96 -1.98
C ILE A 39 -3.15 2.56 -1.41
N ILE A 40 -2.98 2.53 -0.09
CA ILE A 40 -1.87 3.17 0.58
C ILE A 40 -1.13 2.12 1.41
N ILE A 41 0.10 1.77 1.05
CA ILE A 41 0.94 0.88 1.86
C ILE A 41 1.42 1.64 3.08
N LEU A 42 1.40 0.99 4.25
CA LEU A 42 2.07 1.40 5.49
C LEU A 42 3.35 0.56 5.59
N ALA A 43 4.51 1.21 5.59
CA ALA A 43 5.78 0.53 5.81
C ALA A 43 6.79 1.43 6.53
N THR A 44 7.88 0.85 7.02
CA THR A 44 8.95 1.60 7.68
C THR A 44 9.67 2.51 6.68
N ARG A 45 10.00 1.99 5.48
CA ARG A 45 10.91 2.60 4.52
C ARG A 45 10.16 2.75 3.20
N THR A 46 9.38 3.82 3.09
CA THR A 46 8.74 4.25 1.86
C THR A 46 9.73 4.23 0.69
N GLN A 47 10.98 4.69 0.88
CA GLN A 47 11.98 4.68 -0.19
C GLN A 47 12.19 3.27 -0.77
N ASN A 48 12.29 2.26 0.09
CA ASN A 48 12.57 0.90 -0.34
C ASN A 48 11.37 0.36 -1.10
N VAL A 49 10.17 0.64 -0.58
CA VAL A 49 8.89 0.22 -1.13
C VAL A 49 8.60 0.91 -2.48
N LEU A 50 9.09 2.15 -2.66
CA LEU A 50 9.00 2.89 -3.91
C LEU A 50 10.02 2.36 -4.91
N GLY A 51 11.25 2.08 -4.47
CA GLY A 51 12.38 1.74 -5.35
C GLY A 51 12.86 2.96 -6.12
N GLU A 52 13.94 2.79 -6.89
CA GLU A 52 14.62 3.88 -7.58
C GLU A 52 13.66 4.62 -8.52
N LYS A 53 13.41 5.90 -8.24
CA LYS A 53 12.40 6.72 -8.89
C LYS A 53 11.09 5.96 -9.11
N GLY A 54 10.63 5.23 -8.08
CA GLY A 54 9.37 4.54 -8.12
C GLY A 54 9.40 3.19 -8.83
N ARG A 55 10.58 2.60 -9.07
CA ARG A 55 10.70 1.31 -9.75
C ARG A 55 9.80 0.23 -9.13
N ARG A 56 9.95 -0.04 -7.82
CA ARG A 56 9.18 -1.07 -7.12
C ARG A 56 7.69 -0.73 -7.18
N ILE A 57 7.28 0.50 -6.87
CA ILE A 57 5.86 0.82 -6.83
C ILE A 57 5.24 0.59 -8.21
N ARG A 58 5.88 1.03 -9.30
CA ARG A 58 5.34 0.83 -10.64
C ARG A 58 5.32 -0.63 -11.06
N GLU A 59 6.33 -1.40 -10.71
CA GLU A 59 6.35 -2.86 -10.90
C GLU A 59 5.12 -3.45 -10.23
N LEU A 60 5.02 -3.29 -8.90
CA LEU A 60 3.96 -3.87 -8.11
C LEU A 60 2.60 -3.31 -8.52
N THR A 61 2.49 -2.11 -9.09
CA THR A 61 1.23 -1.60 -9.63
C THR A 61 0.70 -2.60 -10.66
N ALA A 62 1.51 -3.02 -11.64
CA ALA A 62 1.11 -4.01 -12.63
C ALA A 62 0.75 -5.33 -11.96
N VAL A 63 1.60 -5.83 -11.04
CA VAL A 63 1.34 -7.11 -10.36
C VAL A 63 -0.03 -7.06 -9.67
N VAL A 64 -0.28 -6.00 -8.90
CA VAL A 64 -1.53 -5.77 -8.18
C VAL A 64 -2.69 -5.66 -9.17
N GLN A 65 -2.56 -4.83 -10.19
CA GLN A 65 -3.57 -4.64 -11.22
C GLN A 65 -3.95 -5.97 -11.88
N LYS A 66 -3.04 -6.95 -11.93
CA LYS A 66 -3.29 -8.22 -12.61
C LYS A 66 -3.82 -9.25 -11.61
N ARG A 67 -3.22 -9.36 -10.41
CA ARG A 67 -3.69 -10.21 -9.31
C ARG A 67 -5.14 -9.91 -8.95
N PHE A 68 -5.49 -8.62 -8.96
CA PHE A 68 -6.76 -8.11 -8.48
C PHE A 68 -7.60 -7.51 -9.62
N GLY A 69 -7.15 -7.62 -10.88
CA GLY A 69 -7.86 -7.28 -12.11
C GLY A 69 -8.40 -5.84 -12.15
N PHE A 70 -7.63 -4.86 -11.68
CA PHE A 70 -8.06 -3.46 -11.66
C PHE A 70 -7.84 -2.79 -13.02
N PRO A 71 -8.73 -1.85 -13.43
CA PRO A 71 -8.49 -0.99 -14.57
C PRO A 71 -7.34 -0.01 -14.27
N GLU A 72 -6.66 0.44 -15.34
CA GLU A 72 -5.54 1.37 -15.27
C GLU A 72 -6.03 2.73 -14.75
N GLY A 73 -5.46 3.24 -13.65
CA GLY A 73 -5.78 4.56 -13.08
C GLY A 73 -7.12 4.62 -12.34
N SER A 74 -7.99 3.63 -12.52
CA SER A 74 -9.10 3.34 -11.63
C SER A 74 -8.62 2.68 -10.33
N VAL A 75 -7.34 2.34 -10.25
CA VAL A 75 -6.62 2.04 -9.04
C VAL A 75 -5.44 3.02 -9.00
N GLU A 76 -4.99 3.41 -7.81
CA GLU A 76 -3.72 4.08 -7.64
C GLU A 76 -3.02 3.52 -6.41
N LEU A 77 -1.69 3.52 -6.44
CA LEU A 77 -0.83 3.00 -5.39
C LEU A 77 -0.06 4.17 -4.79
N TYR A 78 -0.22 4.36 -3.49
CA TYR A 78 0.44 5.34 -2.66
C TYR A 78 1.27 4.60 -1.58
N ALA A 79 2.16 5.31 -0.90
CA ALA A 79 3.06 4.79 0.11
C ALA A 79 3.21 5.81 1.24
N GLU A 80 2.71 5.45 2.43
CA GLU A 80 2.78 6.23 3.65
C GLU A 80 3.85 5.62 4.57
N LYS A 81 4.43 6.43 5.46
CA LYS A 81 5.29 5.93 6.51
C LYS A 81 4.50 5.62 7.77
N VAL A 82 5.06 4.73 8.57
CA VAL A 82 4.45 4.30 9.83
C VAL A 82 4.83 5.26 10.94
N ALA A 83 3.91 5.37 11.90
CA ALA A 83 4.04 6.13 13.13
C ALA A 83 4.59 5.20 14.21
N THR A 84 5.70 5.62 14.83
CA THR A 84 6.24 5.01 16.03
C THR A 84 5.46 5.56 17.25
N ARG A 85 5.58 4.93 18.41
CA ARG A 85 5.34 5.59 19.70
C ARG A 85 6.67 5.91 20.36
N GLY A 86 6.69 7.06 21.03
CA GLY A 86 7.73 7.54 21.91
C GLY A 86 7.33 8.95 22.31
N SER A 87 6.86 9.12 23.54
CA SER A 87 6.40 10.40 24.06
C SER A 87 7.56 11.41 24.11
N GLY A 88 7.23 12.69 24.16
CA GLY A 88 8.21 13.75 24.00
C GLY A 88 7.77 14.98 24.81
N PRO A 89 8.46 15.35 25.90
CA PRO A 89 8.04 16.49 26.71
C PRO A 89 8.20 17.80 25.92
N SER A 90 9.23 17.90 25.06
CA SER A 90 9.60 19.08 24.30
C SER A 90 9.71 20.33 25.17
N SER A 91 10.88 20.48 25.81
CA SER A 91 11.18 21.37 26.93
C SER A 91 10.57 20.79 28.23
N GLY A 92 10.62 21.55 29.31
CA GLY A 92 10.12 21.24 30.64
C GLY A 92 10.51 22.39 31.55
N GLY A 1 -12.14 -2.76 9.60
CA GLY A 1 -13.24 -3.73 9.46
C GLY A 1 -13.59 -3.93 7.99
N SER A 2 -13.90 -5.17 7.58
CA SER A 2 -14.49 -5.49 6.28
C SER A 2 -15.64 -6.48 6.49
N SER A 3 -16.53 -6.59 5.50
CA SER A 3 -17.36 -7.76 5.25
C SER A 3 -17.69 -7.79 3.75
N GLY A 4 -18.02 -8.96 3.21
CA GLY A 4 -17.89 -9.30 1.80
C GLY A 4 -17.66 -10.81 1.67
N SER A 5 -17.33 -11.30 0.48
CA SER A 5 -17.01 -12.72 0.28
C SER A 5 -15.64 -12.99 0.92
N SER A 6 -14.57 -12.77 0.18
CA SER A 6 -13.25 -12.52 0.74
C SER A 6 -13.19 -11.04 1.19
N GLY A 7 -12.11 -10.63 1.81
CA GLY A 7 -11.81 -9.27 2.22
C GLY A 7 -10.71 -8.76 1.32
N PHE A 8 -11.01 -7.76 0.47
CA PHE A 8 -10.03 -7.21 -0.46
C PHE A 8 -8.77 -6.79 0.29
N LYS A 9 -8.93 -5.96 1.34
CA LYS A 9 -7.81 -5.45 2.12
C LYS A 9 -7.00 -6.60 2.73
N ALA A 10 -7.62 -7.73 3.07
CA ALA A 10 -6.94 -8.86 3.68
C ALA A 10 -6.13 -9.67 2.68
N GLU A 11 -6.63 -9.88 1.46
CA GLU A 11 -5.81 -10.48 0.40
C GLU A 11 -4.64 -9.56 0.08
N LEU A 12 -4.93 -8.26 -0.03
CA LEU A 12 -3.94 -7.26 -0.39
C LEU A 12 -2.86 -7.16 0.69
N ASN A 13 -3.23 -7.27 1.97
CA ASN A 13 -2.32 -7.43 3.10
C ASN A 13 -1.45 -8.66 2.88
N GLU A 14 -2.05 -9.83 2.68
CA GLU A 14 -1.32 -11.10 2.61
C GLU A 14 -0.40 -11.18 1.39
N PHE A 15 -0.75 -10.49 0.29
CA PHE A 15 0.14 -10.24 -0.83
C PHE A 15 1.29 -9.36 -0.38
N LEU A 16 0.98 -8.12 0.02
CA LEU A 16 1.97 -7.09 0.29
C LEU A 16 2.97 -7.51 1.37
N THR A 17 2.52 -8.22 2.40
CA THR A 17 3.37 -8.73 3.46
C THR A 17 4.57 -9.49 2.87
N ARG A 18 4.28 -10.39 1.93
CA ARG A 18 5.29 -11.24 1.34
C ARG A 18 6.15 -10.45 0.37
N GLU A 19 5.55 -9.58 -0.46
CA GLU A 19 6.30 -8.76 -1.38
C GLU A 19 7.25 -7.80 -0.67
N LEU A 20 6.92 -7.33 0.54
CA LEU A 20 7.58 -6.21 1.20
C LEU A 20 8.24 -6.58 2.53
N ALA A 21 8.45 -7.87 2.80
CA ALA A 21 8.93 -8.40 4.08
C ALA A 21 10.10 -7.58 4.64
N GLU A 22 11.23 -7.53 3.94
CA GLU A 22 12.43 -6.81 4.35
C GLU A 22 12.36 -5.29 4.14
N ASP A 23 11.40 -4.78 3.36
CA ASP A 23 11.24 -3.33 3.23
C ASP A 23 10.65 -2.73 4.49
N GLY A 24 10.16 -3.56 5.41
CA GLY A 24 9.60 -3.04 6.63
C GLY A 24 8.13 -2.73 6.46
N TYR A 25 7.37 -3.67 5.89
CA TYR A 25 5.93 -3.64 5.87
C TYR A 25 5.37 -3.57 7.29
N SER A 26 4.08 -3.25 7.39
CA SER A 26 3.31 -3.10 8.61
C SER A 26 1.82 -3.31 8.32
N GLY A 27 1.34 -2.85 7.17
CA GLY A 27 -0.04 -2.98 6.75
C GLY A 27 -0.31 -2.15 5.51
N VAL A 28 -1.58 -2.01 5.17
CA VAL A 28 -2.04 -1.26 4.02
C VAL A 28 -3.37 -0.60 4.41
N GLU A 29 -3.71 0.50 3.77
CA GLU A 29 -5.03 1.10 3.73
C GLU A 29 -5.58 1.10 2.31
N VAL A 30 -6.88 1.29 2.19
CA VAL A 30 -7.59 1.33 0.94
C VAL A 30 -8.70 2.37 1.05
N ARG A 31 -8.92 3.21 0.03
CA ARG A 31 -10.03 4.18 0.00
C ARG A 31 -10.76 3.96 -1.32
N VAL A 32 -12.08 3.76 -1.25
CA VAL A 32 -12.91 3.51 -2.42
C VAL A 32 -13.64 4.81 -2.71
N THR A 33 -13.03 5.63 -3.57
CA THR A 33 -13.59 6.92 -3.94
C THR A 33 -14.50 6.76 -5.17
N PRO A 34 -15.28 7.77 -5.56
CA PRO A 34 -16.00 7.77 -6.84
C PRO A 34 -15.07 8.00 -8.05
N THR A 35 -13.74 8.08 -7.85
CA THR A 35 -12.79 8.45 -8.89
C THR A 35 -11.88 7.28 -9.23
N ARG A 36 -11.21 6.71 -8.24
CA ARG A 36 -10.31 5.58 -8.34
C ARG A 36 -10.24 4.87 -6.99
N THR A 37 -9.85 3.61 -6.98
CA THR A 37 -9.38 2.99 -5.75
C THR A 37 -8.05 3.64 -5.42
N GLU A 38 -7.81 3.93 -4.13
CA GLU A 38 -6.51 4.31 -3.61
C GLU A 38 -6.04 3.14 -2.75
N ILE A 39 -4.76 2.80 -2.82
CA ILE A 39 -4.12 1.78 -2.00
C ILE A 39 -2.91 2.44 -1.35
N ILE A 40 -2.81 2.39 -0.02
CA ILE A 40 -1.80 3.11 0.74
C ILE A 40 -1.03 2.09 1.59
N ILE A 41 0.08 1.58 1.07
CA ILE A 41 1.00 0.71 1.79
C ILE A 41 1.59 1.50 2.96
N LEU A 42 1.41 1.00 4.18
CA LEU A 42 1.76 1.68 5.42
C LEU A 42 3.10 1.16 5.91
N ALA A 43 4.22 1.50 5.29
CA ALA A 43 5.50 0.83 5.58
C ALA A 43 6.44 1.72 6.36
N THR A 44 7.44 1.13 7.02
CA THR A 44 8.40 1.89 7.80
C THR A 44 9.36 2.68 6.90
N ARG A 45 9.57 2.22 5.67
CA ARG A 45 10.63 2.68 4.79
C ARG A 45 10.03 2.98 3.41
N THR A 46 9.26 4.06 3.29
CA THR A 46 8.56 4.38 2.04
C THR A 46 9.51 4.47 0.85
N GLN A 47 10.69 5.08 1.03
CA GLN A 47 11.77 5.14 0.03
C GLN A 47 12.14 3.77 -0.51
N ASN A 48 12.18 2.76 0.35
CA ASN A 48 12.52 1.39 -0.02
C ASN A 48 11.40 0.79 -0.86
N VAL A 49 10.16 0.99 -0.42
CA VAL A 49 8.98 0.43 -1.08
C VAL A 49 8.83 1.05 -2.48
N LEU A 50 9.10 2.35 -2.64
CA LEU A 50 9.02 2.99 -3.95
C LEU A 50 10.03 2.40 -4.93
N GLY A 51 11.24 2.10 -4.46
CA GLY A 51 12.37 1.83 -5.33
C GLY A 51 12.89 3.13 -5.95
N GLU A 52 14.02 3.03 -6.66
CA GLU A 52 14.57 4.13 -7.44
C GLU A 52 13.51 4.63 -8.43
N LYS A 53 13.22 5.95 -8.41
CA LYS A 53 12.21 6.63 -9.24
C LYS A 53 10.90 5.82 -9.38
N GLY A 54 10.44 5.22 -8.30
CA GLY A 54 9.17 4.53 -8.29
C GLY A 54 9.21 3.17 -9.00
N ARG A 55 10.40 2.57 -9.15
CA ARG A 55 10.61 1.23 -9.68
C ARG A 55 9.62 0.23 -9.10
N ARG A 56 9.74 -0.06 -7.80
CA ARG A 56 8.98 -1.17 -7.24
C ARG A 56 7.49 -0.83 -7.16
N ILE A 57 7.10 0.43 -6.94
CA ILE A 57 5.68 0.80 -6.96
C ILE A 57 5.06 0.56 -8.34
N ARG A 58 5.74 0.87 -9.46
CA ARG A 58 5.20 0.59 -10.79
C ARG A 58 5.04 -0.90 -11.00
N GLU A 59 6.07 -1.67 -10.63
CA GLU A 59 6.03 -3.13 -10.71
C GLU A 59 4.85 -3.67 -9.90
N LEU A 60 4.67 -3.21 -8.65
CA LEU A 60 3.55 -3.60 -7.79
C LEU A 60 2.21 -3.16 -8.38
N THR A 61 2.12 -1.99 -9.03
CA THR A 61 0.86 -1.57 -9.65
C THR A 61 0.43 -2.60 -10.69
N ALA A 62 1.33 -3.02 -11.58
CA ALA A 62 1.01 -3.96 -12.65
C ALA A 62 0.62 -5.34 -12.10
N VAL A 63 1.40 -5.88 -11.16
CA VAL A 63 1.05 -7.16 -10.53
C VAL A 63 -0.30 -7.04 -9.82
N VAL A 64 -0.55 -6.01 -9.00
CA VAL A 64 -1.82 -5.82 -8.29
C VAL A 64 -2.96 -5.73 -9.30
N GLN A 65 -2.75 -5.03 -10.41
CA GLN A 65 -3.73 -4.93 -11.48
C GLN A 65 -4.15 -6.31 -12.00
N LYS A 66 -3.24 -7.29 -12.00
CA LYS A 66 -3.43 -8.65 -12.46
C LYS A 66 -3.77 -9.63 -11.32
N ARG A 67 -3.48 -9.28 -10.07
CA ARG A 67 -3.75 -10.11 -8.89
C ARG A 67 -5.17 -9.84 -8.38
N PHE A 68 -5.75 -8.69 -8.74
CA PHE A 68 -7.03 -8.22 -8.23
C PHE A 68 -7.97 -7.80 -9.37
N GLY A 69 -7.58 -7.92 -10.64
CA GLY A 69 -8.42 -7.60 -11.79
C GLY A 69 -8.66 -6.11 -11.99
N PHE A 70 -7.96 -5.25 -11.26
CA PHE A 70 -8.21 -3.82 -11.23
C PHE A 70 -8.11 -3.20 -12.63
N PRO A 71 -8.86 -2.10 -12.85
CA PRO A 71 -8.71 -1.22 -14.00
C PRO A 71 -7.38 -0.45 -13.88
N GLU A 72 -7.03 0.32 -14.91
CA GLU A 72 -5.91 1.24 -14.85
C GLU A 72 -6.44 2.68 -14.79
N GLY A 73 -5.65 3.58 -14.21
CA GLY A 73 -6.04 4.93 -13.78
C GLY A 73 -6.98 4.92 -12.56
N SER A 74 -7.99 4.05 -12.61
CA SER A 74 -8.97 3.80 -11.57
C SER A 74 -8.43 2.91 -10.43
N VAL A 75 -7.12 2.60 -10.40
CA VAL A 75 -6.38 2.13 -9.22
C VAL A 75 -5.13 3.00 -9.10
N GLU A 76 -4.86 3.54 -7.92
CA GLU A 76 -3.61 4.22 -7.59
C GLU A 76 -2.97 3.51 -6.41
N LEU A 77 -1.63 3.51 -6.35
CA LEU A 77 -0.87 3.04 -5.20
C LEU A 77 -0.13 4.25 -4.63
N TYR A 78 0.00 4.26 -3.31
CA TYR A 78 0.73 5.25 -2.54
C TYR A 78 1.57 4.48 -1.52
N ALA A 79 2.57 5.17 -0.95
CA ALA A 79 3.34 4.72 0.20
C ALA A 79 3.05 5.70 1.33
N GLU A 80 3.02 5.23 2.56
CA GLU A 80 2.85 6.07 3.73
C GLU A 80 3.75 5.56 4.84
N LYS A 81 4.35 6.46 5.60
CA LYS A 81 5.15 6.09 6.74
C LYS A 81 4.23 5.79 7.92
N VAL A 82 4.58 4.75 8.66
CA VAL A 82 3.87 4.34 9.86
C VAL A 82 4.08 5.34 11.00
N ALA A 83 3.17 5.29 11.97
CA ALA A 83 3.23 5.87 13.30
C ALA A 83 3.24 7.40 13.30
N THR A 84 4.27 8.03 12.75
CA THR A 84 4.16 9.43 12.36
C THR A 84 3.19 9.49 11.18
N ARG A 85 2.66 10.68 10.88
CA ARG A 85 1.59 10.84 9.90
C ARG A 85 1.82 12.09 9.05
N GLY A 86 0.96 12.29 8.05
CA GLY A 86 0.94 13.44 7.17
C GLY A 86 -0.50 13.88 6.96
N SER A 87 -1.07 14.51 7.98
CA SER A 87 -2.16 15.45 7.83
C SER A 87 -1.72 16.65 6.97
N GLY A 88 -2.51 17.71 6.97
CA GLY A 88 -2.36 18.86 6.11
C GLY A 88 -3.52 18.84 5.12
N PRO A 89 -4.72 19.26 5.52
CA PRO A 89 -5.82 19.45 4.61
C PRO A 89 -5.51 20.60 3.65
N SER A 90 -6.12 20.57 2.47
CA SER A 90 -6.15 21.69 1.55
C SER A 90 -7.33 21.47 0.60
N SER A 91 -7.90 22.57 0.12
CA SER A 91 -8.80 22.71 -1.02
C SER A 91 -8.94 24.22 -1.25
N GLY A 92 -9.06 24.62 -2.52
CA GLY A 92 -9.30 26.01 -2.89
C GLY A 92 -10.79 26.24 -2.87
N GLY A 1 -3.29 -10.87 12.59
CA GLY A 1 -3.10 -11.52 11.29
C GLY A 1 -2.84 -13.00 11.47
N SER A 2 -3.89 -13.82 11.46
CA SER A 2 -3.79 -15.27 11.66
C SER A 2 -4.88 -15.99 10.84
N SER A 3 -6.16 -15.72 11.05
CA SER A 3 -7.19 -16.30 10.20
C SER A 3 -7.17 -15.69 8.80
N GLY A 4 -7.46 -16.52 7.82
CA GLY A 4 -7.95 -16.09 6.52
C GLY A 4 -9.41 -15.66 6.68
N SER A 5 -9.83 -14.68 5.89
CA SER A 5 -11.21 -14.22 5.85
C SER A 5 -11.46 -13.57 4.49
N SER A 6 -12.73 -13.47 4.09
CA SER A 6 -13.11 -12.90 2.80
C SER A 6 -13.01 -11.38 2.82
N GLY A 7 -12.19 -10.81 1.93
CA GLY A 7 -12.39 -9.46 1.43
C GLY A 7 -11.07 -8.75 1.19
N PHE A 8 -11.03 -7.88 0.18
CA PHE A 8 -9.85 -7.22 -0.40
C PHE A 8 -8.72 -6.89 0.58
N LYS A 9 -9.03 -6.23 1.70
CA LYS A 9 -8.04 -5.79 2.68
C LYS A 9 -7.26 -6.98 3.28
N ALA A 10 -7.86 -8.17 3.36
CA ALA A 10 -7.20 -9.42 3.69
C ALA A 10 -6.24 -9.79 2.58
N GLU A 11 -6.76 -10.06 1.38
CA GLU A 11 -6.00 -10.45 0.20
C GLU A 11 -4.76 -9.57 0.01
N LEU A 12 -4.94 -8.25 0.13
CA LEU A 12 -3.90 -7.28 -0.11
C LEU A 12 -2.88 -7.25 1.02
N ASN A 13 -3.30 -7.44 2.27
CA ASN A 13 -2.36 -7.50 3.38
C ASN A 13 -1.50 -8.76 3.26
N GLU A 14 -2.15 -9.88 2.95
CA GLU A 14 -1.49 -11.16 2.69
C GLU A 14 -0.41 -10.97 1.62
N PHE A 15 -0.78 -10.44 0.45
CA PHE A 15 0.11 -10.12 -0.66
C PHE A 15 1.29 -9.28 -0.16
N LEU A 16 1.02 -8.08 0.35
CA LEU A 16 2.03 -7.11 0.73
C LEU A 16 2.99 -7.63 1.81
N THR A 17 2.51 -8.51 2.71
CA THR A 17 3.33 -9.14 3.73
C THR A 17 4.54 -9.86 3.11
N ARG A 18 4.37 -10.47 1.93
CA ARG A 18 5.47 -11.10 1.20
C ARG A 18 6.12 -10.06 0.31
N GLU A 19 5.34 -9.35 -0.52
CA GLU A 19 5.85 -8.44 -1.52
C GLU A 19 6.72 -7.29 -0.97
N LEU A 20 6.63 -6.96 0.33
CA LEU A 20 7.47 -5.96 1.00
C LEU A 20 8.04 -6.48 2.33
N ALA A 21 8.18 -7.81 2.43
CA ALA A 21 8.70 -8.53 3.60
C ALA A 21 9.98 -7.88 4.15
N GLU A 22 11.05 -7.86 3.36
CA GLU A 22 12.32 -7.28 3.79
C GLU A 22 12.23 -5.76 3.81
N ASP A 23 11.40 -5.18 2.95
CA ASP A 23 11.39 -3.73 2.71
C ASP A 23 10.98 -2.97 3.95
N GLY A 24 10.13 -3.58 4.79
CA GLY A 24 9.79 -3.01 6.09
C GLY A 24 8.30 -2.76 6.27
N TYR A 25 7.44 -3.61 5.71
CA TYR A 25 5.98 -3.48 5.71
C TYR A 25 5.36 -3.39 7.13
N SER A 26 4.06 -3.10 7.19
CA SER A 26 3.25 -3.13 8.40
C SER A 26 1.86 -3.69 8.06
N GLY A 27 1.17 -2.98 7.17
CA GLY A 27 -0.24 -3.11 6.88
C GLY A 27 -0.56 -2.13 5.75
N VAL A 28 -1.84 -1.96 5.42
CA VAL A 28 -2.24 -1.20 4.25
C VAL A 28 -3.60 -0.57 4.52
N GLU A 29 -3.84 0.61 3.97
CA GLU A 29 -5.12 1.28 3.92
C GLU A 29 -5.62 1.22 2.46
N VAL A 30 -6.94 1.21 2.30
CA VAL A 30 -7.64 1.21 1.02
C VAL A 30 -8.64 2.34 1.07
N ARG A 31 -8.82 3.00 -0.07
CA ARG A 31 -9.89 3.93 -0.32
C ARG A 31 -10.48 3.60 -1.69
N VAL A 32 -11.74 3.93 -1.84
CA VAL A 32 -12.57 3.66 -3.00
C VAL A 32 -13.38 4.94 -3.17
N THR A 33 -13.23 5.61 -4.31
CA THR A 33 -13.89 6.88 -4.59
C THR A 33 -14.77 6.69 -5.82
N PRO A 34 -15.63 7.66 -6.19
CA PRO A 34 -16.43 7.58 -7.40
C PRO A 34 -15.58 7.73 -8.67
N THR A 35 -14.25 7.73 -8.58
CA THR A 35 -13.38 7.76 -9.75
C THR A 35 -12.46 6.55 -9.76
N ARG A 36 -11.66 6.32 -8.71
CA ARG A 36 -10.64 5.28 -8.67
C ARG A 36 -10.58 4.60 -7.31
N THR A 37 -9.82 3.51 -7.25
CA THR A 37 -9.33 2.95 -6.02
C THR A 37 -8.00 3.65 -5.70
N GLU A 38 -7.69 3.75 -4.43
CA GLU A 38 -6.45 4.28 -3.91
C GLU A 38 -5.96 3.26 -2.89
N ILE A 39 -4.68 2.92 -2.94
CA ILE A 39 -4.05 1.89 -2.13
C ILE A 39 -2.86 2.55 -1.44
N ILE A 40 -2.83 2.55 -0.11
CA ILE A 40 -1.84 3.28 0.66
C ILE A 40 -1.13 2.26 1.54
N ILE A 41 0.05 1.81 1.11
CA ILE A 41 0.90 0.90 1.87
C ILE A 41 1.43 1.66 3.07
N LEU A 42 1.48 0.97 4.21
CA LEU A 42 2.08 1.44 5.44
C LEU A 42 3.35 0.61 5.66
N ALA A 43 4.52 1.26 5.55
CA ALA A 43 5.81 0.60 5.79
C ALA A 43 6.80 1.57 6.44
N THR A 44 7.95 1.08 6.88
CA THR A 44 8.92 1.84 7.65
C THR A 44 9.86 2.67 6.78
N ARG A 45 10.11 2.22 5.55
CA ARG A 45 11.18 2.72 4.69
C ARG A 45 10.53 2.96 3.33
N THR A 46 9.72 4.01 3.27
CA THR A 46 8.96 4.39 2.08
C THR A 46 9.82 4.53 0.83
N GLN A 47 11.10 4.86 0.98
CA GLN A 47 12.07 4.88 -0.10
C GLN A 47 12.17 3.52 -0.79
N ASN A 48 12.22 2.43 -0.01
CA ASN A 48 12.28 1.05 -0.52
C ASN A 48 10.96 0.64 -1.19
N VAL A 49 9.84 1.06 -0.62
CA VAL A 49 8.50 0.76 -1.14
C VAL A 49 8.30 1.44 -2.50
N LEU A 50 8.80 2.67 -2.66
CA LEU A 50 8.74 3.34 -3.95
C LEU A 50 9.77 2.73 -4.89
N GLY A 51 10.99 2.49 -4.42
CA GLY A 51 12.09 2.07 -5.28
C GLY A 51 12.50 3.19 -6.23
N GLU A 52 13.38 2.86 -7.17
CA GLU A 52 14.06 3.79 -8.06
C GLU A 52 13.07 4.59 -8.89
N LYS A 53 12.88 5.87 -8.57
CA LYS A 53 11.85 6.74 -9.12
C LYS A 53 10.50 6.02 -9.22
N GLY A 54 10.11 5.34 -8.15
CA GLY A 54 8.83 4.67 -8.10
C GLY A 54 8.84 3.27 -8.72
N ARG A 55 9.99 2.68 -9.08
CA ARG A 55 10.07 1.32 -9.66
C ARG A 55 9.18 0.33 -8.92
N ARG A 56 9.39 0.09 -7.62
CA ARG A 56 8.65 -0.93 -6.91
C ARG A 56 7.16 -0.63 -6.99
N ILE A 57 6.76 0.60 -6.66
CA ILE A 57 5.33 0.92 -6.61
C ILE A 57 4.69 0.81 -8.01
N ARG A 58 5.44 1.17 -9.07
CA ARG A 58 5.03 1.04 -10.45
C ARG A 58 4.86 -0.42 -10.81
N GLU A 59 5.91 -1.23 -10.71
CA GLU A 59 5.93 -2.63 -10.99
C GLU A 59 4.80 -3.34 -10.26
N LEU A 60 4.67 -3.13 -8.95
CA LEU A 60 3.62 -3.74 -8.16
C LEU A 60 2.24 -3.19 -8.50
N THR A 61 2.09 -1.99 -9.10
CA THR A 61 0.81 -1.59 -9.68
C THR A 61 0.38 -2.64 -10.70
N ALA A 62 1.28 -3.07 -11.58
CA ALA A 62 0.97 -4.04 -12.62
C ALA A 62 0.72 -5.44 -12.03
N VAL A 63 1.49 -5.84 -11.02
CA VAL A 63 1.26 -7.12 -10.35
C VAL A 63 -0.14 -7.08 -9.72
N VAL A 64 -0.44 -6.06 -8.90
CA VAL A 64 -1.73 -5.89 -8.25
C VAL A 64 -2.84 -5.86 -9.29
N GLN A 65 -2.69 -5.09 -10.38
CA GLN A 65 -3.72 -4.93 -11.38
C GLN A 65 -4.18 -6.30 -11.91
N LYS A 66 -3.24 -7.23 -12.15
CA LYS A 66 -3.53 -8.54 -12.68
C LYS A 66 -4.01 -9.45 -11.56
N ARG A 67 -3.27 -9.52 -10.44
CA ARG A 67 -3.59 -10.36 -9.28
C ARG A 67 -5.02 -10.12 -8.81
N PHE A 68 -5.40 -8.84 -8.68
CA PHE A 68 -6.68 -8.45 -8.09
C PHE A 68 -7.76 -8.19 -9.15
N GLY A 69 -7.38 -8.08 -10.43
CA GLY A 69 -8.34 -7.88 -11.51
C GLY A 69 -8.93 -6.48 -11.44
N PHE A 70 -8.07 -5.46 -11.38
CA PHE A 70 -8.46 -4.05 -11.47
C PHE A 70 -8.47 -3.59 -12.93
N PRO A 71 -9.25 -2.56 -13.27
CA PRO A 71 -9.06 -1.77 -14.49
C PRO A 71 -7.68 -1.07 -14.47
N GLU A 72 -7.29 -0.54 -15.63
CA GLU A 72 -6.22 0.44 -15.72
C GLU A 72 -6.75 1.81 -15.28
N GLY A 73 -5.83 2.72 -14.93
CA GLY A 73 -6.12 4.14 -14.69
C GLY A 73 -6.99 4.40 -13.46
N SER A 74 -7.44 3.35 -12.78
CA SER A 74 -8.50 3.37 -11.78
C SER A 74 -8.11 2.63 -10.50
N VAL A 75 -6.82 2.36 -10.35
CA VAL A 75 -6.20 1.97 -9.10
C VAL A 75 -4.88 2.74 -9.04
N GLU A 76 -4.65 3.48 -7.96
CA GLU A 76 -3.39 4.19 -7.72
C GLU A 76 -2.78 3.62 -6.45
N LEU A 77 -1.44 3.58 -6.40
CA LEU A 77 -0.69 3.05 -5.26
C LEU A 77 0.16 4.18 -4.69
N TYR A 78 0.15 4.30 -3.37
CA TYR A 78 0.83 5.29 -2.56
C TYR A 78 1.58 4.58 -1.44
N ALA A 79 2.49 5.29 -0.77
CA ALA A 79 3.37 4.74 0.24
C ALA A 79 3.51 5.76 1.38
N GLU A 80 2.93 5.45 2.53
CA GLU A 80 3.00 6.25 3.75
C GLU A 80 3.97 5.57 4.70
N LYS A 81 4.59 6.39 5.56
CA LYS A 81 5.54 5.89 6.54
C LYS A 81 4.79 5.70 7.84
N VAL A 82 5.16 4.66 8.58
CA VAL A 82 4.58 4.33 9.86
C VAL A 82 5.31 5.11 10.94
N ALA A 83 4.58 5.51 11.98
CA ALA A 83 5.06 6.05 13.25
C ALA A 83 3.84 6.35 14.11
N THR A 84 4.10 6.69 15.37
CA THR A 84 3.07 6.99 16.35
C THR A 84 3.57 8.15 17.19
N ARG A 85 2.82 9.24 17.29
CA ARG A 85 3.08 10.32 18.23
C ARG A 85 1.77 11.01 18.58
N GLY A 86 1.59 11.29 19.85
CA GLY A 86 0.42 11.96 20.39
C GLY A 86 0.88 12.78 21.56
N SER A 87 1.50 13.93 21.29
CA SER A 87 2.03 14.86 22.29
C SER A 87 2.50 16.10 21.54
N GLY A 88 1.87 17.24 21.79
CA GLY A 88 2.31 18.51 21.23
C GLY A 88 3.57 18.95 21.99
N PRO A 89 4.72 19.15 21.32
CA PRO A 89 5.88 19.77 21.95
C PRO A 89 5.68 21.28 22.08
N SER A 90 6.57 21.90 22.82
CA SER A 90 6.84 23.33 22.86
C SER A 90 8.29 23.53 22.38
N SER A 91 8.85 24.72 22.58
CA SER A 91 10.29 24.95 22.59
C SER A 91 10.55 26.04 23.63
N GLY A 92 11.78 26.12 24.14
CA GLY A 92 12.16 26.83 25.35
C GLY A 92 13.24 25.99 26.02
N GLY A 1 0.97 -11.14 13.10
CA GLY A 1 1.22 -12.39 12.36
C GLY A 1 0.46 -12.39 11.04
N SER A 2 0.15 -13.56 10.47
CA SER A 2 -0.65 -13.59 9.26
C SER A 2 -2.04 -13.02 9.57
N SER A 3 -2.59 -12.25 8.64
CA SER A 3 -3.86 -11.56 8.82
C SER A 3 -4.52 -11.35 7.45
N GLY A 4 -4.99 -12.45 6.87
CA GLY A 4 -5.84 -12.49 5.70
C GLY A 4 -6.97 -13.50 5.88
N SER A 5 -7.53 -13.96 4.74
CA SER A 5 -8.74 -14.74 4.46
C SER A 5 -9.60 -13.91 3.48
N SER A 6 -10.91 -14.19 3.37
CA SER A 6 -11.84 -13.34 2.65
C SER A 6 -11.75 -11.87 3.05
N GLY A 7 -12.27 -11.03 2.17
CA GLY A 7 -12.19 -9.60 2.24
C GLY A 7 -11.05 -9.12 1.35
N PHE A 8 -11.30 -8.11 0.53
CA PHE A 8 -10.28 -7.55 -0.34
C PHE A 8 -9.04 -7.14 0.46
N LYS A 9 -9.24 -6.42 1.56
CA LYS A 9 -8.14 -5.84 2.34
C LYS A 9 -7.22 -6.94 2.88
N ALA A 10 -7.80 -8.07 3.28
CA ALA A 10 -7.10 -9.23 3.79
C ALA A 10 -6.17 -9.83 2.74
N GLU A 11 -6.68 -10.15 1.55
CA GLU A 11 -5.85 -10.70 0.47
C GLU A 11 -4.73 -9.73 0.12
N LEU A 12 -5.05 -8.44 0.04
CA LEU A 12 -4.10 -7.41 -0.32
C LEU A 12 -3.01 -7.29 0.74
N ASN A 13 -3.38 -7.33 2.02
CA ASN A 13 -2.44 -7.29 3.14
C ASN A 13 -1.51 -8.49 3.08
N GLU A 14 -2.05 -9.70 2.93
CA GLU A 14 -1.25 -10.91 2.77
C GLU A 14 -0.34 -10.85 1.53
N PHE A 15 -0.80 -10.27 0.42
CA PHE A 15 0.03 -10.08 -0.77
C PHE A 15 1.26 -9.22 -0.45
N LEU A 16 1.01 -7.99 0.00
CA LEU A 16 2.02 -6.97 0.33
C LEU A 16 2.97 -7.49 1.42
N THR A 17 2.47 -8.27 2.38
CA THR A 17 3.24 -8.82 3.50
C THR A 17 4.50 -9.57 3.04
N ARG A 18 4.48 -10.20 1.86
CA ARG A 18 5.64 -10.92 1.31
C ARG A 18 6.47 -9.99 0.47
N GLU A 19 5.86 -9.34 -0.52
CA GLU A 19 6.54 -8.46 -1.47
C GLU A 19 7.38 -7.40 -0.74
N LEU A 20 6.88 -6.83 0.36
CA LEU A 20 7.51 -5.74 1.10
C LEU A 20 8.10 -6.22 2.43
N ALA A 21 8.33 -7.52 2.61
CA ALA A 21 8.74 -8.08 3.89
C ALA A 21 10.08 -7.54 4.36
N GLU A 22 11.12 -7.56 3.52
CA GLU A 22 12.46 -7.09 3.88
C GLU A 22 12.55 -5.56 3.82
N ASP A 23 11.59 -4.89 3.18
CA ASP A 23 11.49 -3.45 3.16
C ASP A 23 11.07 -2.95 4.54
N GLY A 24 10.12 -3.62 5.21
CA GLY A 24 9.59 -3.18 6.50
C GLY A 24 8.10 -2.88 6.50
N TYR A 25 7.27 -3.76 5.92
CA TYR A 25 5.82 -3.61 5.86
C TYR A 25 5.17 -3.56 7.27
N SER A 26 3.90 -3.17 7.34
CA SER A 26 3.14 -3.07 8.59
C SER A 26 1.63 -3.11 8.41
N GLY A 27 1.10 -2.66 7.27
CA GLY A 27 -0.31 -2.77 6.97
C GLY A 27 -0.66 -1.90 5.77
N VAL A 28 -1.96 -1.74 5.52
CA VAL A 28 -2.45 -1.05 4.35
C VAL A 28 -3.79 -0.41 4.70
N GLU A 29 -4.10 0.72 4.06
CA GLU A 29 -5.44 1.26 3.96
C GLU A 29 -5.88 1.24 2.51
N VAL A 30 -7.19 1.27 2.35
CA VAL A 30 -7.91 0.99 1.13
C VAL A 30 -9.03 2.04 1.07
N ARG A 31 -9.10 2.80 -0.03
CA ARG A 31 -10.08 3.86 -0.24
C ARG A 31 -10.67 3.69 -1.63
N VAL A 32 -11.99 3.63 -1.73
CA VAL A 32 -12.71 3.67 -3.00
C VAL A 32 -13.56 4.93 -3.00
N THR A 33 -13.42 5.72 -4.05
CA THR A 33 -14.09 7.00 -4.21
C THR A 33 -14.94 6.98 -5.49
N PRO A 34 -15.73 8.03 -5.78
CA PRO A 34 -16.35 8.19 -7.09
C PRO A 34 -15.35 8.51 -8.21
N THR A 35 -14.04 8.55 -7.94
CA THR A 35 -13.02 8.77 -8.97
C THR A 35 -12.17 7.51 -9.17
N ARG A 36 -11.46 7.00 -8.15
CA ARG A 36 -10.64 5.80 -8.32
C ARG A 36 -10.34 5.11 -7.00
N THR A 37 -10.03 3.82 -7.09
CA THR A 37 -9.48 3.03 -6.01
C THR A 37 -8.11 3.61 -5.64
N GLU A 38 -7.75 3.52 -4.36
CA GLU A 38 -6.52 4.01 -3.76
C GLU A 38 -6.03 2.93 -2.79
N ILE A 39 -4.74 2.60 -2.80
CA ILE A 39 -4.11 1.63 -1.90
C ILE A 39 -2.96 2.37 -1.24
N ILE A 40 -2.94 2.42 0.09
CA ILE A 40 -1.95 3.17 0.86
C ILE A 40 -1.28 2.17 1.80
N ILE A 41 -0.16 1.60 1.37
CA ILE A 41 0.67 0.76 2.21
C ILE A 41 1.30 1.64 3.30
N LEU A 42 1.36 1.11 4.51
CA LEU A 42 1.96 1.67 5.71
C LEU A 42 3.24 0.86 5.95
N ALA A 43 4.42 1.49 5.86
CA ALA A 43 5.70 0.79 6.04
C ALA A 43 6.78 1.70 6.64
N THR A 44 7.99 1.20 6.94
CA THR A 44 9.02 2.00 7.62
C THR A 44 9.95 2.75 6.66
N ARG A 45 10.08 2.32 5.41
CA ARG A 45 11.19 2.69 4.51
C ARG A 45 10.62 3.00 3.13
N THR A 46 9.91 4.11 3.00
CA THR A 46 9.19 4.44 1.77
C THR A 46 10.12 4.50 0.56
N GLN A 47 11.39 4.93 0.71
CA GLN A 47 12.35 4.90 -0.40
C GLN A 47 12.57 3.48 -0.93
N ASN A 48 12.58 2.48 -0.04
CA ASN A 48 12.81 1.08 -0.37
C ASN A 48 11.57 0.53 -1.09
N VAL A 49 10.40 0.88 -0.57
CA VAL A 49 9.09 0.49 -1.08
C VAL A 49 8.96 0.96 -2.53
N LEU A 50 9.26 2.25 -2.77
CA LEU A 50 9.20 2.85 -4.10
C LEU A 50 10.25 2.25 -5.03
N GLY A 51 11.39 1.83 -4.48
CA GLY A 51 12.55 1.43 -5.25
C GLY A 51 13.27 2.67 -5.78
N GLU A 52 14.38 2.43 -6.49
CA GLU A 52 15.05 3.45 -7.28
C GLU A 52 14.04 4.05 -8.25
N LYS A 53 13.88 5.38 -8.23
CA LYS A 53 13.07 6.16 -9.16
C LYS A 53 11.62 5.67 -9.33
N GLY A 54 11.06 4.94 -8.37
CA GLY A 54 9.67 4.48 -8.44
C GLY A 54 9.51 3.13 -9.16
N ARG A 55 10.59 2.39 -9.39
CA ARG A 55 10.60 1.09 -10.02
C ARG A 55 9.69 0.09 -9.32
N ARG A 56 9.86 -0.12 -8.00
CA ARG A 56 9.06 -1.14 -7.34
C ARG A 56 7.60 -0.74 -7.29
N ILE A 57 7.27 0.54 -7.07
CA ILE A 57 5.86 0.92 -7.09
C ILE A 57 5.24 0.70 -8.49
N ARG A 58 5.98 0.97 -9.57
CA ARG A 58 5.54 0.69 -10.94
C ARG A 58 5.30 -0.80 -11.17
N GLU A 59 6.18 -1.67 -10.64
CA GLU A 59 5.96 -3.11 -10.66
C GLU A 59 4.69 -3.42 -9.87
N LEU A 60 4.65 -3.05 -8.58
CA LEU A 60 3.59 -3.37 -7.64
C LEU A 60 2.21 -2.95 -8.13
N THR A 61 2.06 -1.78 -8.75
CA THR A 61 0.82 -1.39 -9.40
C THR A 61 0.39 -2.43 -10.44
N ALA A 62 1.27 -2.84 -11.36
CA ALA A 62 0.95 -3.78 -12.43
C ALA A 62 0.63 -5.19 -11.88
N VAL A 63 1.41 -5.69 -10.93
CA VAL A 63 1.14 -7.00 -10.33
C VAL A 63 -0.23 -6.94 -9.64
N VAL A 64 -0.51 -5.94 -8.80
CA VAL A 64 -1.81 -5.76 -8.15
C VAL A 64 -2.92 -5.69 -9.19
N GLN A 65 -2.73 -4.89 -10.24
CA GLN A 65 -3.71 -4.72 -11.31
C GLN A 65 -4.10 -6.08 -11.90
N LYS A 66 -3.13 -6.96 -12.21
CA LYS A 66 -3.43 -8.25 -12.81
C LYS A 66 -4.02 -9.18 -11.76
N ARG A 67 -3.49 -9.19 -10.55
CA ARG A 67 -3.86 -10.13 -9.49
C ARG A 67 -5.32 -9.92 -9.11
N PHE A 68 -5.66 -8.67 -8.82
CA PHE A 68 -6.94 -8.25 -8.29
C PHE A 68 -7.86 -7.71 -9.41
N GLY A 69 -7.42 -7.72 -10.67
CA GLY A 69 -8.22 -7.36 -11.84
C GLY A 69 -8.56 -5.87 -11.93
N PHE A 70 -7.82 -5.00 -11.22
CA PHE A 70 -8.15 -3.59 -11.15
C PHE A 70 -8.07 -2.90 -12.52
N PRO A 71 -8.88 -1.87 -12.76
CA PRO A 71 -8.81 -1.06 -13.96
C PRO A 71 -7.64 -0.09 -13.87
N GLU A 72 -6.84 -0.03 -14.94
CA GLU A 72 -5.76 0.92 -15.09
C GLU A 72 -6.26 2.37 -14.97
N GLY A 73 -5.47 3.23 -14.32
CA GLY A 73 -5.79 4.63 -14.09
C GLY A 73 -6.93 4.85 -13.08
N SER A 74 -7.67 3.79 -12.75
CA SER A 74 -8.75 3.78 -11.76
C SER A 74 -8.41 2.88 -10.57
N VAL A 75 -7.14 2.49 -10.44
CA VAL A 75 -6.48 2.11 -9.18
C VAL A 75 -5.24 2.97 -9.06
N GLU A 76 -4.90 3.37 -7.83
CA GLU A 76 -3.67 4.06 -7.49
C GLU A 76 -3.01 3.34 -6.32
N LEU A 77 -1.69 3.43 -6.25
CA LEU A 77 -0.88 2.92 -5.16
C LEU A 77 -0.05 4.10 -4.65
N TYR A 78 -0.11 4.29 -3.33
CA TYR A 78 0.64 5.27 -2.56
C TYR A 78 1.61 4.50 -1.68
N ALA A 79 2.57 5.18 -1.04
CA ALA A 79 3.43 4.59 -0.04
C ALA A 79 3.56 5.61 1.09
N GLU A 80 2.94 5.30 2.22
CA GLU A 80 2.96 6.13 3.41
C GLU A 80 3.89 5.50 4.44
N LYS A 81 4.24 6.24 5.48
CA LYS A 81 5.17 5.79 6.48
C LYS A 81 4.48 5.61 7.83
N VAL A 82 4.89 4.58 8.56
CA VAL A 82 4.49 4.33 9.94
C VAL A 82 5.14 5.34 10.89
N ALA A 83 4.56 5.42 12.09
CA ALA A 83 5.12 6.03 13.29
C ALA A 83 5.33 7.54 13.24
N THR A 84 5.07 8.18 12.09
CA THR A 84 4.94 9.59 11.77
C THR A 84 5.54 10.52 12.84
N ARG A 85 6.88 10.61 12.88
CA ARG A 85 7.59 11.43 13.87
C ARG A 85 8.94 11.87 13.29
N GLY A 86 9.49 12.96 13.82
CA GLY A 86 10.68 13.61 13.31
C GLY A 86 10.31 15.01 12.84
N SER A 87 11.31 15.87 12.65
CA SER A 87 11.14 17.27 12.34
C SER A 87 12.17 17.60 11.25
N GLY A 88 11.70 17.95 10.06
CA GLY A 88 12.56 18.03 8.90
C GLY A 88 13.47 19.26 8.92
N PRO A 89 14.52 19.28 8.08
CA PRO A 89 15.52 20.34 8.04
C PRO A 89 14.87 21.71 7.85
N SER A 90 15.14 22.65 8.76
CA SER A 90 14.52 23.97 8.80
C SER A 90 15.61 25.01 9.12
N SER A 91 16.73 24.90 8.41
CA SER A 91 18.04 25.45 8.75
C SER A 91 18.68 24.48 9.76
N GLY A 92 19.91 24.07 9.50
CA GLY A 92 20.49 22.86 10.07
C GLY A 92 20.32 21.81 9.00
N GLY A 1 -16.20 -1.53 19.95
CA GLY A 1 -15.76 -1.15 18.61
C GLY A 1 -14.62 -2.02 18.13
N SER A 2 -13.70 -1.44 17.35
CA SER A 2 -12.56 -2.06 16.68
C SER A 2 -13.02 -2.52 15.29
N SER A 3 -12.77 -1.68 14.28
CA SER A 3 -13.09 -1.99 12.89
C SER A 3 -12.15 -3.10 12.40
N GLY A 4 -12.71 -4.29 12.23
CA GLY A 4 -12.03 -5.45 11.68
C GLY A 4 -11.73 -5.31 10.18
N SER A 5 -11.27 -6.40 9.59
CA SER A 5 -10.90 -6.50 8.18
C SER A 5 -11.33 -7.89 7.65
N SER A 6 -11.51 -8.02 6.34
CA SER A 6 -11.92 -9.22 5.61
C SER A 6 -11.74 -8.95 4.11
N GLY A 7 -11.90 -9.98 3.27
CA GLY A 7 -12.04 -9.82 1.84
C GLY A 7 -10.77 -9.25 1.22
N PHE A 8 -10.93 -8.38 0.22
CA PHE A 8 -9.85 -7.62 -0.43
C PHE A 8 -8.79 -7.15 0.55
N LYS A 9 -9.20 -6.54 1.66
CA LYS A 9 -8.27 -5.97 2.62
C LYS A 9 -7.33 -7.05 3.19
N ALA A 10 -7.78 -8.29 3.37
CA ALA A 10 -6.97 -9.42 3.80
C ALA A 10 -6.06 -9.87 2.66
N GLU A 11 -6.60 -10.15 1.46
CA GLU A 11 -5.78 -10.58 0.32
C GLU A 11 -4.62 -9.59 0.10
N LEU A 12 -4.93 -8.30 0.12
CA LEU A 12 -3.98 -7.23 -0.14
C LEU A 12 -2.89 -7.20 0.95
N ASN A 13 -3.28 -7.39 2.21
CA ASN A 13 -2.38 -7.50 3.35
C ASN A 13 -1.47 -8.71 3.17
N GLU A 14 -2.04 -9.89 2.90
CA GLU A 14 -1.32 -11.16 2.79
C GLU A 14 -0.43 -11.19 1.54
N PHE A 15 -0.81 -10.44 0.48
CA PHE A 15 0.02 -10.18 -0.70
C PHE A 15 1.22 -9.32 -0.29
N LEU A 16 0.95 -8.10 0.19
CA LEU A 16 1.96 -7.08 0.47
C LEU A 16 2.98 -7.56 1.47
N THR A 17 2.56 -8.35 2.45
CA THR A 17 3.45 -8.93 3.45
C THR A 17 4.65 -9.62 2.79
N ARG A 18 4.42 -10.38 1.71
CA ARG A 18 5.48 -11.13 1.05
C ARG A 18 6.24 -10.23 0.10
N GLU A 19 5.53 -9.39 -0.65
CA GLU A 19 6.12 -8.61 -1.71
C GLU A 19 7.00 -7.48 -1.16
N LEU A 20 6.79 -7.05 0.10
CA LEU A 20 7.54 -6.04 0.82
C LEU A 20 8.17 -6.63 2.09
N ALA A 21 8.52 -7.93 2.06
CA ALA A 21 8.93 -8.66 3.25
C ALA A 21 10.11 -8.03 3.99
N GLU A 22 11.16 -7.61 3.29
CA GLU A 22 12.36 -7.06 3.93
C GLU A 22 12.20 -5.55 4.20
N ASP A 23 11.13 -4.92 3.69
CA ASP A 23 10.97 -3.48 3.67
C ASP A 23 10.55 -2.92 5.02
N GLY A 24 10.05 -3.72 5.97
CA GLY A 24 9.34 -3.13 7.09
C GLY A 24 7.93 -2.77 6.67
N TYR A 25 7.23 -3.70 6.01
CA TYR A 25 5.81 -3.56 5.79
C TYR A 25 5.09 -3.58 7.14
N SER A 26 4.04 -2.77 7.30
CA SER A 26 3.32 -2.60 8.57
C SER A 26 1.82 -2.85 8.43
N GLY A 27 1.24 -2.63 7.25
CA GLY A 27 -0.17 -2.83 6.98
C GLY A 27 -0.59 -2.02 5.77
N VAL A 28 -1.89 -1.91 5.53
CA VAL A 28 -2.40 -1.23 4.35
C VAL A 28 -3.79 -0.70 4.67
N GLU A 29 -4.11 0.44 4.09
CA GLU A 29 -5.42 1.04 4.05
C GLU A 29 -5.85 1.15 2.58
N VAL A 30 -7.14 1.38 2.39
CA VAL A 30 -7.80 1.36 1.10
C VAL A 30 -8.85 2.46 1.11
N ARG A 31 -9.01 3.15 -0.03
CA ARG A 31 -10.02 4.18 -0.20
C ARG A 31 -10.88 3.88 -1.42
N VAL A 32 -11.97 4.62 -1.52
CA VAL A 32 -13.01 4.48 -2.52
C VAL A 32 -13.35 5.90 -2.92
N THR A 33 -13.15 6.25 -4.18
CA THR A 33 -13.51 7.57 -4.69
C THR A 33 -14.50 7.43 -5.85
N PRO A 34 -15.10 8.53 -6.32
CA PRO A 34 -15.82 8.55 -7.58
C PRO A 34 -14.88 8.63 -8.80
N THR A 35 -13.58 8.36 -8.66
CA THR A 35 -12.63 8.46 -9.77
C THR A 35 -11.82 7.16 -9.95
N ARG A 36 -11.20 6.67 -8.87
CA ARG A 36 -10.40 5.44 -8.88
C ARG A 36 -10.35 4.81 -7.49
N THR A 37 -10.01 3.53 -7.43
CA THR A 37 -9.60 2.88 -6.19
C THR A 37 -8.21 3.41 -5.81
N GLU A 38 -7.91 3.42 -4.52
CA GLU A 38 -6.72 3.99 -3.94
C GLU A 38 -6.25 3.02 -2.85
N ILE A 39 -4.95 2.71 -2.85
CA ILE A 39 -4.32 1.70 -2.01
C ILE A 39 -3.14 2.36 -1.31
N ILE A 40 -3.11 2.31 0.01
CA ILE A 40 -2.16 3.08 0.81
C ILE A 40 -1.44 2.11 1.76
N ILE A 41 -0.26 1.63 1.37
CA ILE A 41 0.62 0.82 2.19
C ILE A 41 1.17 1.69 3.31
N LEU A 42 1.13 1.15 4.53
CA LEU A 42 1.75 1.68 5.72
C LEU A 42 3.03 0.86 5.89
N ALA A 43 4.20 1.47 5.76
CA ALA A 43 5.48 0.79 5.93
C ALA A 43 6.52 1.74 6.56
N THR A 44 7.74 1.28 6.87
CA THR A 44 8.71 2.12 7.56
C THR A 44 9.75 2.71 6.57
N ARG A 45 10.33 1.86 5.73
CA ARG A 45 11.37 2.16 4.75
C ARG A 45 10.69 2.51 3.42
N THR A 46 9.90 3.57 3.36
CA THR A 46 9.12 3.92 2.17
C THR A 46 9.98 4.10 0.91
N GLN A 47 11.24 4.49 1.06
CA GLN A 47 12.24 4.51 0.00
C GLN A 47 12.46 3.15 -0.66
N ASN A 48 12.45 2.06 0.10
CA ASN A 48 12.53 0.70 -0.42
C ASN A 48 11.26 0.40 -1.22
N VAL A 49 10.09 0.73 -0.65
CA VAL A 49 8.78 0.46 -1.25
C VAL A 49 8.66 1.16 -2.61
N LEU A 50 9.18 2.38 -2.72
CA LEU A 50 9.25 3.10 -3.99
C LEU A 50 10.20 2.39 -4.96
N GLY A 51 11.35 1.99 -4.46
CA GLY A 51 12.42 1.37 -5.23
C GLY A 51 13.23 2.39 -6.00
N GLU A 52 14.27 1.90 -6.66
CA GLU A 52 15.22 2.71 -7.43
C GLU A 52 14.47 3.53 -8.47
N LYS A 53 14.53 4.87 -8.36
CA LYS A 53 13.82 5.79 -9.25
C LYS A 53 12.31 5.48 -9.35
N GLY A 54 11.73 4.83 -8.34
CA GLY A 54 10.33 4.49 -8.33
C GLY A 54 10.01 3.26 -9.18
N ARG A 55 10.98 2.36 -9.41
CA ARG A 55 10.71 1.11 -10.13
C ARG A 55 9.64 0.31 -9.43
N ARG A 56 9.84 -0.04 -8.16
CA ARG A 56 8.98 -1.01 -7.48
C ARG A 56 7.55 -0.50 -7.38
N ILE A 57 7.31 0.79 -7.09
CA ILE A 57 5.94 1.30 -6.97
C ILE A 57 5.15 1.07 -8.28
N ARG A 58 5.80 1.33 -9.42
CA ARG A 58 5.23 1.14 -10.74
C ARG A 58 5.08 -0.34 -11.05
N GLU A 59 6.08 -1.16 -10.70
CA GLU A 59 6.08 -2.60 -10.93
C GLU A 59 4.84 -3.18 -10.25
N LEU A 60 4.73 -2.94 -8.95
CA LEU A 60 3.66 -3.44 -8.09
C LEU A 60 2.29 -2.93 -8.52
N THR A 61 2.17 -1.80 -9.20
CA THR A 61 0.89 -1.39 -9.77
C THR A 61 0.41 -2.43 -10.78
N ALA A 62 1.27 -2.85 -11.70
CA ALA A 62 0.94 -3.92 -12.64
C ALA A 62 0.72 -5.25 -11.91
N VAL A 63 1.54 -5.55 -10.89
CA VAL A 63 1.36 -6.76 -10.09
C VAL A 63 -0.07 -6.76 -9.51
N VAL A 64 -0.47 -5.70 -8.83
CA VAL A 64 -1.78 -5.57 -8.19
C VAL A 64 -2.89 -5.60 -9.24
N GLN A 65 -2.73 -4.90 -10.36
CA GLN A 65 -3.67 -4.92 -11.45
C GLN A 65 -3.94 -6.36 -11.92
N LYS A 66 -2.92 -7.24 -11.93
CA LYS A 66 -3.08 -8.65 -12.21
C LYS A 66 -3.73 -9.35 -11.01
N ARG A 67 -3.11 -9.28 -9.84
CA ARG A 67 -3.49 -10.04 -8.63
C ARG A 67 -4.94 -9.79 -8.22
N PHE A 68 -5.46 -8.59 -8.50
CA PHE A 68 -6.75 -8.11 -8.03
C PHE A 68 -7.68 -7.74 -9.19
N GLY A 69 -7.25 -7.93 -10.45
CA GLY A 69 -8.08 -7.74 -11.63
C GLY A 69 -8.58 -6.31 -11.83
N PHE A 70 -7.86 -5.33 -11.26
CA PHE A 70 -8.29 -3.94 -11.23
C PHE A 70 -8.38 -3.36 -12.64
N PRO A 71 -9.33 -2.45 -12.90
CA PRO A 71 -9.33 -1.64 -14.11
C PRO A 71 -8.08 -0.76 -14.17
N GLU A 72 -7.41 -0.82 -15.31
CA GLU A 72 -6.39 0.17 -15.65
C GLU A 72 -7.05 1.55 -15.68
N GLY A 73 -6.31 2.58 -15.24
CA GLY A 73 -6.79 3.95 -15.12
C GLY A 73 -7.69 4.19 -13.91
N SER A 74 -7.99 3.17 -13.10
CA SER A 74 -8.90 3.24 -11.97
C SER A 74 -8.36 2.50 -10.73
N VAL A 75 -7.06 2.28 -10.63
CA VAL A 75 -6.38 1.94 -9.38
C VAL A 75 -5.14 2.83 -9.21
N GLU A 76 -4.87 3.33 -8.01
CA GLU A 76 -3.58 3.93 -7.64
C GLU A 76 -3.03 3.28 -6.39
N LEU A 77 -1.69 3.34 -6.27
CA LEU A 77 -0.86 2.66 -5.30
C LEU A 77 0.10 3.67 -4.71
N TYR A 78 -0.04 3.96 -3.42
CA TYR A 78 0.67 5.02 -2.72
C TYR A 78 1.73 4.42 -1.78
N ALA A 79 2.54 5.26 -1.12
CA ALA A 79 3.48 4.80 -0.09
C ALA A 79 3.51 5.80 1.06
N GLU A 80 3.06 5.38 2.24
CA GLU A 80 3.00 6.14 3.48
C GLU A 80 3.94 5.53 4.50
N LYS A 81 4.61 6.40 5.26
CA LYS A 81 5.47 5.98 6.34
C LYS A 81 4.62 5.86 7.61
N VAL A 82 5.09 5.06 8.57
CA VAL A 82 4.49 4.88 9.89
C VAL A 82 5.15 5.78 10.91
N ALA A 83 4.43 6.04 12.00
CA ALA A 83 4.85 6.68 13.24
C ALA A 83 5.12 8.19 13.12
N THR A 84 5.88 8.61 12.10
CA THR A 84 6.08 10.00 11.66
C THR A 84 6.76 10.87 12.76
N ARG A 85 7.19 12.09 12.44
CA ARG A 85 7.60 13.09 13.44
C ARG A 85 7.41 14.51 12.88
N GLY A 86 7.64 15.52 13.72
CA GLY A 86 7.56 16.93 13.37
C GLY A 86 6.13 17.39 13.44
N SER A 87 5.42 17.29 12.31
CA SER A 87 4.18 18.01 12.06
C SER A 87 4.44 19.52 12.00
N GLY A 88 3.37 20.31 11.91
CA GLY A 88 3.39 21.76 11.77
C GLY A 88 2.42 22.38 12.75
N PRO A 89 2.86 22.92 13.90
CA PRO A 89 1.99 23.67 14.79
C PRO A 89 1.60 25.02 14.16
N SER A 90 0.57 25.65 14.71
CA SER A 90 -0.13 26.85 14.23
C SER A 90 -0.96 26.62 12.97
N SER A 91 -1.77 27.62 12.58
CA SER A 91 -2.67 27.60 11.44
C SER A 91 -3.06 29.04 11.08
N GLY A 92 -2.22 29.67 10.27
CA GLY A 92 -2.12 31.11 10.10
C GLY A 92 -0.66 31.39 10.35
N GLY A 1 0.43 -9.32 9.09
CA GLY A 1 -0.59 -10.23 9.63
C GLY A 1 -0.15 -11.69 9.52
N SER A 2 -1.12 -12.61 9.50
CA SER A 2 -1.04 -14.04 9.15
C SER A 2 -2.43 -14.66 9.24
N SER A 3 -3.35 -14.10 10.03
CA SER A 3 -4.78 -14.29 9.84
C SER A 3 -5.48 -12.95 10.01
N GLY A 4 -6.74 -12.91 9.60
CA GLY A 4 -7.55 -11.72 9.44
C GLY A 4 -8.86 -12.11 8.79
N SER A 5 -9.67 -11.13 8.40
CA SER A 5 -10.92 -11.35 7.68
C SER A 5 -10.69 -11.99 6.31
N SER A 6 -11.75 -12.49 5.67
CA SER A 6 -11.77 -12.60 4.22
C SER A 6 -11.96 -11.20 3.64
N GLY A 7 -11.47 -10.93 2.44
CA GLY A 7 -11.71 -9.69 1.72
C GLY A 7 -10.45 -9.09 1.14
N PHE A 8 -10.62 -8.06 0.31
CA PHE A 8 -9.55 -7.39 -0.41
C PHE A 8 -8.41 -6.97 0.51
N LYS A 9 -8.73 -6.27 1.60
CA LYS A 9 -7.72 -5.72 2.49
C LYS A 9 -7.01 -6.85 3.28
N ALA A 10 -7.52 -8.08 3.30
CA ALA A 10 -6.79 -9.23 3.81
C ALA A 10 -5.91 -9.80 2.69
N GLU A 11 -6.45 -10.06 1.51
CA GLU A 11 -5.69 -10.63 0.39
C GLU A 11 -4.48 -9.77 0.05
N LEU A 12 -4.70 -8.46 -0.05
CA LEU A 12 -3.68 -7.48 -0.39
C LEU A 12 -2.65 -7.36 0.73
N ASN A 13 -3.08 -7.52 1.99
CA ASN A 13 -2.22 -7.49 3.17
C ASN A 13 -1.28 -8.67 3.15
N GLU A 14 -1.81 -9.88 2.97
CA GLU A 14 -1.02 -11.10 2.79
C GLU A 14 0.00 -10.93 1.66
N PHE A 15 -0.46 -10.51 0.48
CA PHE A 15 0.36 -10.23 -0.70
C PHE A 15 1.50 -9.27 -0.34
N LEU A 16 1.17 -8.07 0.14
CA LEU A 16 2.14 -7.03 0.46
C LEU A 16 3.07 -7.46 1.59
N THR A 17 2.59 -8.20 2.58
CA THR A 17 3.41 -8.72 3.67
C THR A 17 4.61 -9.45 3.09
N ARG A 18 4.36 -10.31 2.10
CA ARG A 18 5.39 -11.16 1.52
C ARG A 18 6.27 -10.34 0.58
N GLU A 19 5.67 -9.46 -0.22
CA GLU A 19 6.35 -8.63 -1.20
C GLU A 19 7.21 -7.51 -0.58
N LEU A 20 7.00 -7.15 0.69
CA LEU A 20 7.68 -6.06 1.41
C LEU A 20 8.23 -6.51 2.78
N ALA A 21 8.48 -7.81 2.96
CA ALA A 21 8.97 -8.39 4.20
C ALA A 21 10.28 -7.74 4.67
N GLU A 22 11.29 -7.68 3.79
CA GLU A 22 12.59 -7.09 4.10
C GLU A 22 12.41 -5.59 4.35
N ASP A 23 11.50 -4.98 3.60
CA ASP A 23 11.33 -3.55 3.50
C ASP A 23 10.83 -2.97 4.82
N GLY A 24 9.92 -3.65 5.54
CA GLY A 24 9.37 -3.15 6.80
C GLY A 24 7.88 -2.90 6.78
N TYR A 25 7.11 -3.77 6.10
CA TYR A 25 5.67 -3.66 5.97
C TYR A 25 4.95 -3.71 7.33
N SER A 26 3.67 -3.34 7.35
CA SER A 26 2.86 -3.26 8.55
C SER A 26 1.35 -3.31 8.29
N GLY A 27 0.89 -2.80 7.15
CA GLY A 27 -0.51 -2.86 6.76
C GLY A 27 -0.75 -2.00 5.55
N VAL A 28 -2.01 -1.82 5.18
CA VAL A 28 -2.38 -1.10 3.98
C VAL A 28 -3.76 -0.52 4.23
N GLU A 29 -3.95 0.72 3.82
CA GLU A 29 -5.27 1.34 3.78
C GLU A 29 -5.74 1.34 2.32
N VAL A 30 -7.06 1.45 2.16
CA VAL A 30 -7.73 1.42 0.88
C VAL A 30 -8.85 2.44 0.92
N ARG A 31 -8.78 3.45 0.06
CA ARG A 31 -9.88 4.40 -0.14
C ARG A 31 -10.41 4.08 -1.53
N VAL A 32 -11.69 3.75 -1.66
CA VAL A 32 -12.35 3.83 -2.94
C VAL A 32 -12.97 5.22 -3.00
N THR A 33 -12.74 5.92 -4.11
CA THR A 33 -13.26 7.25 -4.33
C THR A 33 -14.12 7.19 -5.60
N PRO A 34 -14.94 8.22 -5.89
CA PRO A 34 -15.69 8.26 -7.14
C PRO A 34 -14.77 8.42 -8.35
N THR A 35 -13.50 8.76 -8.14
CA THR A 35 -12.51 9.01 -9.17
C THR A 35 -11.69 7.73 -9.45
N ARG A 36 -11.13 7.05 -8.43
CA ARG A 36 -10.50 5.72 -8.56
C ARG A 36 -10.36 5.03 -7.21
N THR A 37 -9.93 3.77 -7.17
CA THR A 37 -9.41 3.19 -5.93
C THR A 37 -8.02 3.78 -5.67
N GLU A 38 -7.63 3.84 -4.40
CA GLU A 38 -6.35 4.30 -3.90
C GLU A 38 -5.95 3.27 -2.86
N ILE A 39 -4.66 2.92 -2.85
CA ILE A 39 -4.08 1.89 -2.01
C ILE A 39 -2.89 2.55 -1.34
N ILE A 40 -2.83 2.56 -0.02
CA ILE A 40 -1.82 3.30 0.73
C ILE A 40 -1.10 2.29 1.62
N ILE A 41 0.07 1.81 1.18
CA ILE A 41 0.91 0.89 1.93
C ILE A 41 1.46 1.63 3.14
N LEU A 42 1.28 1.06 4.34
CA LEU A 42 1.88 1.51 5.58
C LEU A 42 3.12 0.66 5.83
N ALA A 43 4.31 1.27 5.71
CA ALA A 43 5.59 0.60 6.00
C ALA A 43 6.61 1.65 6.45
N THR A 44 7.79 1.26 6.96
CA THR A 44 8.72 2.26 7.49
C THR A 44 9.48 3.00 6.38
N ARG A 45 10.04 2.25 5.44
CA ARG A 45 11.04 2.70 4.47
C ARG A 45 10.33 3.08 3.18
N THR A 46 9.58 4.19 3.19
CA THR A 46 8.79 4.60 2.04
C THR A 46 9.61 4.68 0.75
N GLN A 47 10.89 5.08 0.82
CA GLN A 47 11.78 5.07 -0.33
C GLN A 47 12.00 3.67 -0.88
N ASN A 48 12.27 2.70 -0.01
CA ASN A 48 12.57 1.34 -0.40
C ASN A 48 11.35 0.73 -1.10
N VAL A 49 10.16 0.98 -0.52
CA VAL A 49 8.86 0.54 -1.00
C VAL A 49 8.61 1.13 -2.40
N LEU A 50 8.75 2.46 -2.54
CA LEU A 50 8.60 3.12 -3.83
C LEU A 50 9.57 2.54 -4.85
N GLY A 51 10.74 2.12 -4.40
CA GLY A 51 11.83 1.69 -5.23
C GLY A 51 12.52 2.91 -5.83
N GLU A 52 13.56 2.63 -6.61
CA GLU A 52 14.34 3.61 -7.34
C GLU A 52 13.45 4.46 -8.23
N LYS A 53 13.22 5.73 -7.84
CA LYS A 53 12.41 6.67 -8.60
C LYS A 53 11.04 6.07 -8.99
N GLY A 54 10.36 5.49 -8.01
CA GLY A 54 9.05 4.88 -8.19
C GLY A 54 9.16 3.69 -9.14
N ARG A 55 9.99 2.70 -8.80
CA ARG A 55 10.18 1.48 -9.57
C ARG A 55 9.26 0.37 -9.06
N ARG A 56 9.49 -0.14 -7.86
CA ARG A 56 8.71 -1.26 -7.32
C ARG A 56 7.23 -0.90 -7.18
N ILE A 57 6.90 0.32 -6.79
CA ILE A 57 5.50 0.76 -6.70
C ILE A 57 4.78 0.57 -8.05
N ARG A 58 5.41 0.93 -9.17
CA ARG A 58 4.85 0.76 -10.49
C ARG A 58 4.83 -0.72 -10.90
N GLU A 59 5.86 -1.48 -10.52
CA GLU A 59 5.93 -2.91 -10.81
C GLU A 59 4.71 -3.57 -10.19
N LEU A 60 4.56 -3.39 -8.87
CA LEU A 60 3.52 -3.99 -8.08
C LEU A 60 2.16 -3.41 -8.43
N THR A 61 2.06 -2.19 -9.00
CA THR A 61 0.81 -1.74 -9.60
C THR A 61 0.40 -2.72 -10.69
N ALA A 62 1.23 -2.97 -11.70
CA ALA A 62 0.89 -3.87 -12.79
C ALA A 62 0.70 -5.32 -12.32
N VAL A 63 1.35 -5.73 -11.22
CA VAL A 63 1.05 -7.00 -10.58
C VAL A 63 -0.38 -6.93 -10.04
N VAL A 64 -0.66 -6.04 -9.09
CA VAL A 64 -1.94 -5.89 -8.40
C VAL A 64 -3.08 -5.74 -9.39
N GLN A 65 -2.90 -4.94 -10.44
CA GLN A 65 -3.89 -4.73 -11.49
C GLN A 65 -4.34 -6.06 -12.09
N LYS A 66 -3.41 -6.97 -12.39
CA LYS A 66 -3.72 -8.31 -12.82
C LYS A 66 -4.26 -9.13 -11.64
N ARG A 67 -3.50 -9.24 -10.54
CA ARG A 67 -3.79 -10.09 -9.37
C ARG A 67 -5.22 -9.91 -8.88
N PHE A 68 -5.67 -8.67 -8.75
CA PHE A 68 -6.95 -8.30 -8.17
C PHE A 68 -7.97 -7.94 -9.25
N GLY A 69 -7.54 -7.87 -10.52
CA GLY A 69 -8.40 -7.54 -11.64
C GLY A 69 -8.95 -6.13 -11.53
N PHE A 70 -8.10 -5.17 -11.17
CA PHE A 70 -8.52 -3.78 -11.14
C PHE A 70 -8.75 -3.28 -12.58
N PRO A 71 -9.79 -2.46 -12.80
CA PRO A 71 -9.85 -1.63 -14.00
C PRO A 71 -8.61 -0.74 -14.03
N GLU A 72 -7.90 -0.76 -15.16
CA GLU A 72 -6.64 -0.07 -15.38
C GLU A 72 -6.83 1.45 -15.36
N GLY A 73 -6.48 2.04 -14.21
CA GLY A 73 -6.59 3.47 -13.93
C GLY A 73 -7.70 3.77 -12.92
N SER A 74 -8.54 2.79 -12.58
CA SER A 74 -9.39 2.81 -11.40
C SER A 74 -8.63 2.31 -10.16
N VAL A 75 -7.30 2.35 -10.15
CA VAL A 75 -6.46 2.03 -9.00
C VAL A 75 -5.23 2.94 -9.02
N GLU A 76 -4.64 3.18 -7.84
CA GLU A 76 -3.41 3.93 -7.62
C GLU A 76 -2.74 3.32 -6.38
N LEU A 77 -1.41 3.38 -6.30
CA LEU A 77 -0.61 2.84 -5.20
C LEU A 77 0.25 3.96 -4.60
N TYR A 78 0.21 4.11 -3.28
CA TYR A 78 0.92 5.08 -2.48
C TYR A 78 1.72 4.35 -1.39
N ALA A 79 2.71 5.03 -0.81
CA ALA A 79 3.54 4.52 0.26
C ALA A 79 3.63 5.57 1.36
N GLU A 80 2.98 5.32 2.50
CA GLU A 80 2.97 6.18 3.68
C GLU A 80 3.89 5.58 4.71
N LYS A 81 4.35 6.42 5.63
CA LYS A 81 5.16 5.96 6.74
C LYS A 81 4.27 5.43 7.84
N VAL A 82 4.81 4.49 8.61
CA VAL A 82 4.30 4.16 9.93
C VAL A 82 4.85 5.17 10.96
N ALA A 83 4.44 5.04 12.21
CA ALA A 83 4.71 5.83 13.42
C ALA A 83 3.41 5.95 14.22
N THR A 84 3.52 6.59 15.39
CA THR A 84 2.40 7.02 16.22
C THR A 84 1.49 5.84 16.63
N ARG A 85 0.17 6.01 16.81
CA ARG A 85 -0.83 4.93 16.69
C ARG A 85 -2.24 5.51 16.51
N GLY A 86 -2.73 6.29 17.48
CA GLY A 86 -4.08 6.84 17.50
C GLY A 86 -4.06 8.29 17.03
N SER A 87 -4.04 9.24 17.97
CA SER A 87 -3.54 10.60 17.76
C SER A 87 -2.64 10.93 18.96
N GLY A 88 -3.10 11.73 19.91
CA GLY A 88 -2.27 12.44 20.88
C GLY A 88 -2.72 13.91 20.86
N PRO A 89 -2.24 14.75 21.79
CA PRO A 89 -2.61 16.16 21.82
C PRO A 89 -1.95 16.95 20.69
N SER A 90 -2.58 18.04 20.25
CA SER A 90 -1.92 19.10 19.47
C SER A 90 -1.54 20.30 20.35
N SER A 91 -2.04 20.39 21.58
CA SER A 91 -1.58 21.33 22.61
C SER A 91 -1.90 20.73 23.98
N GLY A 92 -1.28 21.28 25.02
CA GLY A 92 -1.42 20.94 26.42
C GLY A 92 -0.57 21.93 27.20
N GLY A 1 -11.58 -11.32 19.86
CA GLY A 1 -12.48 -10.50 19.03
C GLY A 1 -12.78 -11.19 17.72
N SER A 2 -13.64 -10.61 16.88
CA SER A 2 -14.08 -11.22 15.63
C SER A 2 -14.36 -10.11 14.61
N SER A 3 -13.36 -9.76 13.80
CA SER A 3 -13.56 -8.91 12.63
C SER A 3 -12.52 -9.36 11.60
N GLY A 4 -12.83 -10.42 10.85
CA GLY A 4 -11.88 -11.00 9.91
C GLY A 4 -12.35 -12.34 9.40
N SER A 5 -12.90 -12.35 8.19
CA SER A 5 -12.57 -13.36 7.21
C SER A 5 -12.13 -12.63 5.94
N SER A 6 -13.00 -12.47 4.96
CA SER A 6 -12.62 -12.12 3.60
C SER A 6 -13.03 -10.68 3.29
N GLY A 7 -12.32 -10.07 2.34
CA GLY A 7 -12.50 -8.70 1.90
C GLY A 7 -11.17 -8.20 1.33
N PHE A 8 -11.21 -7.24 0.42
CA PHE A 8 -10.06 -6.84 -0.39
C PHE A 8 -8.80 -6.58 0.43
N LYS A 9 -8.89 -5.79 1.50
CA LYS A 9 -7.72 -5.38 2.28
C LYS A 9 -7.01 -6.60 2.84
N ALA A 10 -7.71 -7.69 3.17
CA ALA A 10 -7.08 -8.89 3.70
C ALA A 10 -6.12 -9.49 2.69
N GLU A 11 -6.62 -9.85 1.50
CA GLU A 11 -5.79 -10.47 0.47
C GLU A 11 -4.61 -9.58 0.14
N LEU A 12 -4.87 -8.28 -0.03
CA LEU A 12 -3.84 -7.34 -0.41
C LEU A 12 -2.81 -7.19 0.70
N ASN A 13 -3.22 -7.18 1.97
CA ASN A 13 -2.31 -7.16 3.12
C ASN A 13 -1.44 -8.39 3.10
N GLU A 14 -2.04 -9.58 3.01
CA GLU A 14 -1.29 -10.83 3.03
C GLU A 14 -0.38 -10.95 1.78
N PHE A 15 -0.77 -10.37 0.65
CA PHE A 15 0.02 -10.27 -0.58
C PHE A 15 1.26 -9.39 -0.34
N LEU A 16 1.06 -8.18 0.18
CA LEU A 16 2.11 -7.21 0.44
C LEU A 16 3.02 -7.65 1.58
N THR A 17 2.50 -8.36 2.58
CA THR A 17 3.27 -8.90 3.70
C THR A 17 4.46 -9.66 3.13
N ARG A 18 4.22 -10.55 2.18
CA ARG A 18 5.23 -11.28 1.46
C ARG A 18 6.13 -10.32 0.69
N GLU A 19 5.57 -9.49 -0.19
CA GLU A 19 6.35 -8.72 -1.17
C GLU A 19 7.20 -7.60 -0.57
N LEU A 20 6.98 -7.22 0.69
CA LEU A 20 7.65 -6.08 1.34
C LEU A 20 8.13 -6.44 2.75
N ALA A 21 8.27 -7.72 3.08
CA ALA A 21 8.75 -8.18 4.38
C ALA A 21 10.08 -7.53 4.73
N GLU A 22 11.08 -7.72 3.86
CA GLU A 22 12.43 -7.24 4.05
C GLU A 22 12.47 -5.71 4.01
N ASP A 23 11.53 -5.10 3.29
CA ASP A 23 11.35 -3.66 3.17
C ASP A 23 10.83 -3.03 4.47
N GLY A 24 10.31 -3.82 5.40
CA GLY A 24 9.74 -3.26 6.62
C GLY A 24 8.27 -2.89 6.45
N TYR A 25 7.47 -3.74 5.80
CA TYR A 25 6.01 -3.65 5.79
C TYR A 25 5.44 -3.61 7.21
N SER A 26 4.15 -3.28 7.32
CA SER A 26 3.42 -3.22 8.56
C SER A 26 1.92 -3.45 8.33
N GLY A 27 1.35 -2.82 7.30
CA GLY A 27 -0.07 -2.92 7.00
C GLY A 27 -0.40 -2.13 5.74
N VAL A 28 -1.68 -1.89 5.50
CA VAL A 28 -2.16 -1.24 4.30
C VAL A 28 -3.44 -0.47 4.66
N GLU A 29 -3.80 0.51 3.83
CA GLU A 29 -5.14 1.04 3.73
C GLU A 29 -5.58 1.03 2.26
N VAL A 30 -6.88 1.18 2.08
CA VAL A 30 -7.58 1.33 0.82
C VAL A 30 -8.73 2.31 1.02
N ARG A 31 -9.05 3.06 -0.03
CA ARG A 31 -10.29 3.81 -0.15
C ARG A 31 -11.00 3.35 -1.40
N VAL A 32 -12.28 3.03 -1.25
CA VAL A 32 -13.24 3.07 -2.34
C VAL A 32 -13.60 4.55 -2.44
N THR A 33 -13.28 5.18 -3.58
CA THR A 33 -13.85 6.48 -3.92
C THR A 33 -14.60 6.33 -5.25
N PRO A 34 -15.45 7.30 -5.62
CA PRO A 34 -16.04 7.34 -6.94
C PRO A 34 -15.03 7.72 -8.02
N THR A 35 -13.85 8.21 -7.65
CA THR A 35 -12.92 8.86 -8.57
C THR A 35 -11.88 7.84 -9.05
N ARG A 36 -11.28 7.07 -8.13
CA ARG A 36 -10.52 5.85 -8.39
C ARG A 36 -10.41 5.07 -7.09
N THR A 37 -9.93 3.82 -7.17
CA THR A 37 -9.43 3.14 -6.00
C THR A 37 -8.08 3.77 -5.64
N GLU A 38 -7.80 3.84 -4.33
CA GLU A 38 -6.50 4.23 -3.78
C GLU A 38 -6.06 3.08 -2.89
N ILE A 39 -4.77 2.77 -2.93
CA ILE A 39 -4.13 1.68 -2.23
C ILE A 39 -2.88 2.29 -1.57
N ILE A 40 -2.76 2.24 -0.25
CA ILE A 40 -1.67 2.90 0.47
C ILE A 40 -0.97 1.85 1.31
N ILE A 41 0.28 1.52 0.96
CA ILE A 41 1.11 0.65 1.77
C ILE A 41 1.50 1.43 3.03
N LEU A 42 1.36 0.81 4.21
CA LEU A 42 1.96 1.24 5.46
C LEU A 42 3.23 0.41 5.62
N ALA A 43 4.39 1.02 5.39
CA ALA A 43 5.70 0.41 5.67
C ALA A 43 6.55 1.44 6.38
N THR A 44 7.65 0.99 6.95
CA THR A 44 8.53 1.85 7.71
C THR A 44 9.29 2.83 6.80
N ARG A 45 9.68 2.41 5.58
CA ARG A 45 10.70 3.12 4.80
C ARG A 45 10.17 3.42 3.39
N THR A 46 9.28 4.40 3.27
CA THR A 46 8.52 4.63 2.04
C THR A 46 9.40 4.71 0.78
N GLN A 47 10.56 5.36 0.86
CA GLN A 47 11.50 5.45 -0.26
C GLN A 47 11.98 4.09 -0.80
N ASN A 48 12.13 3.09 0.07
CA ASN A 48 12.54 1.74 -0.34
C ASN A 48 11.34 1.02 -0.95
N VAL A 49 10.13 1.21 -0.41
CA VAL A 49 8.91 0.63 -0.97
C VAL A 49 8.62 1.24 -2.34
N LEU A 50 8.88 2.53 -2.54
CA LEU A 50 8.79 3.13 -3.86
C LEU A 50 9.84 2.50 -4.76
N GLY A 51 11.06 2.28 -4.25
CA GLY A 51 12.19 1.83 -5.03
C GLY A 51 12.73 2.99 -5.87
N GLU A 52 13.78 2.72 -6.63
CA GLU A 52 14.47 3.72 -7.44
C GLU A 52 13.49 4.43 -8.35
N LYS A 53 13.30 5.75 -8.16
CA LYS A 53 12.39 6.60 -8.94
C LYS A 53 10.98 6.01 -9.01
N GLY A 54 10.55 5.30 -7.96
CA GLY A 54 9.26 4.65 -7.92
C GLY A 54 9.24 3.33 -8.70
N ARG A 55 10.34 2.58 -8.75
CA ARG A 55 10.41 1.26 -9.41
C ARG A 55 9.41 0.27 -8.86
N ARG A 56 9.59 -0.11 -7.58
CA ARG A 56 8.89 -1.24 -6.99
C ARG A 56 7.39 -0.98 -7.05
N ILE A 57 6.99 0.25 -6.74
CA ILE A 57 5.59 0.63 -6.81
C ILE A 57 5.04 0.46 -8.23
N ARG A 58 5.78 0.84 -9.28
CA ARG A 58 5.33 0.69 -10.68
C ARG A 58 5.14 -0.77 -11.05
N GLU A 59 6.13 -1.60 -10.70
CA GLU A 59 6.09 -3.05 -10.91
C GLU A 59 4.85 -3.58 -10.21
N LEU A 60 4.75 -3.40 -8.89
CA LEU A 60 3.69 -3.98 -8.10
C LEU A 60 2.32 -3.40 -8.45
N THR A 61 2.22 -2.19 -8.99
CA THR A 61 0.98 -1.67 -9.56
C THR A 61 0.50 -2.63 -10.64
N ALA A 62 1.35 -2.98 -11.60
CA ALA A 62 1.00 -3.91 -12.68
C ALA A 62 0.74 -5.31 -12.14
N VAL A 63 1.46 -5.77 -11.11
CA VAL A 63 1.17 -7.06 -10.49
C VAL A 63 -0.26 -7.02 -9.95
N VAL A 64 -0.56 -6.10 -9.02
CA VAL A 64 -1.83 -5.89 -8.35
C VAL A 64 -2.96 -5.73 -9.37
N GLN A 65 -2.75 -4.95 -10.42
CA GLN A 65 -3.75 -4.69 -11.45
C GLN A 65 -4.25 -6.02 -12.06
N LYS A 66 -3.35 -6.96 -12.39
CA LYS A 66 -3.81 -8.32 -12.76
C LYS A 66 -4.35 -9.08 -11.55
N ARG A 67 -3.60 -9.12 -10.44
CA ARG A 67 -3.89 -9.94 -9.25
C ARG A 67 -5.28 -9.67 -8.68
N PHE A 68 -5.83 -8.47 -8.85
CA PHE A 68 -7.10 -8.03 -8.29
C PHE A 68 -8.06 -7.49 -9.36
N GLY A 69 -7.68 -7.56 -10.65
CA GLY A 69 -8.56 -7.26 -11.77
C GLY A 69 -8.86 -5.77 -11.97
N PHE A 70 -8.04 -4.88 -11.40
CA PHE A 70 -8.33 -3.45 -11.39
C PHE A 70 -8.20 -2.81 -12.78
N PRO A 71 -9.09 -1.86 -13.12
CA PRO A 71 -8.89 -0.95 -14.24
C PRO A 71 -7.73 0.01 -13.96
N GLU A 72 -6.72 0.00 -14.82
CA GLU A 72 -5.61 0.95 -14.84
C GLU A 72 -6.14 2.39 -14.97
N GLY A 73 -5.45 3.36 -14.35
CA GLY A 73 -5.88 4.77 -14.28
C GLY A 73 -6.97 4.99 -13.22
N SER A 74 -7.69 3.92 -12.87
CA SER A 74 -8.76 3.87 -11.87
C SER A 74 -8.31 3.08 -10.63
N VAL A 75 -7.03 2.75 -10.51
CA VAL A 75 -6.37 2.33 -9.29
C VAL A 75 -5.07 3.14 -9.18
N GLU A 76 -4.71 3.61 -7.98
CA GLU A 76 -3.37 4.15 -7.70
C GLU A 76 -2.82 3.47 -6.46
N LEU A 77 -1.49 3.46 -6.38
CA LEU A 77 -0.73 2.92 -5.26
C LEU A 77 0.10 4.07 -4.68
N TYR A 78 0.18 4.16 -3.35
CA TYR A 78 0.91 5.18 -2.61
C TYR A 78 1.75 4.51 -1.50
N ALA A 79 2.67 5.27 -0.87
CA ALA A 79 3.57 4.79 0.17
C ALA A 79 3.53 5.75 1.37
N GLU A 80 2.93 5.31 2.48
CA GLU A 80 2.92 6.04 3.74
C GLU A 80 3.85 5.41 4.75
N LYS A 81 4.44 6.25 5.61
CA LYS A 81 5.25 5.79 6.70
C LYS A 81 4.34 5.39 7.85
N VAL A 82 4.82 4.45 8.64
CA VAL A 82 4.18 4.06 9.89
C VAL A 82 4.36 5.20 10.89
N ALA A 83 3.49 5.25 11.88
CA ALA A 83 3.59 6.09 13.06
C ALA A 83 2.76 5.42 14.15
N THR A 84 3.35 4.94 15.23
CA THR A 84 2.62 4.47 16.39
C THR A 84 2.14 5.72 17.16
N ARG A 85 3.00 6.25 18.03
CA ARG A 85 2.72 7.31 18.97
C ARG A 85 3.99 8.14 19.05
N GLY A 86 4.22 9.03 18.09
CA GLY A 86 5.48 9.72 18.01
C GLY A 86 5.33 10.89 17.07
N SER A 87 5.41 12.11 17.63
CA SER A 87 5.05 13.36 16.99
C SER A 87 3.56 13.41 16.56
N GLY A 88 3.17 14.57 16.06
CA GLY A 88 1.89 14.85 15.46
C GLY A 88 1.75 16.37 15.38
N PRO A 89 1.04 16.91 14.37
CA PRO A 89 0.85 18.34 14.28
C PRO A 89 0.02 18.84 15.45
N SER A 90 0.39 20.03 15.94
CA SER A 90 -0.33 20.73 17.00
C SER A 90 -0.32 22.25 16.79
N SER A 91 0.52 22.78 15.89
CA SER A 91 0.39 24.12 15.36
C SER A 91 0.60 24.07 13.85
N GLY A 92 -0.50 24.10 13.10
CA GLY A 92 -0.52 23.97 11.66
C GLY A 92 -1.96 24.15 11.21
N GLY A 1 -2.82 -6.56 12.32
CA GLY A 1 -3.19 -7.34 11.13
C GLY A 1 -4.68 -7.59 11.10
N SER A 2 -5.10 -8.81 10.77
CA SER A 2 -6.46 -9.28 10.67
C SER A 2 -6.42 -10.80 10.52
N SER A 3 -7.54 -11.48 10.75
CA SER A 3 -7.57 -12.94 10.84
C SER A 3 -7.36 -13.63 9.48
N GLY A 4 -7.67 -12.94 8.38
CA GLY A 4 -7.91 -13.55 7.07
C GLY A 4 -9.40 -13.41 6.74
N SER A 5 -9.84 -14.18 5.74
CA SER A 5 -11.22 -14.44 5.37
C SER A 5 -11.95 -13.27 4.70
N SER A 6 -12.17 -13.42 3.38
CA SER A 6 -13.11 -12.68 2.54
C SER A 6 -12.99 -11.16 2.72
N GLY A 7 -11.99 -10.58 2.09
CA GLY A 7 -11.88 -9.14 1.93
C GLY A 7 -10.77 -8.81 0.97
N PHE A 8 -10.89 -7.68 0.28
CA PHE A 8 -9.79 -7.13 -0.51
C PHE A 8 -8.63 -6.81 0.42
N LYS A 9 -8.90 -6.10 1.53
CA LYS A 9 -7.89 -5.77 2.51
C LYS A 9 -7.28 -6.98 3.21
N ALA A 10 -7.84 -8.20 3.09
CA ALA A 10 -7.13 -9.41 3.50
C ALA A 10 -6.10 -9.76 2.43
N GLU A 11 -6.58 -10.09 1.23
CA GLU A 11 -5.78 -10.56 0.11
C GLU A 11 -4.60 -9.64 -0.17
N LEU A 12 -4.86 -8.33 -0.16
CA LEU A 12 -3.85 -7.33 -0.47
C LEU A 12 -2.83 -7.23 0.66
N ASN A 13 -3.28 -7.29 1.91
CA ASN A 13 -2.41 -7.20 3.09
C ASN A 13 -1.47 -8.39 3.10
N GLU A 14 -2.01 -9.60 2.91
CA GLU A 14 -1.20 -10.80 2.74
C GLU A 14 -0.21 -10.69 1.57
N PHE A 15 -0.64 -10.25 0.39
CA PHE A 15 0.23 -10.05 -0.77
C PHE A 15 1.41 -9.15 -0.41
N LEU A 16 1.11 -7.94 0.09
CA LEU A 16 2.10 -6.93 0.44
C LEU A 16 3.03 -7.41 1.55
N THR A 17 2.52 -8.18 2.53
CA THR A 17 3.29 -8.71 3.64
C THR A 17 4.50 -9.50 3.12
N ARG A 18 4.28 -10.38 2.15
CA ARG A 18 5.33 -11.14 1.48
C ARG A 18 6.22 -10.18 0.67
N GLU A 19 5.62 -9.44 -0.25
CA GLU A 19 6.36 -8.64 -1.23
C GLU A 19 7.31 -7.61 -0.59
N LEU A 20 6.99 -7.14 0.62
CA LEU A 20 7.69 -6.07 1.33
C LEU A 20 8.25 -6.55 2.68
N ALA A 21 8.36 -7.87 2.88
CA ALA A 21 8.78 -8.48 4.14
C ALA A 21 10.08 -7.88 4.71
N GLU A 22 11.04 -7.53 3.86
CA GLU A 22 12.33 -6.98 4.29
C GLU A 22 12.31 -5.47 4.41
N ASP A 23 11.38 -4.78 3.75
CA ASP A 23 11.25 -3.33 3.76
C ASP A 23 10.82 -2.82 5.12
N GLY A 24 10.12 -3.65 5.90
CA GLY A 24 9.48 -3.18 7.10
C GLY A 24 8.05 -2.75 6.79
N TYR A 25 7.28 -3.59 6.11
CA TYR A 25 5.84 -3.48 5.96
C TYR A 25 5.16 -3.45 7.34
N SER A 26 3.88 -3.10 7.36
CA SER A 26 3.07 -3.09 8.55
C SER A 26 1.59 -3.29 8.19
N GLY A 27 1.09 -2.64 7.14
CA GLY A 27 -0.29 -2.77 6.75
C GLY A 27 -0.57 -1.93 5.51
N VAL A 28 -1.84 -1.72 5.21
CA VAL A 28 -2.25 -0.97 4.04
C VAL A 28 -3.57 -0.29 4.39
N GLU A 29 -3.91 0.78 3.68
CA GLU A 29 -5.15 1.52 3.80
C GLU A 29 -5.80 1.59 2.42
N VAL A 30 -7.11 1.41 2.41
CA VAL A 30 -7.94 1.27 1.23
C VAL A 30 -9.14 2.22 1.36
N ARG A 31 -9.19 3.18 0.44
CA ARG A 31 -10.24 4.18 0.28
C ARG A 31 -10.89 3.85 -1.05
N VAL A 32 -12.20 3.60 -1.01
CA VAL A 32 -13.01 3.22 -2.15
C VAL A 32 -13.85 4.45 -2.44
N THR A 33 -13.60 5.11 -3.57
CA THR A 33 -14.24 6.38 -3.90
C THR A 33 -15.01 6.21 -5.21
N PRO A 34 -15.89 7.16 -5.57
CA PRO A 34 -16.49 7.21 -6.90
C PRO A 34 -15.51 7.80 -7.94
N THR A 35 -14.20 7.76 -7.71
CA THR A 35 -13.22 8.50 -8.51
C THR A 35 -12.11 7.58 -9.02
N ARG A 36 -11.46 6.83 -8.13
CA ARG A 36 -10.67 5.63 -8.38
C ARG A 36 -10.51 4.89 -7.05
N THR A 37 -9.97 3.68 -7.05
CA THR A 37 -9.55 3.04 -5.82
C THR A 37 -8.11 3.47 -5.53
N GLU A 38 -7.84 3.77 -4.27
CA GLU A 38 -6.53 4.15 -3.76
C GLU A 38 -6.04 3.01 -2.88
N ILE A 39 -4.74 2.84 -2.79
CA ILE A 39 -4.08 1.83 -1.97
C ILE A 39 -2.89 2.56 -1.36
N ILE A 40 -2.75 2.61 -0.03
CA ILE A 40 -1.65 3.28 0.63
C ILE A 40 -0.97 2.26 1.53
N ILE A 41 0.23 1.83 1.13
CA ILE A 41 1.06 0.91 1.90
C ILE A 41 1.59 1.64 3.13
N LEU A 42 1.30 1.10 4.30
CA LEU A 42 1.88 1.51 5.58
C LEU A 42 3.16 0.71 5.76
N ALA A 43 4.32 1.36 5.69
CA ALA A 43 5.59 0.70 6.00
C ALA A 43 6.57 1.66 6.68
N THR A 44 7.66 1.15 7.23
CA THR A 44 8.65 1.98 7.90
C THR A 44 9.58 2.70 6.91
N ARG A 45 9.78 2.15 5.70
CA ARG A 45 10.87 2.55 4.80
C ARG A 45 10.31 2.85 3.41
N THR A 46 9.53 3.90 3.32
CA THR A 46 8.77 4.34 2.14
C THR A 46 9.61 4.34 0.87
N GLN A 47 10.82 4.87 0.89
CA GLN A 47 11.61 5.01 -0.31
C GLN A 47 12.09 3.66 -0.85
N ASN A 48 12.29 2.67 0.03
CA ASN A 48 12.65 1.33 -0.42
C ASN A 48 11.43 0.66 -1.07
N VAL A 49 10.25 0.81 -0.46
CA VAL A 49 8.98 0.30 -0.97
C VAL A 49 8.76 0.86 -2.38
N LEU A 50 8.94 2.17 -2.56
CA LEU A 50 8.82 2.82 -3.87
C LEU A 50 9.84 2.27 -4.86
N GLY A 51 11.06 2.00 -4.40
CA GLY A 51 12.18 1.58 -5.24
C GLY A 51 12.71 2.76 -6.04
N GLU A 52 13.83 2.52 -6.75
CA GLU A 52 14.57 3.55 -7.49
C GLU A 52 13.62 4.25 -8.46
N LYS A 53 13.41 5.56 -8.27
CA LYS A 53 12.47 6.37 -9.05
C LYS A 53 11.09 5.72 -9.18
N GLY A 54 10.59 5.11 -8.09
CA GLY A 54 9.26 4.53 -8.05
C GLY A 54 9.16 3.19 -8.77
N ARG A 55 10.29 2.55 -9.11
CA ARG A 55 10.32 1.26 -9.81
C ARG A 55 9.40 0.24 -9.19
N ARG A 56 9.61 -0.12 -7.92
CA ARG A 56 8.85 -1.19 -7.31
C ARG A 56 7.38 -0.82 -7.26
N ILE A 57 7.01 0.41 -6.89
CA ILE A 57 5.59 0.75 -6.87
C ILE A 57 4.98 0.61 -8.28
N ARG A 58 5.70 1.00 -9.34
CA ARG A 58 5.24 0.82 -10.71
C ARG A 58 5.08 -0.66 -11.09
N GLU A 59 6.08 -1.48 -10.78
CA GLU A 59 6.04 -2.91 -11.01
C GLU A 59 4.83 -3.49 -10.29
N LEU A 60 4.76 -3.31 -8.97
CA LEU A 60 3.76 -3.91 -8.13
C LEU A 60 2.37 -3.38 -8.46
N THR A 61 2.23 -2.16 -8.99
CA THR A 61 0.96 -1.70 -9.56
C THR A 61 0.53 -2.64 -10.67
N ALA A 62 1.41 -3.00 -11.61
CA ALA A 62 1.11 -3.96 -12.69
C ALA A 62 0.81 -5.36 -12.12
N VAL A 63 1.52 -5.80 -11.08
CA VAL A 63 1.24 -7.08 -10.44
C VAL A 63 -0.18 -7.04 -9.85
N VAL A 64 -0.45 -6.09 -8.95
CA VAL A 64 -1.74 -5.86 -8.32
C VAL A 64 -2.84 -5.74 -9.36
N GLN A 65 -2.61 -4.98 -10.43
CA GLN A 65 -3.58 -4.74 -11.46
C GLN A 65 -4.15 -6.05 -11.99
N LYS A 66 -3.28 -7.01 -12.34
CA LYS A 66 -3.74 -8.31 -12.81
C LYS A 66 -4.30 -9.11 -11.64
N ARG A 67 -3.59 -9.20 -10.52
CA ARG A 67 -3.98 -10.04 -9.38
C ARG A 67 -5.40 -9.74 -8.92
N PHE A 68 -5.77 -8.47 -8.89
CA PHE A 68 -7.03 -7.95 -8.38
C PHE A 68 -7.93 -7.46 -9.53
N GLY A 69 -7.55 -7.70 -10.79
CA GLY A 69 -8.35 -7.44 -11.98
C GLY A 69 -8.78 -5.98 -12.12
N PHE A 70 -7.96 -5.05 -11.67
CA PHE A 70 -8.31 -3.64 -11.56
C PHE A 70 -8.38 -2.95 -12.93
N PRO A 71 -9.22 -1.90 -13.08
CA PRO A 71 -9.14 -1.01 -14.23
C PRO A 71 -7.85 -0.19 -14.14
N GLU A 72 -6.99 -0.33 -15.14
CA GLU A 72 -5.86 0.56 -15.38
C GLU A 72 -6.37 2.00 -15.51
N GLY A 73 -5.67 2.94 -14.88
CA GLY A 73 -6.07 4.33 -14.72
C GLY A 73 -6.92 4.58 -13.48
N SER A 74 -7.48 3.53 -12.86
CA SER A 74 -8.43 3.65 -11.77
C SER A 74 -8.12 2.73 -10.59
N VAL A 75 -6.90 2.23 -10.52
CA VAL A 75 -6.27 1.86 -9.25
C VAL A 75 -5.02 2.74 -9.16
N GLU A 76 -4.72 3.25 -7.97
CA GLU A 76 -3.47 3.93 -7.68
C GLU A 76 -2.88 3.31 -6.43
N LEU A 77 -1.55 3.21 -6.37
CA LEU A 77 -0.81 2.77 -5.20
C LEU A 77 0.00 3.96 -4.72
N TYR A 78 0.08 4.12 -3.41
CA TYR A 78 0.86 5.10 -2.67
C TYR A 78 1.64 4.39 -1.56
N ALA A 79 2.59 5.09 -0.95
CA ALA A 79 3.45 4.56 0.11
C ALA A 79 3.57 5.62 1.20
N GLU A 80 3.14 5.29 2.42
CA GLU A 80 3.20 6.17 3.59
C GLU A 80 4.00 5.53 4.72
N LYS A 81 4.25 6.32 5.76
CA LYS A 81 5.24 6.00 6.77
C LYS A 81 4.64 5.75 8.13
N VAL A 82 5.05 4.66 8.74
CA VAL A 82 4.49 4.18 10.00
C VAL A 82 5.09 5.03 11.10
N ALA A 83 4.27 5.22 12.13
CA ALA A 83 4.49 6.06 13.29
C ALA A 83 4.33 7.54 12.92
N THR A 84 3.14 8.06 13.25
CA THR A 84 2.73 9.44 13.14
C THR A 84 3.59 10.29 14.06
N ARG A 85 4.32 11.26 13.53
CA ARG A 85 5.22 12.11 14.32
C ARG A 85 5.45 13.48 13.67
N GLY A 86 5.27 13.60 12.35
CA GLY A 86 5.44 14.85 11.62
C GLY A 86 6.77 15.52 11.94
N SER A 87 6.82 16.85 11.87
CA SER A 87 7.92 17.70 12.27
C SER A 87 7.35 19.01 12.82
N GLY A 88 8.20 19.97 13.21
CA GLY A 88 7.80 21.36 13.40
C GLY A 88 8.69 22.25 12.54
N PRO A 89 8.38 23.55 12.43
CA PRO A 89 9.22 24.53 11.76
C PRO A 89 10.37 24.97 12.68
N SER A 90 11.43 25.50 12.06
CA SER A 90 12.59 26.07 12.73
C SER A 90 13.35 27.06 11.84
N SER A 91 13.19 26.99 10.52
CA SER A 91 13.80 27.90 9.57
C SER A 91 12.96 27.87 8.30
N GLY A 92 12.03 28.82 8.16
CA GLY A 92 11.18 29.03 7.02
C GLY A 92 10.40 30.31 7.26
N GLY A 1 0.48 -13.69 13.18
CA GLY A 1 -0.69 -14.54 13.45
C GLY A 1 -1.59 -14.56 12.23
N SER A 2 -2.82 -14.06 12.36
CA SER A 2 -3.66 -13.70 11.22
C SER A 2 -4.77 -12.75 11.70
N SER A 3 -5.45 -12.10 10.76
CA SER A 3 -6.76 -11.50 10.94
C SER A 3 -7.36 -11.22 9.55
N GLY A 4 -8.58 -10.72 9.49
CA GLY A 4 -9.18 -10.18 8.29
C GLY A 4 -10.00 -8.93 8.62
N SER A 5 -10.24 -8.12 7.60
CA SER A 5 -11.03 -6.91 7.66
C SER A 5 -12.38 -7.15 6.98
N SER A 6 -12.37 -7.43 5.68
CA SER A 6 -13.58 -7.49 4.86
C SER A 6 -13.44 -8.56 3.77
N GLY A 7 -12.28 -8.62 3.10
CA GLY A 7 -11.99 -9.57 2.05
C GLY A 7 -10.78 -9.09 1.24
N PHE A 8 -10.94 -7.98 0.53
CA PHE A 8 -9.90 -7.39 -0.33
C PHE A 8 -8.68 -6.99 0.50
N LYS A 9 -8.89 -6.14 1.50
CA LYS A 9 -7.82 -5.54 2.29
C LYS A 9 -6.87 -6.61 2.85
N ALA A 10 -7.42 -7.76 3.26
CA ALA A 10 -6.65 -8.85 3.83
C ALA A 10 -5.79 -9.57 2.80
N GLU A 11 -6.34 -9.97 1.65
CA GLU A 11 -5.53 -10.57 0.58
C GLU A 11 -4.39 -9.63 0.19
N LEU A 12 -4.73 -8.36 0.00
CA LEU A 12 -3.78 -7.34 -0.41
C LEU A 12 -2.70 -7.17 0.66
N ASN A 13 -3.07 -7.21 1.94
CA ASN A 13 -2.15 -7.16 3.06
C ASN A 13 -1.22 -8.36 3.01
N GLU A 14 -1.73 -9.58 2.88
CA GLU A 14 -0.92 -10.80 2.80
C GLU A 14 0.03 -10.77 1.60
N PHE A 15 -0.44 -10.27 0.46
CA PHE A 15 0.36 -10.10 -0.74
C PHE A 15 1.55 -9.18 -0.43
N LEU A 16 1.27 -7.95 0.03
CA LEU A 16 2.28 -6.96 0.40
C LEU A 16 3.20 -7.44 1.52
N THR A 17 2.70 -8.14 2.55
CA THR A 17 3.51 -8.68 3.65
C THR A 17 4.67 -9.53 3.11
N ARG A 18 4.47 -10.18 1.97
CA ARG A 18 5.47 -11.02 1.32
C ARG A 18 6.28 -10.19 0.33
N GLU A 19 5.64 -9.38 -0.53
CA GLU A 19 6.34 -8.56 -1.51
C GLU A 19 7.30 -7.55 -0.85
N LEU A 20 6.94 -7.04 0.33
CA LEU A 20 7.64 -6.04 1.11
C LEU A 20 8.16 -6.65 2.42
N ALA A 21 8.35 -7.98 2.44
CA ALA A 21 8.82 -8.73 3.60
C ALA A 21 10.11 -8.11 4.13
N GLU A 22 11.14 -8.04 3.31
CA GLU A 22 12.44 -7.50 3.71
C GLU A 22 12.31 -6.05 4.19
N ASP A 23 11.48 -5.26 3.52
CA ASP A 23 11.44 -3.80 3.59
C ASP A 23 11.17 -3.31 5.01
N GLY A 24 10.22 -3.92 5.72
CA GLY A 24 9.65 -3.37 6.95
C GLY A 24 8.22 -2.91 6.75
N TYR A 25 7.37 -3.75 6.15
CA TYR A 25 5.96 -3.51 5.95
C TYR A 25 5.20 -3.44 7.29
N SER A 26 3.94 -3.02 7.29
CA SER A 26 3.15 -2.76 8.48
C SER A 26 1.63 -2.82 8.28
N GLY A 27 1.16 -2.57 7.07
CA GLY A 27 -0.25 -2.71 6.72
C GLY A 27 -0.60 -1.95 5.46
N VAL A 28 -1.87 -1.81 5.16
CA VAL A 28 -2.32 -1.11 3.97
C VAL A 28 -3.73 -0.63 4.25
N GLU A 29 -4.09 0.55 3.79
CA GLU A 29 -5.44 1.08 3.81
C GLU A 29 -6.04 1.01 2.40
N VAL A 30 -7.37 1.03 2.32
CA VAL A 30 -8.14 1.04 1.09
C VAL A 30 -9.13 2.20 1.17
N ARG A 31 -9.30 2.93 0.07
CA ARG A 31 -10.23 4.04 -0.02
C ARG A 31 -10.94 3.95 -1.36
N VAL A 32 -12.26 3.97 -1.34
CA VAL A 32 -13.11 3.92 -2.53
C VAL A 32 -13.66 5.33 -2.73
N THR A 33 -13.50 5.84 -3.94
CA THR A 33 -13.79 7.21 -4.34
C THR A 33 -14.83 7.24 -5.47
N PRO A 34 -15.28 8.43 -5.93
CA PRO A 34 -16.01 8.52 -7.18
C PRO A 34 -15.11 8.46 -8.43
N THR A 35 -13.78 8.34 -8.30
CA THR A 35 -12.85 8.46 -9.44
C THR A 35 -12.02 7.18 -9.66
N ARG A 36 -11.33 6.68 -8.63
CA ARG A 36 -10.53 5.45 -8.69
C ARG A 36 -10.43 4.80 -7.31
N THR A 37 -10.08 3.52 -7.25
CA THR A 37 -9.74 2.94 -5.96
C THR A 37 -8.37 3.51 -5.55
N GLU A 38 -8.14 3.68 -4.25
CA GLU A 38 -6.92 4.21 -3.66
C GLU A 38 -6.41 3.14 -2.67
N ILE A 39 -5.13 2.80 -2.74
CA ILE A 39 -4.46 1.79 -1.92
C ILE A 39 -3.30 2.51 -1.26
N ILE A 40 -3.22 2.53 0.07
CA ILE A 40 -2.22 3.29 0.79
C ILE A 40 -1.42 2.31 1.65
N ILE A 41 -0.26 1.88 1.16
CA ILE A 41 0.64 0.93 1.81
C ILE A 41 1.23 1.67 3.02
N LEU A 42 1.38 0.94 4.11
CA LEU A 42 1.98 1.35 5.38
C LEU A 42 3.24 0.51 5.59
N ALA A 43 4.41 1.15 5.72
CA ALA A 43 5.69 0.51 5.94
C ALA A 43 6.63 1.47 6.66
N THR A 44 7.79 0.99 7.14
CA THR A 44 8.73 1.83 7.87
C THR A 44 9.61 2.69 6.95
N ARG A 45 9.98 2.18 5.77
CA ARG A 45 11.03 2.72 4.90
C ARG A 45 10.44 2.95 3.51
N THR A 46 9.78 4.09 3.32
CA THR A 46 9.09 4.46 2.09
C THR A 46 9.97 4.29 0.85
N GLN A 47 11.22 4.74 0.92
CA GLN A 47 12.18 4.60 -0.17
C GLN A 47 12.38 3.15 -0.61
N ASN A 48 12.42 2.18 0.31
CA ASN A 48 12.60 0.78 -0.07
C ASN A 48 11.37 0.29 -0.83
N VAL A 49 10.17 0.63 -0.35
CA VAL A 49 8.92 0.25 -1.00
C VAL A 49 8.85 0.86 -2.40
N LEU A 50 9.25 2.13 -2.57
CA LEU A 50 9.19 2.76 -3.89
C LEU A 50 10.14 2.09 -4.88
N GLY A 51 11.27 1.55 -4.40
CA GLY A 51 12.35 1.09 -5.28
C GLY A 51 12.94 2.28 -6.05
N GLU A 52 13.85 1.98 -6.97
CA GLU A 52 14.63 2.98 -7.68
C GLU A 52 13.70 3.95 -8.42
N LYS A 53 13.65 5.21 -7.97
CA LYS A 53 12.80 6.29 -8.49
C LYS A 53 11.29 5.98 -8.51
N GLY A 54 10.83 4.83 -8.02
CA GLY A 54 9.46 4.37 -8.18
C GLY A 54 9.34 2.97 -8.83
N ARG A 55 10.45 2.32 -9.22
CA ARG A 55 10.46 0.99 -9.83
C ARG A 55 9.54 -0.02 -9.14
N ARG A 56 9.71 -0.27 -7.83
CA ARG A 56 8.95 -1.33 -7.16
C ARG A 56 7.48 -0.97 -7.10
N ILE A 57 7.11 0.27 -6.75
CA ILE A 57 5.70 0.64 -6.72
C ILE A 57 5.10 0.50 -8.13
N ARG A 58 5.87 0.78 -9.19
CA ARG A 58 5.45 0.66 -10.58
C ARG A 58 5.30 -0.79 -11.06
N GLU A 59 6.16 -1.70 -10.62
CA GLU A 59 5.98 -3.13 -10.86
C GLU A 59 4.74 -3.59 -10.08
N LEU A 60 4.70 -3.36 -8.76
CA LEU A 60 3.59 -3.78 -7.90
C LEU A 60 2.25 -3.26 -8.39
N THR A 61 2.19 -2.04 -8.93
CA THR A 61 1.00 -1.52 -9.59
C THR A 61 0.46 -2.53 -10.61
N ALA A 62 1.31 -3.01 -11.51
CA ALA A 62 0.94 -3.82 -12.64
C ALA A 62 0.58 -5.25 -12.21
N VAL A 63 1.38 -5.87 -11.33
CA VAL A 63 1.04 -7.19 -10.80
C VAL A 63 -0.30 -7.10 -10.07
N VAL A 64 -0.51 -6.12 -9.18
CA VAL A 64 -1.79 -5.90 -8.48
C VAL A 64 -2.94 -5.77 -9.49
N GLN A 65 -2.74 -4.96 -10.54
CA GLN A 65 -3.71 -4.71 -11.58
C GLN A 65 -4.27 -6.03 -12.12
N LYS A 66 -3.42 -7.03 -12.35
CA LYS A 66 -3.82 -8.34 -12.81
C LYS A 66 -4.29 -9.25 -11.66
N ARG A 67 -3.59 -9.21 -10.52
CA ARG A 67 -3.85 -10.11 -9.40
C ARG A 67 -5.24 -9.90 -8.82
N PHE A 68 -5.76 -8.68 -8.91
CA PHE A 68 -7.04 -8.31 -8.34
C PHE A 68 -8.04 -7.92 -9.44
N GLY A 69 -7.59 -7.79 -10.70
CA GLY A 69 -8.45 -7.45 -11.83
C GLY A 69 -8.97 -6.02 -11.68
N PHE A 70 -8.06 -5.06 -11.44
CA PHE A 70 -8.40 -3.66 -11.33
C PHE A 70 -8.60 -3.06 -12.72
N PRO A 71 -9.45 -2.04 -12.86
CA PRO A 71 -9.43 -1.18 -14.04
C PRO A 71 -8.10 -0.46 -14.13
N GLU A 72 -7.36 -0.68 -15.21
CA GLU A 72 -6.24 0.16 -15.60
C GLU A 72 -6.72 1.61 -15.64
N GLY A 73 -5.87 2.56 -15.28
CA GLY A 73 -6.20 3.97 -15.16
C GLY A 73 -7.10 4.32 -13.98
N SER A 74 -7.61 3.35 -13.21
CA SER A 74 -8.49 3.59 -12.06
C SER A 74 -8.08 2.75 -10.85
N VAL A 75 -6.77 2.63 -10.63
CA VAL A 75 -6.17 2.17 -9.39
C VAL A 75 -4.93 3.05 -9.20
N GLU A 76 -4.63 3.48 -7.98
CA GLU A 76 -3.39 4.18 -7.60
C GLU A 76 -2.81 3.50 -6.36
N LEU A 77 -1.49 3.32 -6.33
CA LEU A 77 -0.76 2.88 -5.13
C LEU A 77 -0.09 4.10 -4.50
N TYR A 78 -0.29 4.29 -3.19
CA TYR A 78 0.32 5.32 -2.39
C TYR A 78 1.20 4.69 -1.33
N ALA A 79 2.12 5.50 -0.80
CA ALA A 79 3.17 5.07 0.10
C ALA A 79 3.16 5.99 1.32
N GLU A 80 2.75 5.46 2.47
CA GLU A 80 2.79 6.14 3.78
C GLU A 80 3.96 5.57 4.57
N LYS A 81 4.46 6.36 5.53
CA LYS A 81 5.44 5.91 6.47
C LYS A 81 4.73 5.74 7.81
N VAL A 82 5.21 4.80 8.61
CA VAL A 82 4.61 4.46 9.89
C VAL A 82 5.42 5.13 10.99
N ALA A 83 4.73 5.53 12.04
CA ALA A 83 5.23 6.33 13.15
C ALA A 83 4.57 5.97 14.47
N THR A 84 3.25 5.80 14.45
CA THR A 84 2.36 5.47 15.56
C THR A 84 2.80 6.03 16.91
N ARG A 85 2.81 7.37 17.04
CA ARG A 85 3.33 8.08 18.22
C ARG A 85 4.79 7.69 18.48
N GLY A 86 5.69 8.34 17.76
CA GLY A 86 7.12 8.23 18.01
C GLY A 86 7.85 9.26 17.17
N SER A 87 7.77 10.53 17.55
CA SER A 87 8.61 11.57 16.98
C SER A 87 8.77 12.75 17.95
N GLY A 88 9.58 13.73 17.57
CA GLY A 88 9.88 14.92 18.34
C GLY A 88 10.06 16.10 17.38
N PRO A 89 8.96 16.70 16.88
CA PRO A 89 9.03 17.83 15.96
C PRO A 89 9.51 19.10 16.67
N SER A 90 9.81 20.14 15.91
CA SER A 90 10.17 21.46 16.40
C SER A 90 9.53 22.51 15.48
N SER A 91 9.59 23.78 15.91
CA SER A 91 9.22 24.95 15.15
C SER A 91 10.29 26.02 15.39
N GLY A 92 10.23 26.70 16.54
CA GLY A 92 10.69 28.07 16.68
C GLY A 92 9.51 28.98 16.35
#